data_5YVG
#
_entry.id   5YVG
#
_cell.length_a   108.219
_cell.length_b   145.015
_cell.length_c   108.681
_cell.angle_alpha   90.000
_cell.angle_beta   94.552
_cell.angle_gamma   90.000
#
_symmetry.space_group_name_H-M   'P 1 21 1'
#
loop_
_entity.id
_entity.type
_entity.pdbx_description
1 polymer Transportin-1
2 polymer 'RNA-binding protein FUS'
#
loop_
_entity_poly.entity_id
_entity_poly.type
_entity_poly.pdbx_seq_one_letter_code
_entity_poly.pdbx_strand_id
1 'polypeptide(L)'
;GSMEYEWKPDEQGLQQILQLLKESQSPDTTIQRTVQQKLEQLNQYPDFNNYLIFVLTKLKSEDEPTRSLSGLILKNNVKA
HFQNFPNGVTDFIKSECLNNIGDSSPLIRATVGILITTIASKGELQNWPDLLPKLCSLLDSEDYNTCEGAFGALQKICED
SAEILDSDVLDRPLNIMIPKFLQFFKHSSPKIRSHAVACVNQFIISRTQALMLHIDSFIENLFALAGDEEPEVRKNVCRA
LVMLLEVRMDRLLPHMHNIVEYMLQRTQDQDENVALEACEFWLTLAEQPICKDVLVRHLPKLIPVLVNGMKYSDIDIILL
KGDVEEDETIPDSEQDIRGGSGGSGDTISDWNLRKCSAAALDVLANVYRDELLPHILPLLKELLFHHEWVVKESGILVLG
AIAEGCMQGMIPYLPELIPHLIQCLSDKKALVRSITCWTLSRYAHWVVSQPPDTYLKPLMTELLKRILDSNKRVQEAACS
AFATLEEEACTELVPYLAYILDTLVFAFSKYQHKNLLILYDAIGTLADSVGHHLNKPEYIQMLMPPLIQKWNMLKDEDKD
LFPLLECLSSVATALQSGFLPYCEPVYQRCVNLVQKTLAQAMLNNAQPDQYEAPDKDFMIVALDLLSGLAEGLGGNIEQL
VARSNILTLMYQCMQDKMPEVRQSSFALLGDLTKACFQHVKPCIADFMPILGTNLNPEFISVCNNATWAIGEISIQMGIE
MQPYIPMVLHQLVEIINRPNTPKTLLENTAITIGRLGYVCPQEVAPMLQQFIRPWCTSLRNIRDNEEKDSAFRGICTMIS
VNPSGVIQDFIFFCDAVASWINPKDDLRDMFCKILHGFKNQVGDENWRRFSDQFPLPLKERLAAFYGV
;
A,B
2 'polypeptide(L)'
;GSMASNDYTQQATQSYGAYPTQPGQGYSQQSSQPYGQQSYSGYSQSTDTSGYGQSSYSSYGQSQNTGYGTQSTPQGYGST
GGYGSSQSSQSSYGQQSSYPGYGQQPAPSSTSGSYGSSSQSSSYGQPQSGSYSQQPSYGGQQQSYGQQQSYNPPQGYGQQ
NQYNSSSGGGGGGGGGGNYGQDQSSMSSGGGSGGGYGNQDQSGGGGSGGYGQQDRGGRGRGGSGGGGGGGGGGYNRSSGG
YEPRGRGGGRGGRGGMGGSDRGGFNKFGGPRDQGSRHDSEQDNSDNNTIFVQGLGENVTIESVADYFKQIGIIKTNKKTG
QPMINLYTDRETGKLKGEATVSFDDPPSAKAAIDWFDGKEFSGNPIKVSFATRRADFNRGGGNGRGGRGRGGPMGRGGYG
GGGSGGGGRGGFPSGGGGGGGQQRAGDWKCPNPTCENMNFSWRNECNQCKAPKPDGPGGGPGGSHMGGNYGDDRRGGRGG
YDRGGYRGRGGDRGGFRGGRGGGDRGGFGPGKMDSRGEHRQDRRERPY
;
X,Y
#
# COMPACT_ATOMS: atom_id res chain seq x y z
N GLY A 1 40.77 -47.09 -35.75
CA GLY A 1 39.54 -47.40 -36.47
C GLY A 1 38.31 -47.13 -35.64
N SER A 2 37.52 -48.18 -35.40
CA SER A 2 36.30 -48.09 -34.60
C SER A 2 35.40 -46.94 -35.08
N MET A 3 34.88 -46.18 -34.12
CA MET A 3 34.00 -45.05 -34.44
C MET A 3 34.65 -43.72 -34.07
N GLU A 4 34.26 -42.66 -34.77
CA GLU A 4 34.81 -41.34 -34.51
C GLU A 4 33.74 -40.26 -34.66
N TYR A 5 34.17 -39.01 -34.81
CA TYR A 5 33.26 -37.88 -34.96
C TYR A 5 34.09 -36.63 -35.08
N GLU A 6 33.47 -35.55 -35.55
CA GLU A 6 34.14 -34.26 -35.66
C GLU A 6 33.10 -33.20 -36.04
N TRP A 7 33.58 -31.98 -36.26
CA TRP A 7 32.77 -30.85 -36.68
C TRP A 7 33.57 -30.00 -37.65
N LYS A 8 32.88 -29.45 -38.66
CA LYS A 8 33.58 -28.64 -39.65
C LYS A 8 32.79 -27.37 -39.98
N PRO A 9 33.39 -26.20 -39.82
CA PRO A 9 32.75 -24.97 -40.30
C PRO A 9 33.07 -24.72 -41.75
N ASP A 10 32.84 -23.48 -42.21
CA ASP A 10 33.10 -23.10 -43.59
C ASP A 10 33.88 -21.79 -43.61
N GLU A 11 34.30 -21.41 -44.81
CA GLU A 11 35.04 -20.17 -45.08
C GLU A 11 34.15 -18.92 -44.99
N GLN A 12 32.90 -19.08 -44.57
CA GLN A 12 31.96 -17.98 -44.48
C GLN A 12 32.40 -16.96 -43.42
N GLY A 13 32.06 -17.22 -42.16
CA GLY A 13 32.33 -16.26 -41.09
C GLY A 13 33.76 -16.25 -40.58
N LEU A 14 34.51 -17.34 -40.82
CA LEU A 14 35.88 -17.42 -40.32
C LEU A 14 36.72 -16.22 -40.75
N GLN A 15 36.62 -15.82 -42.01
CA GLN A 15 37.35 -14.65 -42.48
C GLN A 15 36.87 -13.38 -41.79
N GLN A 16 35.55 -13.20 -41.69
CA GLN A 16 35.02 -12.01 -41.03
C GLN A 16 35.36 -12.00 -39.54
N ILE A 17 35.32 -13.18 -38.90
CA ILE A 17 35.65 -13.26 -37.48
C ILE A 17 37.13 -12.98 -37.28
N LEU A 18 37.97 -13.46 -38.19
CA LEU A 18 39.41 -13.26 -38.08
C LEU A 18 39.77 -11.79 -38.30
N GLN A 19 39.04 -11.12 -39.20
CA GLN A 19 39.25 -9.68 -39.35
C GLN A 19 38.75 -8.94 -38.11
N LEU A 20 37.67 -9.43 -37.51
CA LEU A 20 37.13 -8.78 -36.32
C LEU A 20 38.03 -8.98 -35.10
N LEU A 21 38.81 -10.06 -35.09
CA LEU A 21 39.77 -10.29 -34.02
C LEU A 21 41.06 -9.51 -34.26
N LYS A 22 41.62 -9.65 -35.46
CA LYS A 22 42.83 -8.91 -35.83
C LYS A 22 42.63 -7.41 -35.66
N GLU A 23 41.41 -6.93 -35.90
CA GLU A 23 41.08 -5.55 -35.61
C GLU A 23 40.59 -5.36 -34.18
N SER A 24 40.25 -6.45 -33.49
CA SER A 24 39.94 -6.38 -32.06
C SER A 24 41.19 -6.48 -31.20
N GLN A 25 42.37 -6.42 -31.83
CA GLN A 25 43.64 -6.33 -31.12
C GLN A 25 44.32 -4.98 -31.36
N SER A 26 43.56 -3.99 -31.83
CA SER A 26 44.13 -2.75 -32.35
C SER A 26 44.62 -1.87 -31.21
N PRO A 27 45.78 -1.25 -31.35
CA PRO A 27 46.31 -0.40 -30.27
C PRO A 27 45.41 0.78 -29.93
N ASP A 28 44.53 1.18 -30.84
CA ASP A 28 43.57 2.24 -30.56
C ASP A 28 42.53 1.76 -29.55
N THR A 29 41.91 2.72 -28.86
CA THR A 29 40.89 2.42 -27.86
C THR A 29 39.48 2.46 -28.44
N THR A 30 39.22 3.38 -29.38
CA THR A 30 37.89 3.45 -29.98
C THR A 30 37.61 2.23 -30.83
N ILE A 31 38.66 1.59 -31.35
CA ILE A 31 38.48 0.38 -32.14
C ILE A 31 38.16 -0.80 -31.23
N GLN A 32 38.79 -0.85 -30.06
CA GLN A 32 38.43 -1.88 -29.08
C GLN A 32 37.00 -1.69 -28.58
N ARG A 33 36.61 -0.45 -28.27
CA ARG A 33 35.26 -0.20 -27.80
C ARG A 33 34.21 -0.43 -28.88
N THR A 34 34.58 -0.24 -30.15
CA THR A 34 33.63 -0.50 -31.24
C THR A 34 33.53 -1.99 -31.55
N VAL A 35 34.66 -2.62 -31.86
CA VAL A 35 34.68 -4.02 -32.28
C VAL A 35 34.25 -4.95 -31.16
N GLN A 36 34.66 -4.66 -29.92
CA GLN A 36 34.24 -5.52 -28.81
C GLN A 36 32.72 -5.51 -28.64
N GLN A 37 32.09 -4.35 -28.86
CA GLN A 37 30.64 -4.28 -28.79
C GLN A 37 29.98 -4.97 -29.97
N LYS A 38 30.55 -4.79 -31.18
CA LYS A 38 30.01 -5.49 -32.35
C LYS A 38 30.12 -7.00 -32.19
N LEU A 39 31.15 -7.49 -31.49
CA LEU A 39 31.29 -8.92 -31.30
C LEU A 39 30.38 -9.42 -30.18
N GLU A 40 30.19 -8.60 -29.15
CA GLU A 40 29.21 -8.92 -28.12
C GLU A 40 27.79 -8.77 -28.65
N GLN A 41 27.63 -8.24 -29.86
CA GLN A 41 26.36 -8.07 -30.54
C GLN A 41 26.11 -9.10 -31.63
N LEU A 42 27.18 -9.73 -32.15
CA LEU A 42 27.05 -10.81 -33.13
C LEU A 42 26.93 -12.17 -32.46
N ASN A 43 26.33 -12.24 -31.28
CA ASN A 43 26.08 -13.49 -30.57
C ASN A 43 24.71 -14.10 -30.92
N GLN A 44 23.98 -13.48 -31.84
CA GLN A 44 22.60 -13.88 -32.15
C GLN A 44 22.57 -15.22 -32.88
N TYR A 45 23.74 -15.85 -33.06
CA TYR A 45 23.81 -17.12 -33.77
C TYR A 45 23.98 -18.27 -32.79
N PRO A 46 23.55 -19.48 -33.17
CA PRO A 46 23.86 -20.67 -32.36
C PRO A 46 25.23 -21.25 -32.68
N ASP A 47 25.78 -20.92 -33.85
CA ASP A 47 27.02 -21.50 -34.33
C ASP A 47 28.26 -20.67 -34.03
N PHE A 48 28.09 -19.42 -33.57
CA PHE A 48 29.22 -18.50 -33.44
C PHE A 48 30.24 -18.99 -32.42
N ASN A 49 29.77 -19.54 -31.29
CA ASN A 49 30.69 -20.05 -30.28
C ASN A 49 31.53 -21.21 -30.82
N ASN A 50 30.94 -22.03 -31.70
CA ASN A 50 31.72 -23.08 -32.36
C ASN A 50 32.74 -22.51 -33.32
N TYR A 51 32.45 -21.34 -33.90
CA TYR A 51 33.48 -20.63 -34.66
C TYR A 51 34.65 -20.23 -33.76
N LEU A 52 34.35 -19.60 -32.63
CA LEU A 52 35.42 -19.17 -31.73
C LEU A 52 36.27 -20.34 -31.25
N ILE A 53 35.62 -21.40 -30.77
CA ILE A 53 36.40 -22.54 -30.29
C ILE A 53 37.08 -23.25 -31.45
N PHE A 54 36.53 -23.15 -32.66
CA PHE A 54 37.24 -23.69 -33.81
C PHE A 54 38.53 -22.93 -34.05
N VAL A 55 38.51 -21.61 -33.83
CA VAL A 55 39.76 -20.84 -33.83
C VAL A 55 40.68 -21.31 -32.71
N LEU A 56 40.11 -21.76 -31.59
CA LEU A 56 40.94 -22.13 -30.45
C LEU A 56 41.63 -23.48 -30.66
N THR A 57 40.91 -24.47 -31.19
CA THR A 57 41.36 -25.86 -31.22
C THR A 57 42.03 -26.24 -32.54
N LYS A 58 41.33 -26.08 -33.66
CA LYS A 58 41.81 -26.60 -34.94
C LYS A 58 42.66 -25.59 -35.71
N LEU A 59 42.42 -24.29 -35.50
CA LEU A 59 43.19 -23.24 -36.17
C LEU A 59 44.58 -23.19 -35.54
N LYS A 60 45.38 -24.20 -35.88
CA LYS A 60 46.72 -24.34 -35.34
C LYS A 60 47.74 -23.50 -36.11
N SER A 61 47.33 -22.89 -37.22
CA SER A 61 48.21 -22.03 -38.00
C SER A 61 47.83 -20.57 -37.81
N GLU A 62 47.87 -20.10 -36.57
CA GLU A 62 47.56 -18.70 -36.29
C GLU A 62 48.22 -18.33 -34.96
N ASP A 63 48.60 -17.06 -34.86
CA ASP A 63 49.35 -16.60 -33.70
C ASP A 63 48.52 -16.73 -32.43
N GLU A 64 49.22 -17.04 -31.34
CA GLU A 64 48.54 -17.28 -30.06
C GLU A 64 47.82 -16.05 -29.51
N PRO A 65 48.29 -14.81 -29.68
CA PRO A 65 47.47 -13.65 -29.28
C PRO A 65 46.09 -13.63 -29.95
N THR A 66 45.87 -14.42 -30.99
CA THR A 66 44.57 -14.55 -31.63
C THR A 66 43.79 -15.76 -31.11
N ARG A 67 44.46 -16.92 -31.00
CA ARG A 67 43.79 -18.12 -30.51
C ARG A 67 43.31 -17.93 -29.07
N SER A 68 44.22 -17.55 -28.17
CA SER A 68 43.85 -17.39 -26.77
C SER A 68 42.83 -16.27 -26.60
N LEU A 69 42.89 -15.24 -27.43
CA LEU A 69 41.90 -14.17 -27.36
C LEU A 69 40.53 -14.68 -27.80
N SER A 70 40.49 -15.55 -28.81
CA SER A 70 39.25 -16.19 -29.21
C SER A 70 38.66 -17.01 -28.06
N GLY A 71 39.50 -17.84 -27.42
CA GLY A 71 39.02 -18.62 -26.29
C GLY A 71 38.55 -17.76 -25.13
N LEU A 72 39.18 -16.61 -24.93
CA LEU A 72 38.82 -15.70 -23.86
C LEU A 72 37.48 -15.02 -24.14
N ILE A 73 37.26 -14.60 -25.39
CA ILE A 73 35.97 -14.02 -25.73
C ILE A 73 34.89 -15.09 -25.70
N LEU A 74 35.24 -16.35 -25.94
CA LEU A 74 34.30 -17.44 -25.70
C LEU A 74 33.97 -17.56 -24.23
N LYS A 75 34.99 -17.41 -23.37
CA LYS A 75 34.77 -17.38 -21.92
C LYS A 75 33.74 -16.34 -21.56
N ASN A 76 33.90 -15.11 -22.08
CA ASN A 76 32.96 -14.05 -21.77
C ASN A 76 31.58 -14.30 -22.37
N ASN A 77 31.52 -14.99 -23.52
CA ASN A 77 30.22 -15.24 -24.13
C ASN A 77 29.45 -16.33 -23.39
N VAL A 78 30.15 -17.24 -22.70
CA VAL A 78 29.46 -18.24 -21.89
C VAL A 78 29.15 -17.67 -20.50
N LYS A 79 30.13 -17.04 -19.87
CA LYS A 79 29.95 -16.48 -18.53
C LYS A 79 28.92 -15.36 -18.51
N ALA A 80 28.79 -14.62 -19.61
CA ALA A 80 27.83 -13.53 -19.68
C ALA A 80 26.43 -14.02 -20.02
N HIS A 81 26.20 -14.31 -21.30
CA HIS A 81 24.88 -14.69 -21.79
C HIS A 81 24.90 -16.20 -22.03
N PHE A 82 24.29 -16.94 -21.11
CA PHE A 82 24.25 -18.40 -21.20
C PHE A 82 22.84 -18.97 -21.12
N GLN A 83 21.82 -18.13 -20.97
CA GLN A 83 20.45 -18.62 -21.00
C GLN A 83 20.06 -19.07 -22.40
N ASN A 84 20.45 -18.31 -23.43
CA ASN A 84 20.22 -18.68 -24.82
C ASN A 84 21.42 -19.46 -25.37
N PHE A 85 21.66 -20.62 -24.76
CA PHE A 85 22.80 -21.43 -25.16
C PHE A 85 22.33 -22.61 -26.00
N PRO A 86 22.89 -22.82 -27.20
CA PRO A 86 22.57 -24.02 -27.97
C PRO A 86 23.30 -25.23 -27.39
N ASN A 87 22.52 -26.28 -27.07
CA ASN A 87 23.08 -27.45 -26.39
C ASN A 87 23.98 -28.25 -27.31
N GLY A 88 23.45 -28.66 -28.48
CA GLY A 88 24.25 -29.43 -29.42
C GLY A 88 25.51 -28.72 -29.86
N VAL A 89 25.47 -27.39 -29.93
CA VAL A 89 26.67 -26.64 -30.29
C VAL A 89 27.64 -26.61 -29.12
N THR A 90 27.13 -26.49 -27.89
CA THR A 90 28.01 -26.50 -26.72
C THR A 90 28.65 -27.86 -26.49
N ASP A 91 28.07 -28.93 -27.04
CA ASP A 91 28.70 -30.24 -26.96
C ASP A 91 30.11 -30.20 -27.55
N PHE A 92 30.26 -29.53 -28.69
CA PHE A 92 31.58 -29.39 -29.31
C PHE A 92 32.53 -28.63 -28.39
N ILE A 93 32.01 -27.63 -27.68
CA ILE A 93 32.82 -26.91 -26.70
C ILE A 93 33.28 -27.86 -25.60
N LYS A 94 32.39 -28.73 -25.14
CA LYS A 94 32.72 -29.68 -24.08
C LYS A 94 33.82 -30.64 -24.51
N SER A 95 33.61 -31.33 -25.65
CA SER A 95 34.57 -32.34 -26.09
C SER A 95 35.91 -31.71 -26.45
N GLU A 96 35.89 -30.60 -27.20
CA GLU A 96 37.14 -29.99 -27.63
C GLU A 96 37.91 -29.39 -26.46
N CYS A 97 37.22 -28.70 -25.56
CA CYS A 97 37.88 -28.18 -24.37
C CYS A 97 38.44 -29.31 -23.51
N LEU A 98 37.71 -30.43 -23.44
CA LEU A 98 38.11 -31.52 -22.55
C LEU A 98 39.32 -32.29 -23.09
N ASN A 99 39.39 -32.51 -24.41
CA ASN A 99 40.46 -33.36 -24.92
C ASN A 99 41.70 -32.59 -25.36
N ASN A 100 41.59 -31.29 -25.62
CA ASN A 100 42.73 -30.47 -26.06
C ASN A 100 43.28 -29.61 -24.93
N ILE A 101 43.55 -30.22 -23.77
CA ILE A 101 44.02 -29.46 -22.62
C ILE A 101 45.52 -29.69 -22.41
N GLY A 102 46.02 -30.84 -22.85
CA GLY A 102 47.42 -31.16 -22.68
C GLY A 102 48.34 -30.56 -23.72
N ASP A 103 47.91 -29.47 -24.34
CA ASP A 103 48.73 -28.81 -25.36
C ASP A 103 50.04 -28.32 -24.75
N SER A 104 51.11 -28.39 -25.53
CA SER A 104 52.44 -28.05 -25.03
C SER A 104 52.56 -26.55 -24.75
N SER A 105 51.83 -25.72 -25.49
CA SER A 105 51.91 -24.28 -25.27
C SER A 105 51.21 -23.92 -23.95
N PRO A 106 51.89 -23.20 -23.04
CA PRO A 106 51.24 -22.85 -21.76
C PRO A 106 50.06 -21.90 -21.90
N LEU A 107 50.06 -21.04 -22.93
CA LEU A 107 48.97 -20.09 -23.11
C LEU A 107 47.67 -20.81 -23.44
N ILE A 108 47.70 -21.70 -24.44
CA ILE A 108 46.52 -22.49 -24.79
C ILE A 108 46.06 -23.29 -23.58
N ARG A 109 47.01 -23.86 -22.83
CA ARG A 109 46.68 -24.60 -21.62
C ARG A 109 45.88 -23.73 -20.64
N ALA A 110 46.33 -22.49 -20.45
CA ALA A 110 45.68 -21.61 -19.47
C ALA A 110 44.31 -21.17 -19.93
N THR A 111 44.16 -20.79 -21.21
CA THR A 111 42.85 -20.33 -21.68
C THR A 111 41.85 -21.48 -21.72
N VAL A 112 42.26 -22.66 -22.20
CA VAL A 112 41.39 -23.83 -22.17
C VAL A 112 41.03 -24.18 -20.72
N GLY A 113 41.99 -24.06 -19.80
CA GLY A 113 41.70 -24.32 -18.40
C GLY A 113 40.62 -23.41 -17.84
N ILE A 114 40.76 -22.10 -18.06
CA ILE A 114 39.75 -21.19 -17.56
C ILE A 114 38.43 -21.38 -18.30
N LEU A 115 38.48 -21.88 -19.53
CA LEU A 115 37.25 -22.26 -20.22
C LEU A 115 36.54 -23.40 -19.50
N ILE A 116 37.29 -24.45 -19.13
CA ILE A 116 36.69 -25.58 -18.43
C ILE A 116 36.14 -25.12 -17.08
N THR A 117 36.89 -24.32 -16.34
CA THR A 117 36.45 -23.88 -15.02
C THR A 117 35.22 -22.99 -15.12
N THR A 118 35.21 -22.03 -16.05
CA THR A 118 34.06 -21.15 -16.18
C THR A 118 32.84 -21.90 -16.69
N ILE A 119 33.04 -22.85 -17.60
CA ILE A 119 31.95 -23.71 -18.06
C ILE A 119 31.35 -24.50 -16.91
N ALA A 120 32.21 -24.95 -15.99
CA ALA A 120 31.73 -25.73 -14.85
C ALA A 120 30.98 -24.85 -13.85
N SER A 121 31.62 -23.80 -13.35
CA SER A 121 31.05 -23.01 -12.27
C SER A 121 29.87 -22.15 -12.75
N LYS A 122 29.88 -21.72 -14.00
CA LYS A 122 28.76 -20.96 -14.55
C LYS A 122 27.68 -21.85 -15.14
N GLY A 123 28.06 -22.96 -15.76
CA GLY A 123 27.12 -23.93 -16.29
C GLY A 123 26.67 -25.00 -15.32
N GLU A 124 27.09 -24.92 -14.05
CA GLU A 124 26.74 -25.87 -13.00
C GLU A 124 27.31 -27.26 -13.27
N LEU A 125 27.29 -28.12 -12.25
CA LEU A 125 27.87 -29.46 -12.35
C LEU A 125 26.87 -30.52 -12.76
N GLN A 126 25.62 -30.14 -13.04
CA GLN A 126 24.56 -31.11 -13.31
C GLN A 126 24.43 -31.43 -14.80
N ASN A 127 24.32 -30.40 -15.64
CA ASN A 127 23.98 -30.61 -17.05
C ASN A 127 25.07 -31.36 -17.80
N TRP A 128 26.33 -31.26 -17.37
CA TRP A 128 27.43 -31.98 -18.01
C TRP A 128 27.99 -32.98 -16.99
N PRO A 129 27.61 -34.26 -17.07
CA PRO A 129 27.97 -35.19 -16.00
C PRO A 129 29.17 -36.07 -16.30
N ASP A 130 29.66 -36.06 -17.53
CA ASP A 130 30.83 -36.87 -17.88
C ASP A 130 32.13 -36.09 -17.81
N LEU A 131 32.14 -34.90 -17.19
CA LEU A 131 33.35 -34.09 -17.13
C LEU A 131 34.30 -34.62 -16.05
N LEU A 132 33.84 -34.62 -14.80
CA LEU A 132 34.70 -35.04 -13.68
C LEU A 132 35.29 -36.44 -13.85
N PRO A 133 34.54 -37.48 -14.26
CA PRO A 133 35.20 -38.78 -14.46
C PRO A 133 36.31 -38.76 -15.49
N LYS A 134 36.11 -38.05 -16.61
CA LYS A 134 37.16 -38.00 -17.63
C LYS A 134 38.35 -37.18 -17.16
N LEU A 135 38.12 -36.13 -16.37
CA LEU A 135 39.24 -35.39 -15.79
C LEU A 135 40.02 -36.26 -14.81
N CYS A 136 39.32 -37.01 -13.96
CA CYS A 136 39.99 -37.88 -13.00
C CYS A 136 40.74 -39.01 -13.69
N SER A 137 40.23 -39.49 -14.83
CA SER A 137 40.95 -40.52 -15.58
C SER A 137 42.18 -39.91 -16.26
N LEU A 138 42.03 -38.71 -16.81
CA LEU A 138 43.15 -37.99 -17.40
C LEU A 138 44.17 -37.55 -16.35
N LEU A 139 43.80 -37.61 -15.06
CA LEU A 139 44.68 -37.19 -13.98
C LEU A 139 45.77 -38.21 -13.68
N ASP A 140 45.71 -39.41 -14.25
CA ASP A 140 46.67 -40.45 -13.91
C ASP A 140 48.06 -40.21 -14.51
N SER A 141 48.34 -38.97 -14.90
CA SER A 141 49.66 -38.50 -15.31
C SER A 141 50.16 -39.11 -16.61
N GLU A 142 50.94 -38.34 -17.36
CA GLU A 142 51.55 -38.79 -18.61
C GLU A 142 52.84 -38.01 -18.88
N ASP A 143 52.70 -36.85 -19.51
CA ASP A 143 53.84 -35.97 -19.75
C ASP A 143 54.03 -35.05 -18.55
N TYR A 144 53.38 -33.89 -18.56
CA TYR A 144 53.44 -32.95 -17.45
C TYR A 144 52.27 -31.97 -17.51
N ASN A 145 52.15 -31.22 -18.61
CA ASN A 145 51.11 -30.20 -18.73
C ASN A 145 49.71 -30.79 -18.66
N THR A 146 49.55 -32.08 -18.92
CA THR A 146 48.24 -32.73 -18.91
C THR A 146 47.68 -32.82 -17.49
N CYS A 147 48.33 -33.62 -16.65
CA CYS A 147 47.86 -33.79 -15.27
C CYS A 147 47.93 -32.48 -14.49
N GLU A 148 48.85 -31.59 -14.86
CA GLU A 148 48.92 -30.30 -14.19
C GLU A 148 47.76 -29.41 -14.59
N GLY A 149 47.38 -29.42 -15.88
CA GLY A 149 46.25 -28.63 -16.31
C GLY A 149 44.93 -29.13 -15.75
N ALA A 150 44.67 -30.44 -15.90
CA ALA A 150 43.46 -31.01 -15.33
C ALA A 150 43.44 -30.88 -13.81
N PHE A 151 44.62 -30.94 -13.19
CA PHE A 151 44.70 -30.76 -11.74
C PHE A 151 44.30 -29.35 -11.34
N GLY A 152 44.89 -28.34 -11.98
CA GLY A 152 44.50 -26.97 -11.70
C GLY A 152 43.03 -26.71 -11.96
N ALA A 153 42.49 -27.29 -13.04
CA ALA A 153 41.06 -27.21 -13.28
C ALA A 153 40.28 -27.79 -12.10
N LEU A 154 40.77 -28.89 -11.53
CA LEU A 154 40.15 -29.42 -10.32
C LEU A 154 40.36 -28.51 -9.11
N GLN A 155 41.39 -27.67 -9.15
CA GLN A 155 41.63 -26.74 -8.04
C GLN A 155 40.63 -25.59 -8.06
N LYS A 156 40.44 -24.96 -9.22
CA LYS A 156 39.47 -23.89 -9.30
C LYS A 156 38.03 -24.40 -9.22
N ILE A 157 37.77 -25.60 -9.77
CA ILE A 157 36.45 -26.21 -9.61
C ILE A 157 36.18 -26.52 -8.14
N CYS A 158 37.14 -27.15 -7.46
CA CYS A 158 36.95 -27.48 -6.06
C CYS A 158 36.98 -26.24 -5.16
N GLU A 159 37.57 -25.14 -5.63
CA GLU A 159 37.55 -23.89 -4.87
C GLU A 159 36.21 -23.17 -4.99
N ASP A 160 35.63 -23.16 -6.19
CA ASP A 160 34.30 -22.55 -6.38
C ASP A 160 33.20 -23.45 -5.84
N SER A 161 32.91 -24.53 -6.55
CA SER A 161 31.86 -25.46 -6.17
C SER A 161 32.43 -26.52 -5.23
N ALA A 162 31.78 -26.72 -4.09
CA ALA A 162 32.29 -27.65 -3.09
C ALA A 162 31.16 -28.44 -2.43
N GLU A 163 30.12 -27.74 -1.98
CA GLU A 163 28.98 -28.41 -1.36
C GLU A 163 28.28 -29.32 -2.36
N ILE A 164 28.04 -28.82 -3.57
CA ILE A 164 27.33 -29.58 -4.61
C ILE A 164 27.96 -30.94 -4.87
N LEU A 165 29.26 -31.08 -4.60
CA LEU A 165 29.93 -32.35 -4.84
C LEU A 165 29.66 -33.40 -3.77
N ASP A 166 29.22 -32.99 -2.58
CA ASP A 166 28.91 -33.93 -1.52
C ASP A 166 27.69 -34.77 -1.85
N LEU A 170 27.69 -36.78 -8.55
CA LEU A 170 28.12 -37.84 -9.47
C LEU A 170 28.37 -39.14 -8.73
N ASP A 171 27.29 -39.73 -8.20
CA ASP A 171 27.35 -40.94 -7.38
C ASP A 171 28.24 -40.75 -6.16
N ARG A 172 28.30 -39.52 -5.64
CA ARG A 172 29.20 -39.11 -4.57
C ARG A 172 30.62 -39.53 -4.91
N PRO A 173 31.28 -38.86 -5.86
CA PRO A 173 32.57 -39.35 -6.37
C PRO A 173 33.76 -38.97 -5.52
N LEU A 174 33.59 -38.11 -4.52
CA LEU A 174 34.73 -37.61 -3.76
C LEU A 174 35.52 -38.74 -3.10
N ASN A 175 34.86 -39.87 -2.83
CA ASN A 175 35.54 -41.00 -2.21
C ASN A 175 36.71 -41.47 -3.07
N ILE A 176 36.58 -41.43 -4.40
CA ILE A 176 37.68 -41.80 -5.29
C ILE A 176 38.60 -40.62 -5.57
N MET A 177 38.18 -39.39 -5.25
CA MET A 177 39.04 -38.24 -5.52
C MET A 177 40.22 -38.19 -4.56
N ILE A 178 39.95 -38.37 -3.25
CA ILE A 178 40.99 -38.19 -2.24
C ILE A 178 42.21 -39.08 -2.46
N PRO A 179 42.07 -40.39 -2.71
CA PRO A 179 43.28 -41.21 -2.90
C PRO A 179 44.14 -40.79 -4.07
N LYS A 180 43.53 -40.37 -5.18
CA LYS A 180 44.31 -39.86 -6.31
C LYS A 180 45.13 -38.65 -5.90
N PHE A 181 44.49 -37.70 -5.21
CA PHE A 181 45.23 -36.60 -4.60
C PHE A 181 46.37 -37.13 -3.75
N LEU A 182 46.08 -38.14 -2.92
CA LEU A 182 47.13 -38.73 -2.09
C LEU A 182 48.21 -39.37 -2.97
N GLN A 183 47.82 -39.92 -4.12
CA GLN A 183 48.82 -40.46 -5.03
C GLN A 183 49.75 -39.36 -5.51
N PHE A 184 49.19 -38.18 -5.75
CA PHE A 184 49.99 -37.00 -6.11
C PHE A 184 50.38 -36.18 -4.89
N PHE A 185 50.15 -36.70 -3.68
CA PHE A 185 50.50 -35.94 -2.49
C PHE A 185 51.99 -36.03 -2.17
N LYS A 186 52.62 -37.14 -2.57
CA LYS A 186 54.06 -37.34 -2.42
C LYS A 186 54.80 -37.15 -3.74
N HIS A 187 54.38 -36.16 -4.52
CA HIS A 187 54.89 -35.97 -5.88
C HIS A 187 56.26 -35.30 -5.84
N SER A 188 56.99 -35.44 -6.96
CA SER A 188 58.31 -34.82 -7.09
C SER A 188 58.20 -33.33 -7.38
N SER A 189 57.38 -32.96 -8.36
CA SER A 189 57.16 -31.54 -8.67
C SER A 189 56.39 -30.89 -7.53
N PRO A 190 56.81 -29.71 -7.06
CA PRO A 190 56.13 -29.08 -5.92
C PRO A 190 54.80 -28.45 -6.28
N LYS A 191 54.67 -27.97 -7.52
CA LYS A 191 53.45 -27.31 -7.97
C LYS A 191 52.26 -28.25 -7.90
N ILE A 192 52.43 -29.49 -8.33
CA ILE A 192 51.34 -30.47 -8.30
C ILE A 192 50.85 -30.67 -6.87
N ARG A 193 51.79 -30.83 -5.94
CA ARG A 193 51.43 -31.01 -4.53
C ARG A 193 50.70 -29.78 -3.98
N SER A 194 51.23 -28.59 -4.29
CA SER A 194 50.56 -27.36 -3.86
C SER A 194 49.15 -27.26 -4.41
N HIS A 195 48.91 -27.87 -5.59
CA HIS A 195 47.55 -27.92 -6.09
C HIS A 195 46.71 -28.95 -5.33
N ALA A 196 47.33 -30.06 -4.91
CA ALA A 196 46.60 -31.09 -4.19
C ALA A 196 46.14 -30.62 -2.81
N VAL A 197 47.06 -30.01 -2.05
CA VAL A 197 46.71 -29.53 -0.71
C VAL A 197 45.57 -28.53 -0.79
N ALA A 198 45.69 -27.55 -1.68
CA ALA A 198 44.61 -26.57 -1.85
C ALA A 198 43.32 -27.21 -2.32
N CYS A 199 43.41 -28.28 -3.11
CA CYS A 199 42.23 -29.02 -3.53
C CYS A 199 41.50 -29.63 -2.34
N VAL A 200 42.26 -30.27 -1.44
CA VAL A 200 41.64 -30.95 -0.30
C VAL A 200 41.21 -29.98 0.78
N ASN A 201 41.84 -28.80 0.87
CA ASN A 201 41.57 -27.86 1.95
C ASN A 201 40.16 -27.27 1.93
N GLN A 202 39.36 -27.56 0.92
CA GLN A 202 38.02 -27.00 0.83
C GLN A 202 37.00 -27.83 1.60
N PHE A 203 37.23 -29.15 1.73
CA PHE A 203 36.29 -30.08 2.33
C PHE A 203 36.62 -30.42 3.77
N ILE A 204 37.29 -29.51 4.49
CA ILE A 204 37.70 -29.76 5.87
C ILE A 204 36.89 -28.93 6.86
N ILE A 205 36.58 -27.68 6.52
CA ILE A 205 35.69 -26.89 7.37
C ILE A 205 34.26 -27.40 7.24
N SER A 206 33.88 -27.89 6.05
CA SER A 206 32.57 -28.49 5.83
C SER A 206 32.44 -29.86 6.50
N ARG A 207 33.51 -30.37 7.11
CA ARG A 207 33.53 -31.60 7.92
C ARG A 207 32.69 -32.71 7.27
N THR A 208 32.90 -32.89 5.97
CA THR A 208 32.12 -33.86 5.20
C THR A 208 32.39 -35.28 5.68
N GLN A 209 31.47 -36.17 5.33
CA GLN A 209 31.53 -37.57 5.76
C GLN A 209 32.51 -38.40 4.94
N ALA A 210 33.02 -37.88 3.83
CA ALA A 210 33.93 -38.63 2.98
C ALA A 210 35.37 -38.55 3.44
N LEU A 211 35.73 -37.53 4.22
CA LEU A 211 37.12 -37.34 4.63
C LEU A 211 37.42 -37.95 6.00
N MET A 212 36.45 -37.99 6.91
CA MET A 212 36.68 -38.49 8.26
C MET A 212 37.05 -39.97 8.28
N LEU A 213 36.93 -40.68 7.15
CA LEU A 213 37.41 -42.05 7.04
C LEU A 213 38.85 -42.11 6.55
N HIS A 214 39.23 -41.21 5.63
CA HIS A 214 40.55 -41.19 5.02
C HIS A 214 41.39 -40.01 5.54
N ILE A 215 41.29 -39.71 6.83
CA ILE A 215 42.00 -38.59 7.42
C ILE A 215 43.17 -39.02 8.31
N ASP A 216 43.07 -40.20 8.93
CA ASP A 216 44.04 -40.62 9.93
C ASP A 216 45.46 -40.59 9.37
N SER A 217 45.68 -41.26 8.24
CA SER A 217 46.97 -41.19 7.56
C SER A 217 47.09 -39.94 6.69
N PHE A 218 45.98 -39.28 6.38
CA PHE A 218 46.01 -38.05 5.59
C PHE A 218 46.82 -36.96 6.27
N ILE A 219 46.58 -36.74 7.57
CA ILE A 219 47.32 -35.68 8.25
C ILE A 219 48.75 -36.12 8.55
N GLU A 220 48.94 -37.41 8.89
CA GLU A 220 50.28 -37.95 9.08
C GLU A 220 51.13 -37.70 7.84
N ASN A 221 50.54 -37.85 6.66
CA ASN A 221 51.24 -37.54 5.43
C ASN A 221 51.36 -36.03 5.22
N LEU A 222 50.36 -35.27 5.70
CA LEU A 222 50.41 -33.82 5.54
C LEU A 222 51.60 -33.21 6.26
N PHE A 223 52.02 -33.81 7.37
CA PHE A 223 53.18 -33.29 8.10
C PHE A 223 54.48 -33.44 7.30
N ALA A 224 54.54 -34.40 6.37
CA ALA A 224 55.76 -34.64 5.62
C ALA A 224 56.13 -33.45 4.74
N LEU A 225 55.18 -32.60 4.39
CA LEU A 225 55.44 -31.41 3.57
C LEU A 225 55.85 -30.21 4.40
N ALA A 226 56.45 -30.43 5.58
CA ALA A 226 56.83 -29.32 6.47
C ALA A 226 57.95 -28.49 5.87
N GLY A 227 58.93 -29.14 5.26
CA GLY A 227 60.12 -28.45 4.78
C GLY A 227 60.13 -28.19 3.29
N ASP A 228 58.95 -28.17 2.68
CA ASP A 228 58.85 -27.87 1.26
C ASP A 228 59.16 -26.40 1.01
N GLU A 229 59.78 -26.13 -0.14
CA GLU A 229 60.32 -24.80 -0.41
C GLU A 229 59.35 -23.88 -1.15
N GLU A 230 58.51 -24.42 -2.02
CA GLU A 230 57.61 -23.57 -2.80
C GLU A 230 56.65 -22.83 -1.88
N PRO A 231 56.65 -21.50 -1.88
CA PRO A 231 55.79 -20.75 -0.95
C PRO A 231 54.31 -21.15 -1.02
N GLU A 232 53.86 -21.60 -2.19
CA GLU A 232 52.47 -22.04 -2.32
C GLU A 232 52.20 -23.29 -1.48
N VAL A 233 53.14 -24.24 -1.47
CA VAL A 233 52.96 -25.46 -0.67
C VAL A 233 52.82 -25.08 0.81
N ARG A 234 53.71 -24.22 1.32
CA ARG A 234 53.61 -23.76 2.69
C ARG A 234 52.29 -23.03 2.93
N LYS A 235 51.83 -22.27 1.93
CA LYS A 235 50.57 -21.55 2.06
C LYS A 235 49.41 -22.50 2.26
N ASN A 236 49.26 -23.47 1.36
CA ASN A 236 48.15 -24.42 1.45
C ASN A 236 48.26 -25.30 2.69
N VAL A 237 49.48 -25.67 3.08
CA VAL A 237 49.65 -26.52 4.26
C VAL A 237 49.27 -25.78 5.53
N CYS A 238 49.86 -24.59 5.75
CA CYS A 238 49.51 -23.79 6.92
C CYS A 238 48.02 -23.45 6.93
N ARG A 239 47.46 -23.19 5.75
CA ARG A 239 46.02 -23.00 5.62
C ARG A 239 45.27 -24.23 6.13
N ALA A 240 45.74 -25.41 5.73
CA ALA A 240 45.11 -26.66 6.16
C ALA A 240 45.16 -26.83 7.68
N LEU A 241 46.30 -26.49 8.29
CA LEU A 241 46.41 -26.62 9.74
C LEU A 241 45.49 -25.63 10.45
N VAL A 242 45.43 -24.39 9.97
CA VAL A 242 44.56 -23.39 10.57
C VAL A 242 43.10 -23.84 10.49
N MET A 243 42.68 -24.34 9.33
CA MET A 243 41.30 -24.79 9.18
C MET A 243 41.01 -26.02 10.02
N LEU A 244 41.96 -26.96 10.11
CA LEU A 244 41.77 -28.14 10.94
C LEU A 244 41.76 -27.82 12.43
N LEU A 245 42.33 -26.67 12.82
CA LEU A 245 42.33 -26.29 14.23
C LEU A 245 40.93 -26.01 14.76
N GLU A 246 39.99 -25.65 13.88
CA GLU A 246 38.64 -25.35 14.30
C GLU A 246 37.77 -26.59 14.49
N VAL A 247 38.06 -27.67 13.76
CA VAL A 247 37.22 -28.86 13.80
C VAL A 247 37.99 -30.09 14.22
N ARG A 248 38.99 -29.93 15.09
CA ARG A 248 39.73 -31.08 15.61
C ARG A 248 40.42 -30.69 16.91
N MET A 249 40.25 -31.52 17.94
CA MET A 249 40.92 -31.34 19.22
C MET A 249 41.20 -32.70 19.87
N HIS A 255 49.84 -33.93 17.39
CA HIS A 255 51.24 -33.52 17.41
C HIS A 255 51.36 -32.03 17.74
N MET A 256 50.78 -31.61 18.86
CA MET A 256 50.82 -30.21 19.26
C MET A 256 52.20 -29.77 19.74
N HIS A 257 53.08 -30.73 20.02
CA HIS A 257 54.36 -30.41 20.66
C HIS A 257 55.34 -29.73 19.71
N ASN A 258 55.44 -30.23 18.47
CA ASN A 258 56.33 -29.65 17.48
C ASN A 258 55.64 -28.72 16.49
N ILE A 259 54.31 -28.81 16.35
CA ILE A 259 53.60 -27.96 15.42
C ILE A 259 53.66 -26.50 15.87
N VAL A 260 53.72 -26.25 17.17
CA VAL A 260 53.87 -24.90 17.68
C VAL A 260 55.22 -24.31 17.26
N GLU A 261 56.26 -25.13 17.25
CA GLU A 261 57.58 -24.66 16.87
C GLU A 261 57.69 -24.47 15.36
N TYR A 262 57.06 -25.37 14.59
CA TYR A 262 57.05 -25.17 13.13
C TYR A 262 56.29 -23.91 12.76
N MET A 263 55.14 -23.68 13.39
CA MET A 263 54.33 -22.50 13.07
C MET A 263 55.01 -21.22 13.53
N LEU A 264 55.56 -21.22 14.76
CA LEU A 264 56.23 -20.03 15.27
C LEU A 264 57.50 -19.72 14.50
N GLN A 265 58.24 -20.75 14.11
CA GLN A 265 59.39 -20.56 13.23
C GLN A 265 58.96 -20.08 11.85
N ARG A 266 57.77 -20.50 11.41
CA ARG A 266 57.22 -20.11 10.11
C ARG A 266 56.54 -18.75 10.14
N THR A 267 56.22 -18.21 11.32
CA THR A 267 55.61 -16.90 11.40
C THR A 267 56.54 -15.79 10.91
N GLN A 268 57.84 -16.01 10.95
CA GLN A 268 58.83 -15.05 10.47
C GLN A 268 59.33 -15.39 9.06
N ASP A 269 58.49 -16.03 8.25
CA ASP A 269 58.91 -16.42 6.91
C ASP A 269 59.17 -15.18 6.06
N GLN A 270 59.94 -15.38 4.98
CA GLN A 270 60.28 -14.29 4.08
C GLN A 270 59.07 -13.77 3.32
N ASP A 271 58.02 -14.57 3.18
CA ASP A 271 56.82 -14.19 2.45
C ASP A 271 55.73 -13.80 3.45
N GLU A 272 55.26 -12.56 3.37
CA GLU A 272 54.26 -12.08 4.32
C GLU A 272 52.92 -12.80 4.14
N ASN A 273 52.62 -13.24 2.92
CA ASN A 273 51.37 -13.98 2.69
C ASN A 273 51.37 -15.30 3.44
N VAL A 274 52.46 -16.07 3.30
CA VAL A 274 52.57 -17.34 4.01
C VAL A 274 52.58 -17.12 5.52
N ALA A 275 53.27 -16.08 5.97
CA ALA A 275 53.28 -15.74 7.39
C ALA A 275 51.89 -15.37 7.90
N LEU A 276 51.04 -14.81 7.03
CA LEU A 276 49.65 -14.58 7.40
C LEU A 276 48.87 -15.90 7.49
N GLU A 277 49.00 -16.74 6.46
CA GLU A 277 48.36 -18.05 6.46
C GLU A 277 48.74 -18.85 7.71
N ALA A 278 49.95 -18.65 8.22
CA ALA A 278 50.35 -19.24 9.48
C ALA A 278 49.95 -18.37 10.68
N CYS A 279 49.59 -17.10 10.45
CA CYS A 279 49.25 -16.19 11.53
C CYS A 279 47.81 -16.36 12.00
N GLU A 280 46.90 -16.77 11.12
CA GLU A 280 45.53 -17.03 11.57
C GLU A 280 45.46 -18.18 12.56
N PHE A 281 46.50 -19.03 12.61
CA PHE A 281 46.54 -20.14 13.56
C PHE A 281 46.43 -19.66 14.99
N TRP A 282 46.99 -18.48 15.31
CA TRP A 282 46.92 -17.96 16.67
C TRP A 282 45.49 -17.53 17.00
N LEU A 283 44.78 -16.95 16.04
CA LEU A 283 43.37 -16.62 16.26
C LEU A 283 42.55 -17.89 16.49
N THR A 284 42.64 -18.85 15.56
CA THR A 284 41.88 -20.09 15.69
C THR A 284 42.22 -20.82 16.98
N LEU A 285 43.48 -20.75 17.42
CA LEU A 285 43.88 -21.39 18.67
C LEU A 285 43.29 -20.65 19.86
N ALA A 286 43.50 -19.34 19.92
CA ALA A 286 43.06 -18.56 21.07
C ALA A 286 41.54 -18.57 21.22
N GLU A 287 40.82 -18.90 20.14
CA GLU A 287 39.37 -19.02 20.24
C GLU A 287 38.97 -20.29 21.00
N GLN A 288 39.61 -21.41 20.70
CA GLN A 288 39.28 -22.67 21.33
C GLN A 288 39.72 -22.68 22.80
N PRO A 289 39.08 -23.49 23.64
CA PRO A 289 39.48 -23.55 25.05
C PRO A 289 40.76 -24.32 25.33
N ILE A 290 41.42 -24.84 24.30
CA ILE A 290 42.65 -25.60 24.51
C ILE A 290 43.85 -24.67 24.71
N CYS A 291 43.83 -23.48 24.09
CA CYS A 291 44.93 -22.53 24.17
C CYS A 291 45.30 -22.15 25.59
N LYS A 292 44.42 -22.39 26.57
CA LYS A 292 44.70 -21.99 27.94
C LYS A 292 45.90 -22.74 28.52
N ASP A 293 46.04 -24.03 28.18
CA ASP A 293 47.04 -24.88 28.83
C ASP A 293 47.97 -25.55 27.82
N VAL A 294 48.23 -24.91 26.67
CA VAL A 294 49.15 -25.46 25.69
C VAL A 294 50.07 -24.36 25.16
N LEU A 295 49.54 -23.14 25.06
CA LEU A 295 50.24 -22.02 24.45
C LEU A 295 51.16 -21.27 25.41
N VAL A 296 50.94 -21.41 26.72
CA VAL A 296 51.54 -20.50 27.70
C VAL A 296 53.06 -20.57 27.73
N ARG A 297 53.66 -21.71 27.38
CA ARG A 297 55.09 -21.90 27.61
C ARG A 297 55.99 -21.05 26.73
N HIS A 298 55.98 -21.28 25.42
CA HIS A 298 56.93 -20.68 24.49
C HIS A 298 56.56 -19.25 24.07
N LEU A 299 55.66 -18.60 24.80
CA LEU A 299 55.18 -17.27 24.44
C LEU A 299 56.25 -16.20 24.29
N PRO A 300 57.26 -16.07 25.20
CA PRO A 300 58.25 -14.99 25.03
C PRO A 300 58.93 -14.98 23.66
N LYS A 301 58.88 -16.11 22.95
CA LYS A 301 59.32 -16.13 21.56
C LYS A 301 58.23 -15.63 20.62
N LEU A 302 56.95 -15.77 21.00
CA LEU A 302 55.85 -15.41 20.10
C LEU A 302 55.57 -13.90 20.11
N ILE A 303 55.50 -13.30 21.30
CA ILE A 303 55.07 -11.91 21.41
C ILE A 303 55.91 -10.97 20.55
N PRO A 304 57.25 -10.98 20.64
CA PRO A 304 58.02 -10.05 19.80
C PRO A 304 57.79 -10.26 18.31
N VAL A 305 57.67 -11.52 17.88
CA VAL A 305 57.40 -11.82 16.47
C VAL A 305 56.15 -11.09 16.01
N LEU A 306 55.07 -11.19 16.80
CA LEU A 306 53.85 -10.46 16.49
C LEU A 306 54.15 -8.97 16.36
N VAL A 307 54.88 -8.40 17.33
CA VAL A 307 55.21 -6.97 17.27
C VAL A 307 56.11 -6.69 16.08
N ASN A 308 56.90 -7.68 15.65
CA ASN A 308 57.70 -7.49 14.45
C ASN A 308 56.83 -7.37 13.21
N GLY A 309 55.68 -8.04 13.20
CA GLY A 309 54.75 -7.93 12.08
C GLY A 309 53.82 -6.75 12.16
N MET A 310 53.56 -6.23 13.36
CA MET A 310 52.63 -5.12 13.54
C MET A 310 53.14 -3.79 13.02
N LYS A 311 54.40 -3.70 12.58
CA LYS A 311 54.85 -2.51 11.89
C LYS A 311 54.34 -2.52 10.44
N TYR A 312 54.07 -1.33 9.93
CA TYR A 312 53.61 -1.23 8.54
C TYR A 312 54.67 -1.75 7.59
N SER A 313 54.23 -2.57 6.63
CA SER A 313 55.10 -3.02 5.57
C SER A 313 55.56 -1.85 4.70
N ASP A 314 56.70 -2.02 4.05
CA ASP A 314 57.22 -1.00 3.14
C ASP A 314 56.23 -0.73 2.01
N ILE A 315 55.44 -1.74 1.64
CA ILE A 315 54.49 -1.58 0.55
C ILE A 315 53.30 -0.72 0.99
N ASP A 316 52.78 -0.98 2.20
CA ASP A 316 51.51 -0.38 2.60
C ASP A 316 51.62 1.13 2.81
N ILE A 317 52.79 1.61 3.24
CA ILE A 317 52.96 3.04 3.53
C ILE A 317 52.76 3.87 2.27
N ILE A 318 53.13 3.32 1.11
CA ILE A 318 53.05 4.07 -0.14
C ILE A 318 51.61 4.18 -0.64
N LEU A 319 50.79 3.14 -0.42
CA LEU A 319 49.41 3.21 -0.89
C LEU A 319 48.53 4.13 -0.06
N LEU A 320 49.10 4.78 0.96
CA LEU A 320 48.37 5.76 1.77
C LEU A 320 48.85 7.18 1.45
N THR A 347 44.43 2.80 -1.61
CA THR A 347 44.43 2.55 -0.17
C THR A 347 45.00 1.17 0.14
N ILE A 348 44.71 0.66 1.34
CA ILE A 348 45.25 -0.60 1.81
C ILE A 348 44.26 -1.71 1.51
N SER A 349 44.68 -2.97 1.71
CA SER A 349 43.78 -4.11 1.64
C SER A 349 42.86 -4.12 2.85
N ASP A 350 42.21 -5.26 3.13
CA ASP A 350 41.27 -5.33 4.24
C ASP A 350 41.62 -6.38 5.28
N TRP A 351 42.67 -7.18 5.05
CA TRP A 351 43.10 -8.17 6.05
C TRP A 351 44.54 -8.54 5.72
N ASN A 352 45.48 -7.98 6.48
CA ASN A 352 46.91 -8.15 6.23
C ASN A 352 47.57 -8.84 7.43
N LEU A 353 48.90 -8.98 7.35
CA LEU A 353 49.67 -9.43 8.49
C LEU A 353 49.60 -8.42 9.63
N ARG A 354 49.45 -7.14 9.29
CA ARG A 354 49.25 -6.11 10.30
C ARG A 354 47.94 -6.34 11.06
N LYS A 355 46.82 -6.44 10.32
CA LYS A 355 45.53 -6.67 10.94
C LYS A 355 45.48 -8.03 11.64
N CYS A 356 46.07 -9.05 11.03
CA CYS A 356 46.03 -10.39 11.64
C CYS A 356 46.88 -10.44 12.90
N SER A 357 48.00 -9.71 12.92
CA SER A 357 48.82 -9.64 14.12
C SER A 357 48.10 -8.88 15.22
N ALA A 358 47.46 -7.75 14.88
CA ALA A 358 46.70 -7.00 15.87
C ALA A 358 45.54 -7.83 16.42
N ALA A 359 44.86 -8.58 15.56
CA ALA A 359 43.75 -9.43 16.01
C ALA A 359 44.23 -10.58 16.88
N ALA A 360 45.32 -11.24 16.48
CA ALA A 360 45.91 -12.30 17.30
C ALA A 360 46.27 -11.78 18.68
N LEU A 361 46.96 -10.64 18.73
CA LEU A 361 47.28 -10.01 20.01
C LEU A 361 46.00 -9.65 20.77
N ASP A 362 44.93 -9.31 20.04
CA ASP A 362 43.65 -9.00 20.69
C ASP A 362 43.10 -10.21 21.42
N VAL A 363 42.86 -11.30 20.69
CA VAL A 363 42.25 -12.48 21.30
C VAL A 363 43.16 -13.06 22.38
N LEU A 364 44.48 -12.95 22.20
CA LEU A 364 45.40 -13.42 23.23
C LEU A 364 45.30 -12.56 24.48
N ALA A 365 45.19 -11.24 24.32
CA ALA A 365 45.01 -10.35 25.47
C ALA A 365 43.70 -10.65 26.18
N ASN A 366 42.66 -10.96 25.41
CA ASN A 366 41.37 -11.33 26.00
C ASN A 366 41.42 -12.70 26.67
N VAL A 367 42.37 -13.55 26.29
CA VAL A 367 42.52 -14.83 26.97
C VAL A 367 43.28 -14.68 28.27
N TYR A 368 44.27 -13.78 28.31
CA TYR A 368 45.17 -13.71 29.45
C TYR A 368 44.84 -12.61 30.45
N ARG A 369 44.00 -11.64 30.10
CA ARG A 369 43.65 -10.53 30.99
C ARG A 369 44.95 -9.82 31.36
N ASP A 370 45.25 -9.60 32.65
CA ASP A 370 46.46 -8.91 33.06
C ASP A 370 47.72 -9.77 32.91
N GLU A 371 47.58 -11.07 32.62
CA GLU A 371 48.71 -12.00 32.68
C GLU A 371 49.43 -12.07 31.33
N LEU A 372 50.08 -10.96 30.98
CA LEU A 372 51.02 -10.92 29.86
C LEU A 372 51.82 -9.63 29.89
N LEU A 373 51.74 -8.90 31.01
CA LEU A 373 52.54 -7.68 31.17
C LEU A 373 54.05 -7.93 30.99
N PRO A 374 54.65 -8.96 31.60
CA PRO A 374 56.12 -9.13 31.43
C PRO A 374 56.53 -9.31 29.98
N HIS A 375 55.82 -10.17 29.23
CA HIS A 375 56.18 -10.48 27.86
C HIS A 375 56.40 -9.23 27.00
N ILE A 376 55.68 -8.15 27.29
CA ILE A 376 55.58 -7.01 26.39
C ILE A 376 56.21 -5.76 26.99
N LEU A 377 55.90 -5.44 28.26
CA LEU A 377 56.19 -4.12 28.84
C LEU A 377 57.55 -3.53 28.48
N PRO A 378 58.68 -4.25 28.53
CA PRO A 378 59.93 -3.64 28.05
C PRO A 378 59.84 -3.15 26.62
N LEU A 379 59.23 -3.94 25.74
CA LEU A 379 59.04 -3.53 24.35
C LEU A 379 58.26 -2.22 24.27
N LEU A 380 57.17 -2.10 25.03
CA LEU A 380 56.39 -0.86 25.03
C LEU A 380 57.24 0.32 25.50
N LYS A 381 57.88 0.17 26.67
CA LYS A 381 58.74 1.22 27.21
C LYS A 381 59.79 1.67 26.19
N GLU A 382 60.27 0.75 25.35
CA GLU A 382 61.18 1.08 24.27
C GLU A 382 60.48 1.84 23.14
N LEU A 383 59.59 1.14 22.42
CA LEU A 383 59.06 1.63 21.15
C LEU A 383 58.22 2.89 21.31
N LEU A 384 57.58 3.07 22.47
CA LEU A 384 56.70 4.22 22.65
C LEU A 384 57.43 5.56 22.62
N PHE A 385 58.75 5.57 22.81
CA PHE A 385 59.52 6.81 22.83
C PHE A 385 60.60 6.82 21.76
N HIS A 386 60.42 6.03 20.70
CA HIS A 386 61.41 5.97 19.62
C HIS A 386 61.41 7.28 18.84
N HIS A 387 62.29 7.37 17.85
CA HIS A 387 62.32 8.53 16.96
C HIS A 387 61.94 8.17 15.53
N GLU A 388 62.48 7.07 15.00
CA GLU A 388 61.97 6.52 13.75
C GLU A 388 60.53 6.11 13.99
N TRP A 389 59.59 6.93 13.50
CA TRP A 389 58.18 6.79 13.88
C TRP A 389 57.56 5.49 13.37
N VAL A 390 58.14 4.85 12.36
CA VAL A 390 57.58 3.62 11.83
C VAL A 390 57.52 2.53 12.91
N VAL A 391 58.34 2.65 13.95
CA VAL A 391 58.30 1.72 15.06
C VAL A 391 57.39 2.24 16.19
N LYS A 392 57.50 3.53 16.51
CA LYS A 392 56.63 4.14 17.52
C LYS A 392 55.16 3.91 17.21
N GLU A 393 54.77 4.04 15.94
CA GLU A 393 53.42 3.70 15.52
C GLU A 393 53.05 2.29 15.94
N SER A 394 53.95 1.32 15.67
CA SER A 394 53.70 -0.05 16.09
C SER A 394 53.52 -0.16 17.59
N GLY A 395 54.33 0.58 18.35
CA GLY A 395 54.18 0.56 19.80
C GLY A 395 52.82 1.07 20.27
N ILE A 396 52.40 2.22 19.74
CA ILE A 396 51.10 2.79 20.10
C ILE A 396 49.99 1.82 19.73
N LEU A 397 50.08 1.20 18.54
CA LEU A 397 49.10 0.20 18.14
C LEU A 397 49.06 -0.98 19.11
N VAL A 398 50.24 -1.47 19.53
CA VAL A 398 50.29 -2.54 20.51
C VAL A 398 49.60 -2.13 21.80
N LEU A 399 49.82 -0.87 22.23
CA LEU A 399 49.08 -0.36 23.39
C LEU A 399 47.57 -0.42 23.13
N GLY A 400 47.13 -0.09 21.92
CA GLY A 400 45.72 -0.21 21.58
C GLY A 400 45.24 -1.66 21.50
N ALA A 401 46.16 -2.61 21.34
CA ALA A 401 45.79 -4.01 21.14
C ALA A 401 45.61 -4.76 22.45
N ILE A 402 46.23 -4.30 23.53
CA ILE A 402 46.17 -4.95 24.82
C ILE A 402 45.24 -4.23 25.79
N ALA A 403 44.61 -3.13 25.35
CA ALA A 403 43.80 -2.31 26.24
C ALA A 403 42.61 -3.10 26.80
N GLU A 404 41.78 -3.65 25.92
CA GLU A 404 40.61 -4.40 26.38
C GLU A 404 41.02 -5.67 27.11
N GLY A 405 42.05 -6.36 26.62
CA GLY A 405 42.51 -7.57 27.26
C GLY A 405 43.13 -7.33 28.62
N CYS A 406 44.21 -6.59 28.65
CA CYS A 406 44.95 -6.33 29.88
C CYS A 406 44.61 -4.95 30.44
N MET A 407 43.32 -4.76 30.74
CA MET A 407 42.86 -3.47 31.23
C MET A 407 43.16 -3.27 32.71
N GLN A 408 42.88 -4.30 33.53
CA GLN A 408 43.02 -4.14 34.97
C GLN A 408 44.48 -4.00 35.38
N GLY A 409 45.38 -4.75 34.72
CA GLY A 409 46.79 -4.65 35.03
C GLY A 409 47.53 -3.47 34.43
N MET A 410 46.90 -2.75 33.51
CA MET A 410 47.54 -1.61 32.85
C MET A 410 47.28 -0.29 33.55
N ILE A 411 46.23 -0.22 34.39
CA ILE A 411 45.83 1.06 35.00
C ILE A 411 46.98 1.77 35.73
N PRO A 412 47.78 1.11 36.58
CA PRO A 412 48.79 1.87 37.34
C PRO A 412 49.78 2.65 36.49
N TYR A 413 50.13 2.16 35.30
CA TYR A 413 51.10 2.85 34.44
C TYR A 413 50.47 4.01 33.66
N LEU A 414 49.15 4.14 33.68
CA LEU A 414 48.42 5.07 32.81
C LEU A 414 48.68 6.56 33.07
N PRO A 415 48.70 7.03 34.33
CA PRO A 415 48.80 8.48 34.57
C PRO A 415 49.92 9.18 33.81
N GLU A 416 51.00 8.47 33.45
CA GLU A 416 52.02 9.04 32.58
C GLU A 416 51.79 8.68 31.11
N LEU A 417 51.14 7.56 30.84
CA LEU A 417 50.98 7.09 29.46
C LEU A 417 50.15 8.06 28.63
N ILE A 418 48.96 8.45 29.13
CA ILE A 418 48.05 9.26 28.32
C ILE A 418 48.68 10.58 27.89
N PRO A 419 49.33 11.37 28.76
CA PRO A 419 49.91 12.63 28.27
C PRO A 419 50.88 12.46 27.13
N HIS A 420 51.73 11.42 27.14
CA HIS A 420 52.61 11.17 26.01
C HIS A 420 51.81 10.95 24.74
N LEU A 421 50.65 10.29 24.86
CA LEU A 421 49.75 10.17 23.71
C LEU A 421 49.08 11.50 23.41
N ILE A 422 48.71 12.26 24.45
CA ILE A 422 48.14 13.60 24.25
C ILE A 422 49.08 14.44 23.40
N GLN A 423 50.33 14.55 23.85
CA GLN A 423 51.34 15.26 23.06
C GLN A 423 51.57 14.57 21.73
N CYS A 424 51.43 13.24 21.68
CA CYS A 424 51.56 12.53 20.41
C CYS A 424 50.49 12.94 19.42
N LEU A 425 49.35 13.47 19.89
CA LEU A 425 48.35 13.97 18.97
C LEU A 425 48.84 15.15 18.16
N SER A 426 49.93 15.79 18.58
CA SER A 426 50.50 16.92 17.86
C SER A 426 51.56 16.51 16.84
N ASP A 427 51.68 15.21 16.56
CA ASP A 427 52.64 14.73 15.57
C ASP A 427 52.28 15.26 14.17
N LYS A 428 53.29 15.32 13.31
CA LYS A 428 53.08 15.83 11.96
C LYS A 428 52.72 14.73 10.97
N LYS A 429 53.23 13.51 11.15
CA LYS A 429 52.87 12.42 10.26
C LYS A 429 51.48 11.91 10.61
N ALA A 430 50.75 11.48 9.58
CA ALA A 430 49.32 11.22 9.71
C ALA A 430 49.03 9.92 10.45
N LEU A 431 49.71 8.82 10.06
CA LEU A 431 49.41 7.52 10.64
C LEU A 431 49.58 7.51 12.15
N VAL A 432 50.67 8.10 12.66
CA VAL A 432 50.89 8.13 14.10
C VAL A 432 49.83 8.97 14.79
N ARG A 433 49.40 10.07 14.16
CA ARG A 433 48.37 10.92 14.74
C ARG A 433 47.05 10.16 14.87
N SER A 434 46.62 9.51 13.79
CA SER A 434 45.35 8.76 13.80
C SER A 434 45.40 7.62 14.82
N ILE A 435 46.46 6.79 14.75
CA ILE A 435 46.56 5.66 15.67
C ILE A 435 46.63 6.16 17.10
N THR A 436 47.16 7.37 17.30
CA THR A 436 47.13 7.99 18.62
C THR A 436 45.71 8.36 19.02
N CYS A 437 44.89 8.80 18.04
CA CYS A 437 43.50 9.10 18.33
C CYS A 437 42.75 7.86 18.78
N TRP A 438 42.90 6.76 18.04
CA TRP A 438 42.14 5.55 18.37
C TRP A 438 42.66 4.89 19.64
N THR A 439 43.97 4.60 19.70
CA THR A 439 44.54 3.96 20.89
C THR A 439 44.29 4.81 22.13
N LEU A 440 44.44 6.14 21.99
CA LEU A 440 44.10 7.04 23.10
C LEU A 440 42.62 6.91 23.47
N SER A 441 41.76 6.75 22.46
CA SER A 441 40.33 6.62 22.70
C SER A 441 39.99 5.33 23.44
N ARG A 442 40.83 4.30 23.34
CA ARG A 442 40.50 3.02 23.94
C ARG A 442 40.47 3.05 25.46
N TYR A 443 41.11 4.03 26.09
CA TYR A 443 41.07 4.13 27.56
C TYR A 443 40.12 5.23 28.01
N ALA A 444 38.95 5.25 27.38
CA ALA A 444 37.95 6.27 27.66
C ALA A 444 37.47 6.19 29.10
N HIS A 445 37.34 4.97 29.64
CA HIS A 445 36.89 4.81 31.02
C HIS A 445 37.85 5.50 31.99
N TRP A 446 39.14 5.12 31.95
CA TRP A 446 40.08 5.69 32.89
C TRP A 446 40.25 7.19 32.68
N VAL A 447 40.17 7.65 31.43
CA VAL A 447 40.24 9.09 31.19
C VAL A 447 39.06 9.81 31.83
N VAL A 448 37.84 9.26 31.69
CA VAL A 448 36.66 9.91 32.25
C VAL A 448 36.39 9.53 33.70
N SER A 449 37.15 8.60 34.28
CA SER A 449 36.99 8.23 35.68
C SER A 449 38.04 8.89 36.56
N GLN A 450 38.58 10.02 36.11
CA GLN A 450 39.58 10.81 36.80
C GLN A 450 39.18 12.28 36.64
N PRO A 451 39.87 13.23 37.29
CA PRO A 451 39.40 14.62 37.24
C PRO A 451 39.37 15.13 35.82
N PRO A 452 38.45 16.06 35.50
CA PRO A 452 38.28 16.53 34.12
C PRO A 452 39.35 17.51 33.65
N ASP A 453 39.59 18.57 34.43
CA ASP A 453 40.61 19.56 34.09
C ASP A 453 42.00 18.94 33.97
N THR A 454 42.19 17.74 34.50
CA THR A 454 43.49 17.07 34.46
C THR A 454 43.67 16.24 33.19
N TYR A 455 42.63 15.51 32.78
CA TYR A 455 42.74 14.59 31.65
C TYR A 455 41.68 14.84 30.59
N LEU A 456 40.40 14.92 31.00
CA LEU A 456 39.33 14.95 30.02
C LEU A 456 39.33 16.27 29.25
N LYS A 457 39.62 17.39 29.93
CA LYS A 457 39.67 18.67 29.24
C LYS A 457 40.80 18.73 28.22
N PRO A 458 42.06 18.39 28.55
CA PRO A 458 43.10 18.41 27.51
C PRO A 458 42.86 17.44 26.38
N LEU A 459 42.39 16.23 26.69
CA LEU A 459 42.05 15.26 25.64
C LEU A 459 41.00 15.82 24.69
N MET A 460 39.91 16.36 25.24
CA MET A 460 38.87 16.96 24.41
C MET A 460 39.44 18.09 23.57
N THR A 461 40.27 18.94 24.16
CA THR A 461 40.83 20.10 23.47
C THR A 461 41.68 19.68 22.28
N GLU A 462 42.73 18.89 22.54
CA GLU A 462 43.64 18.50 21.47
C GLU A 462 42.93 17.61 20.44
N LEU A 463 42.08 16.70 20.91
CA LEU A 463 41.29 15.88 20.01
C LEU A 463 40.46 16.74 19.06
N LEU A 464 39.80 17.76 19.59
CA LEU A 464 39.03 18.68 18.75
C LEU A 464 39.93 19.47 17.81
N LYS A 465 41.15 19.79 18.24
CA LYS A 465 42.06 20.55 17.39
C LYS A 465 42.56 19.72 16.22
N ARG A 466 42.72 18.41 16.41
CA ARG A 466 43.14 17.53 15.32
C ARG A 466 41.96 16.96 14.53
N ILE A 467 40.72 17.10 15.03
CA ILE A 467 39.54 16.73 14.23
C ILE A 467 39.45 17.59 12.99
N LEU A 468 39.85 18.86 13.08
CA LEU A 468 39.83 19.76 11.94
C LEU A 468 41.18 19.66 11.23
N ASP A 469 41.33 18.59 10.44
CA ASP A 469 42.58 18.27 9.77
C ASP A 469 42.40 18.36 8.26
N SER A 470 43.53 18.57 7.57
CA SER A 470 43.56 18.53 6.12
C SER A 470 43.67 17.10 5.59
N ASN A 471 43.90 16.12 6.46
CA ASN A 471 44.01 14.72 6.06
C ASN A 471 42.71 14.01 6.43
N LYS A 472 42.27 13.10 5.56
CA LYS A 472 40.95 12.49 5.69
C LYS A 472 40.89 11.50 6.86
N ARG A 473 41.82 10.55 6.91
CA ARG A 473 41.78 9.51 7.93
C ARG A 473 41.90 10.09 9.33
N VAL A 474 42.53 11.26 9.48
CA VAL A 474 42.58 11.91 10.78
C VAL A 474 41.19 12.43 11.16
N GLN A 475 40.45 12.97 10.20
CA GLN A 475 39.08 13.38 10.47
C GLN A 475 38.21 12.18 10.86
N GLU A 476 38.25 11.11 10.05
CA GLU A 476 37.36 9.97 10.30
C GLU A 476 37.72 9.25 11.59
N ALA A 477 39.01 9.01 11.82
CA ALA A 477 39.41 8.28 13.01
C ALA A 477 39.26 9.15 14.25
N ALA A 478 39.54 10.45 14.12
CA ALA A 478 39.36 11.36 15.24
C ALA A 478 37.89 11.46 15.62
N CYS A 479 37.00 11.46 14.64
CA CYS A 479 35.57 11.44 14.92
C CYS A 479 35.16 10.12 15.58
N SER A 480 35.57 9.00 15.00
CA SER A 480 35.25 7.69 15.58
C SER A 480 35.93 7.46 16.92
N ALA A 481 36.82 8.35 17.34
CA ALA A 481 37.36 8.35 18.69
C ALA A 481 36.56 9.27 19.61
N PHE A 482 36.15 10.43 19.09
CA PHE A 482 35.28 11.33 19.85
C PHE A 482 33.98 10.64 20.22
N ALA A 483 33.44 9.83 19.31
CA ALA A 483 32.20 9.09 19.58
C ALA A 483 32.34 8.23 20.82
N THR A 484 33.43 7.45 20.90
CA THR A 484 33.68 6.64 22.09
C THR A 484 33.87 7.52 23.32
N LEU A 485 34.56 8.66 23.15
CA LEU A 485 34.80 9.56 24.28
C LEU A 485 33.50 10.08 24.88
N GLU A 486 32.52 10.42 24.03
CA GLU A 486 31.21 10.83 24.55
C GLU A 486 30.46 9.64 25.11
N GLU A 487 30.58 8.48 24.45
CA GLU A 487 29.88 7.28 24.85
C GLU A 487 30.26 6.85 26.26
N GLU A 488 31.51 7.11 26.66
CA GLU A 488 31.95 6.79 28.02
C GLU A 488 31.95 7.99 28.95
N ALA A 489 31.91 9.22 28.40
CA ALA A 489 31.96 10.41 29.24
C ALA A 489 30.58 10.85 29.72
N CYS A 490 29.58 10.83 28.83
CA CYS A 490 28.18 11.12 29.18
C CYS A 490 28.10 12.56 29.70
N THR A 491 27.52 12.80 30.87
CA THR A 491 27.13 14.15 31.31
C THR A 491 28.33 15.07 31.55
N GLU A 492 29.56 14.56 31.57
CA GLU A 492 30.72 15.40 31.85
C GLU A 492 30.98 16.44 30.77
N LEU A 493 30.23 16.41 29.67
CA LEU A 493 30.45 17.29 28.53
C LEU A 493 29.55 18.52 28.52
N VAL A 494 28.79 18.76 29.60
CA VAL A 494 27.85 19.88 29.63
C VAL A 494 28.56 21.23 29.55
N PRO A 495 29.60 21.52 30.34
CA PRO A 495 30.17 22.88 30.31
C PRO A 495 30.81 23.26 28.99
N TYR A 496 31.27 22.29 28.20
CA TYR A 496 32.05 22.57 27.00
C TYR A 496 31.24 22.45 25.71
N LEU A 497 29.90 22.35 25.81
CA LEU A 497 29.08 22.12 24.62
C LEU A 497 29.19 23.24 23.60
N ALA A 498 29.53 24.46 24.04
CA ALA A 498 29.73 25.56 23.11
C ALA A 498 30.88 25.27 22.15
N TYR A 499 32.05 24.93 22.70
CA TYR A 499 33.21 24.61 21.87
C TYR A 499 33.01 23.29 21.12
N ILE A 500 32.40 22.29 21.77
CA ILE A 500 32.16 21.00 21.13
C ILE A 500 31.32 21.20 19.87
N LEU A 501 30.15 21.83 20.03
CA LEU A 501 29.26 22.04 18.89
C LEU A 501 29.86 23.01 17.89
N ASP A 502 30.63 24.00 18.36
CA ASP A 502 31.27 24.94 17.44
C ASP A 502 32.23 24.21 16.51
N THR A 503 33.11 23.38 17.07
CA THR A 503 34.06 22.66 16.22
C THR A 503 33.37 21.59 15.39
N LEU A 504 32.33 20.95 15.93
CA LEU A 504 31.66 19.88 15.19
C LEU A 504 30.84 20.43 14.02
N VAL A 505 30.25 21.63 14.16
CA VAL A 505 29.56 22.22 13.03
C VAL A 505 30.53 22.89 12.06
N PHE A 506 31.66 23.42 12.56
CA PHE A 506 32.72 23.84 11.65
C PHE A 506 33.14 22.67 10.77
N ALA A 507 33.28 21.49 11.38
CA ALA A 507 33.53 20.28 10.61
C ALA A 507 32.33 19.89 9.76
N PHE A 508 31.12 20.30 10.16
CA PHE A 508 29.95 19.99 9.36
C PHE A 508 30.00 20.71 8.03
N SER A 509 30.27 22.02 8.06
CA SER A 509 30.41 22.79 6.84
C SER A 509 31.73 22.53 6.13
N LYS A 510 32.70 21.88 6.80
CA LYS A 510 34.04 21.71 6.23
C LYS A 510 34.33 20.28 5.77
N TYR A 511 33.48 19.31 6.10
CA TYR A 511 33.77 17.92 5.77
C TYR A 511 33.45 17.63 4.31
N GLN A 512 33.49 16.35 3.95
CA GLN A 512 33.25 15.88 2.59
C GLN A 512 31.96 15.07 2.57
N HIS A 513 32.06 13.74 2.41
CA HIS A 513 30.87 12.90 2.41
C HIS A 513 31.06 11.60 3.18
N LYS A 514 32.20 10.93 2.99
CA LYS A 514 32.42 9.65 3.67
C LYS A 514 32.66 9.84 5.17
N ASN A 515 33.21 10.99 5.56
CA ASN A 515 33.35 11.29 6.99
C ASN A 515 32.10 11.92 7.58
N LEU A 516 31.20 12.43 6.74
CA LEU A 516 29.98 13.07 7.23
C LEU A 516 29.07 12.06 7.93
N LEU A 517 29.02 10.82 7.42
CA LEU A 517 28.30 9.76 8.10
C LEU A 517 28.77 9.60 9.55
N ILE A 518 30.09 9.64 9.75
CA ILE A 518 30.65 9.50 11.09
C ILE A 518 30.44 10.78 11.89
N LEU A 519 30.28 11.92 11.22
CA LEU A 519 29.90 13.14 11.93
C LEU A 519 28.48 13.02 12.48
N TYR A 520 27.53 12.55 11.67
CA TYR A 520 26.20 12.25 12.16
C TYR A 520 26.26 11.27 13.32
N ASP A 521 27.14 10.26 13.21
CA ASP A 521 27.39 9.34 14.32
C ASP A 521 27.81 10.10 15.57
N ALA A 522 28.71 11.08 15.41
CA ALA A 522 29.26 11.81 16.55
C ALA A 522 28.21 12.66 17.23
N ILE A 523 27.40 13.39 16.46
CA ILE A 523 26.39 14.26 17.06
C ILE A 523 25.26 13.43 17.68
N GLY A 524 24.84 12.37 16.98
CA GLY A 524 23.85 11.47 17.57
C GLY A 524 24.30 10.89 18.89
N THR A 525 25.54 10.37 18.93
CA THR A 525 26.11 9.89 20.17
C THR A 525 26.22 11.02 21.20
N LEU A 526 26.40 12.25 20.74
CA LEU A 526 26.46 13.41 21.63
C LEU A 526 25.12 13.59 22.34
N ALA A 527 24.07 13.89 21.58
CA ALA A 527 22.75 14.10 22.18
C ALA A 527 22.34 12.90 23.02
N ASP A 528 22.69 11.69 22.58
CA ASP A 528 22.42 10.50 23.39
C ASP A 528 23.20 10.51 24.70
N SER A 529 24.38 11.15 24.71
CA SER A 529 25.25 11.14 25.87
C SER A 529 24.95 12.25 26.87
N VAL A 530 24.67 13.46 26.38
CA VAL A 530 24.45 14.61 27.26
C VAL A 530 22.98 14.92 27.47
N GLY A 531 22.08 14.20 26.79
CA GLY A 531 20.66 14.23 27.14
C GLY A 531 20.03 15.61 27.08
N HIS A 532 19.18 15.89 28.08
CA HIS A 532 18.33 17.07 28.06
C HIS A 532 19.12 18.38 28.05
N HIS A 533 20.28 18.41 28.70
CA HIS A 533 21.02 19.65 28.92
C HIS A 533 21.43 20.34 27.63
N LEU A 534 21.12 19.75 26.47
CA LEU A 534 21.33 20.43 25.20
C LEU A 534 20.35 21.58 24.99
N ASN A 535 19.18 21.53 25.63
CA ASN A 535 18.07 22.44 25.32
C ASN A 535 18.41 23.85 25.77
N LYS A 536 19.22 24.53 24.95
CA LYS A 536 19.45 25.95 25.04
C LYS A 536 19.31 26.57 23.65
N PRO A 537 18.65 27.73 23.54
CA PRO A 537 18.31 28.24 22.20
C PRO A 537 19.51 28.53 21.33
N GLU A 538 20.63 28.97 21.91
CA GLU A 538 21.81 29.27 21.11
C GLU A 538 22.55 28.00 20.70
N TYR A 539 22.53 26.95 21.54
CA TYR A 539 23.02 25.65 21.11
C TYR A 539 22.22 25.14 19.93
N ILE A 540 20.89 25.37 19.95
CA ILE A 540 20.05 25.07 18.81
C ILE A 540 20.45 25.92 17.61
N GLN A 541 20.82 27.17 17.84
CA GLN A 541 21.28 28.01 16.74
C GLN A 541 22.60 27.54 16.15
N MET A 542 23.41 26.81 16.92
CA MET A 542 24.61 26.22 16.35
C MET A 542 24.31 24.91 15.62
N LEU A 543 23.45 24.06 16.19
CA LEU A 543 23.33 22.68 15.75
C LEU A 543 22.24 22.46 14.71
N MET A 544 21.12 23.20 14.81
CA MET A 544 19.93 22.94 14.00
C MET A 544 19.92 23.60 12.61
N PRO A 545 20.45 24.80 12.41
CA PRO A 545 20.45 25.40 11.06
C PRO A 545 21.12 24.51 10.01
N PRO A 546 22.29 23.92 10.29
CA PRO A 546 22.89 23.05 9.25
C PRO A 546 22.12 21.77 9.01
N LEU A 547 21.61 21.14 10.08
CA LEU A 547 20.79 19.95 9.92
C LEU A 547 19.50 20.24 9.16
N ILE A 548 18.98 21.46 9.29
CA ILE A 548 17.81 21.87 8.52
C ILE A 548 18.19 22.17 7.08
N GLN A 549 19.38 22.68 6.83
CA GLN A 549 19.82 22.89 5.45
C GLN A 549 19.96 21.55 4.73
N LYS A 550 20.70 20.61 5.33
CA LYS A 550 20.78 19.26 4.80
C LYS A 550 19.39 18.62 4.70
N TRP A 551 18.49 18.98 5.62
CA TRP A 551 17.13 18.45 5.58
C TRP A 551 16.39 18.96 4.34
N ASN A 552 16.54 20.25 4.02
CA ASN A 552 15.77 20.86 2.95
C ASN A 552 16.33 20.51 1.57
N MET A 553 17.66 20.42 1.44
CA MET A 553 18.25 20.18 0.13
C MET A 553 18.03 18.75 -0.37
N LEU A 554 17.78 17.80 0.53
CA LEU A 554 17.64 16.40 0.16
C LEU A 554 16.19 16.02 -0.16
N LYS A 555 16.03 15.15 -1.14
CA LYS A 555 14.75 14.60 -1.54
C LYS A 555 14.51 13.22 -0.91
N ASP A 556 13.26 12.77 -0.99
CA ASP A 556 12.82 11.56 -0.30
C ASP A 556 13.49 10.29 -0.83
N GLU A 557 13.83 10.25 -2.12
CA GLU A 557 14.43 9.05 -2.68
C GLU A 557 15.95 9.02 -2.52
N ASP A 558 16.50 9.96 -1.76
CA ASP A 558 17.94 10.04 -1.56
C ASP A 558 18.31 9.17 -0.36
N LYS A 559 19.20 8.19 -0.59
CA LYS A 559 19.56 7.24 0.46
C LYS A 559 20.30 7.89 1.63
N ASP A 560 20.94 9.06 1.40
CA ASP A 560 21.67 9.73 2.47
C ASP A 560 20.75 10.19 3.59
N LEU A 561 19.43 10.09 3.42
CA LEU A 561 18.52 10.37 4.53
C LEU A 561 18.57 9.32 5.62
N PHE A 562 19.17 8.14 5.34
CA PHE A 562 19.23 7.08 6.35
C PHE A 562 19.90 7.52 7.65
N PRO A 563 21.14 8.06 7.65
CA PRO A 563 21.74 8.46 8.92
C PRO A 563 21.16 9.77 9.46
N LEU A 564 20.86 10.71 8.56
CA LEU A 564 20.40 12.04 8.98
C LEU A 564 19.24 11.94 9.96
N LEU A 565 18.14 11.32 9.53
CA LEU A 565 17.00 11.10 10.41
C LEU A 565 17.45 10.46 11.72
N GLU A 566 18.24 9.38 11.62
CA GLU A 566 18.79 8.73 12.81
C GLU A 566 19.47 9.76 13.71
N CYS A 567 20.38 10.56 13.13
CA CYS A 567 20.99 11.66 13.87
C CYS A 567 19.93 12.51 14.54
N LEU A 568 19.01 13.05 13.74
CA LEU A 568 17.94 13.88 14.28
C LEU A 568 17.17 13.13 15.35
N SER A 569 16.99 11.82 15.16
CA SER A 569 16.33 10.99 16.16
C SER A 569 16.93 11.23 17.55
N SER A 570 18.25 10.99 17.67
CA SER A 570 18.91 11.20 18.95
C SER A 570 18.80 12.66 19.36
N VAL A 571 18.94 13.57 18.39
CA VAL A 571 18.80 14.99 18.69
C VAL A 571 17.38 15.29 19.17
N ALA A 572 16.39 14.64 18.55
CA ALA A 572 15.02 14.82 19.00
C ALA A 572 14.81 14.31 20.42
N THR A 573 15.67 13.42 20.89
CA THR A 573 15.58 12.98 22.27
C THR A 573 16.12 14.05 23.23
N ALA A 574 17.07 14.86 22.77
CA ALA A 574 17.77 15.80 23.63
C ALA A 574 17.19 17.21 23.60
N LEU A 575 16.71 17.67 22.43
CA LEU A 575 16.21 19.04 22.34
C LEU A 575 14.90 19.20 23.11
N GLN A 576 14.12 18.14 23.23
CA GLN A 576 12.88 18.11 24.03
C GLN A 576 11.94 19.22 23.54
N SER A 577 11.32 19.96 24.46
CA SER A 577 10.33 20.98 24.12
C SER A 577 10.91 22.11 23.26
N GLY A 578 12.22 22.33 23.30
CA GLY A 578 12.81 23.32 22.41
C GLY A 578 12.65 23.00 20.94
N PHE A 579 12.39 21.73 20.61
CA PHE A 579 12.16 21.28 19.25
C PHE A 579 10.70 21.47 18.79
N LEU A 580 9.91 22.25 19.54
CA LEU A 580 8.49 22.38 19.22
C LEU A 580 8.25 23.08 17.88
N PRO A 581 8.90 24.21 17.56
CA PRO A 581 8.55 24.92 16.30
C PRO A 581 8.71 24.08 15.04
N TYR A 582 9.53 23.02 15.07
CA TYR A 582 9.79 22.22 13.89
C TYR A 582 9.17 20.83 13.98
N CYS A 583 8.25 20.61 14.90
CA CYS A 583 7.65 19.28 15.07
C CYS A 583 6.71 18.95 13.91
N GLU A 584 5.87 19.93 13.51
CA GLU A 584 4.88 19.70 12.47
C GLU A 584 5.50 19.20 11.17
N PRO A 585 6.46 19.92 10.55
CA PRO A 585 6.94 19.46 9.24
C PRO A 585 7.67 18.12 9.30
N VAL A 586 8.53 17.93 10.31
CA VAL A 586 9.28 16.68 10.44
C VAL A 586 8.31 15.51 10.59
N TYR A 587 7.39 15.59 11.57
CA TYR A 587 6.38 14.56 11.76
C TYR A 587 5.65 14.24 10.47
N GLN A 588 5.14 15.28 9.79
CA GLN A 588 4.44 15.08 8.53
C GLN A 588 5.30 14.31 7.53
N ARG A 589 6.54 14.78 7.30
CA ARG A 589 7.41 14.13 6.31
C ARG A 589 7.65 12.66 6.66
N CYS A 590 7.75 12.34 7.95
CA CYS A 590 7.93 10.95 8.35
C CYS A 590 6.69 10.12 8.00
N VAL A 591 5.50 10.60 8.40
CA VAL A 591 4.26 9.89 8.09
C VAL A 591 4.14 9.68 6.59
N ASN A 592 4.45 10.71 5.80
CA ASN A 592 4.44 10.60 4.34
C ASN A 592 5.39 9.50 3.86
N LEU A 593 6.65 9.52 4.33
CA LEU A 593 7.60 8.49 3.94
C LEU A 593 7.05 7.09 4.20
N VAL A 594 6.53 6.88 5.41
CA VAL A 594 5.95 5.58 5.76
C VAL A 594 4.84 5.21 4.77
N GLN A 595 3.90 6.14 4.56
CA GLN A 595 2.81 5.95 3.61
C GLN A 595 3.33 5.46 2.26
N LYS A 596 4.24 6.22 1.65
CA LYS A 596 4.78 5.88 0.35
C LYS A 596 5.40 4.48 0.34
N THR A 597 6.24 4.19 1.35
CA THR A 597 6.93 2.90 1.40
C THR A 597 5.91 1.76 1.48
N LEU A 598 4.94 1.86 2.38
CA LEU A 598 3.90 0.84 2.49
C LEU A 598 3.13 0.66 1.19
N ALA A 599 2.77 1.76 0.53
CA ALA A 599 2.11 1.69 -0.77
C ALA A 599 2.93 0.86 -1.76
N GLN A 600 4.20 1.24 -1.94
CA GLN A 600 5.09 0.49 -2.84
C GLN A 600 5.16 -0.98 -2.45
N ALA A 601 5.20 -1.25 -1.15
CA ALA A 601 5.19 -2.64 -0.67
C ALA A 601 3.96 -3.38 -1.17
N MET A 602 2.78 -2.76 -1.03
CA MET A 602 1.55 -3.34 -1.54
C MET A 602 1.65 -3.62 -3.03
N LEU A 603 2.17 -2.65 -3.78
CA LEU A 603 2.27 -2.81 -5.24
C LEU A 603 3.16 -4.00 -5.60
N ASN A 604 4.32 -4.12 -4.96
CA ASN A 604 5.19 -5.27 -5.21
C ASN A 604 4.56 -6.57 -4.70
N ASN A 605 3.64 -6.48 -3.75
CA ASN A 605 2.94 -7.66 -3.25
C ASN A 605 1.85 -8.12 -4.21
N ALA A 606 1.29 -7.20 -4.99
CA ALA A 606 0.16 -7.53 -5.85
C ALA A 606 0.59 -7.88 -7.26
N GLN A 607 1.71 -7.33 -7.73
CA GLN A 607 2.16 -7.54 -9.11
C GLN A 607 3.67 -7.33 -9.21
N PRO A 608 4.46 -8.39 -9.08
CA PRO A 608 5.92 -8.20 -9.14
C PRO A 608 6.42 -7.83 -10.52
N ASP A 609 5.84 -8.42 -11.57
CA ASP A 609 6.36 -8.26 -12.93
C ASP A 609 6.13 -6.86 -13.48
N GLN A 610 5.24 -6.06 -12.89
CA GLN A 610 4.98 -4.72 -13.39
C GLN A 610 5.40 -3.60 -12.43
N TYR A 611 5.38 -3.83 -11.12
CA TYR A 611 5.69 -2.79 -10.16
C TYR A 611 7.03 -3.05 -9.47
N GLU A 612 7.55 -1.99 -8.87
CA GLU A 612 8.87 -1.99 -8.26
C GLU A 612 8.79 -2.47 -6.80
N ALA A 613 9.92 -3.01 -6.30
CA ALA A 613 10.07 -3.36 -4.90
C ALA A 613 10.80 -2.26 -4.16
N PRO A 614 10.31 -1.84 -2.99
CA PRO A 614 10.92 -0.71 -2.28
C PRO A 614 12.03 -1.16 -1.35
N ASP A 615 12.81 -0.18 -0.91
CA ASP A 615 13.82 -0.39 0.13
C ASP A 615 13.17 -0.03 1.47
N LYS A 616 12.90 -1.05 2.28
CA LYS A 616 12.19 -0.86 3.55
C LYS A 616 13.04 -0.19 4.62
N ASP A 617 14.33 0.05 4.35
CA ASP A 617 15.16 0.83 5.25
C ASP A 617 14.63 2.24 5.45
N PHE A 618 13.71 2.69 4.59
CA PHE A 618 13.06 3.99 4.77
C PHE A 618 12.01 3.95 5.88
N MET A 619 11.40 2.80 6.13
CA MET A 619 10.38 2.72 7.17
C MET A 619 11.01 2.83 8.56
N ILE A 620 11.89 1.88 8.88
CA ILE A 620 12.50 1.80 10.21
C ILE A 620 12.99 3.17 10.67
N VAL A 621 13.91 3.76 9.92
CA VAL A 621 14.51 5.03 10.32
C VAL A 621 13.44 6.07 10.60
N ALA A 622 12.45 6.16 9.70
CA ALA A 622 11.34 7.09 9.91
C ALA A 622 10.67 6.82 11.26
N LEU A 623 10.26 5.57 11.46
CA LEU A 623 9.67 5.17 12.74
C LEU A 623 10.60 5.54 13.89
N ASP A 624 11.90 5.25 13.74
CA ASP A 624 12.87 5.61 14.76
C ASP A 624 12.72 7.08 15.14
N LEU A 625 12.78 7.96 14.13
CA LEU A 625 12.58 9.38 14.39
C LEU A 625 11.27 9.60 15.13
N LEU A 626 10.17 9.08 14.58
CA LEU A 626 8.88 9.17 15.24
C LEU A 626 8.98 8.65 16.66
N SER A 627 9.60 7.48 16.82
CA SER A 627 9.91 6.95 18.14
C SER A 627 10.57 8.03 19.00
N GLY A 628 11.76 8.46 18.58
CA GLY A 628 12.45 9.51 19.30
C GLY A 628 11.58 10.73 19.51
N LEU A 629 10.79 11.09 18.50
CA LEU A 629 9.94 12.27 18.61
C LEU A 629 9.05 12.18 19.84
N ALA A 630 8.37 11.04 20.01
CA ALA A 630 7.54 10.87 21.19
C ALA A 630 8.39 10.97 22.46
N GLU A 631 9.54 10.28 22.46
CA GLU A 631 10.42 10.29 23.62
C GLU A 631 10.96 11.69 23.91
N GLY A 632 10.73 12.66 23.02
CA GLY A 632 11.15 14.02 23.30
C GLY A 632 10.01 14.89 23.76
N LEU A 633 8.78 14.61 23.29
CA LEU A 633 7.67 15.53 23.44
C LEU A 633 6.53 15.00 24.29
N GLY A 634 6.39 13.69 24.46
CA GLY A 634 5.32 13.15 25.28
C GLY A 634 3.96 13.65 24.83
N GLY A 635 3.15 14.05 25.81
CA GLY A 635 1.81 14.55 25.53
C GLY A 635 1.77 15.71 24.55
N ASN A 636 2.89 16.44 24.40
CA ASN A 636 2.90 17.54 23.44
C ASN A 636 2.69 17.09 22.01
N ILE A 637 2.79 15.78 21.74
CA ILE A 637 2.54 15.27 20.39
C ILE A 637 1.07 15.00 20.13
N GLU A 638 0.21 15.22 21.14
CA GLU A 638 -1.20 14.85 21.04
C GLU A 638 -1.85 15.36 19.76
N GLN A 639 -1.80 16.68 19.54
CA GLN A 639 -2.44 17.31 18.38
C GLN A 639 -2.07 16.62 17.08
N LEU A 640 -0.87 16.05 17.00
CA LEU A 640 -0.41 15.46 15.76
C LEU A 640 -0.93 14.03 15.58
N VAL A 641 -1.00 13.26 16.66
CA VAL A 641 -1.29 11.84 16.52
C VAL A 641 -2.75 11.60 16.17
N ALA A 642 -3.66 12.46 16.66
CA ALA A 642 -5.07 12.30 16.34
C ALA A 642 -5.34 12.56 14.86
N ARG A 643 -5.02 13.78 14.40
CA ARG A 643 -5.30 14.21 13.02
C ARG A 643 -4.31 13.67 12.00
N SER A 644 -3.85 12.44 12.17
CA SER A 644 -2.97 11.79 11.20
C SER A 644 -3.21 10.29 11.31
N ASN A 645 -3.60 9.67 10.20
CA ASN A 645 -3.85 8.23 10.16
C ASN A 645 -2.51 7.49 10.19
N ILE A 646 -1.94 7.43 11.40
CA ILE A 646 -0.64 6.81 11.60
C ILE A 646 -0.74 5.48 12.35
N LEU A 647 -1.69 5.33 13.27
CA LEU A 647 -1.85 4.08 14.01
C LEU A 647 -2.08 2.91 13.05
N THR A 648 -2.95 3.11 12.06
CA THR A 648 -3.19 2.09 11.04
C THR A 648 -1.91 1.73 10.29
N LEU A 649 -1.09 2.74 10.01
CA LEU A 649 0.19 2.49 9.35
C LEU A 649 1.09 1.61 10.21
N MET A 650 1.13 1.86 11.51
CA MET A 650 1.90 1.01 12.43
C MET A 650 1.36 -0.42 12.42
N TYR A 651 0.04 -0.56 12.51
CA TYR A 651 -0.58 -1.88 12.47
C TYR A 651 -0.29 -2.60 11.16
N GLN A 652 0.01 -1.85 10.10
CA GLN A 652 0.46 -2.45 8.86
C GLN A 652 1.95 -2.78 8.87
N CYS A 653 2.75 -1.99 9.60
CA CYS A 653 4.19 -2.25 9.69
C CYS A 653 4.49 -3.49 10.51
N MET A 654 3.77 -3.69 11.61
CA MET A 654 4.06 -4.76 12.58
C MET A 654 3.86 -6.17 12.03
N GLN A 655 3.42 -6.32 10.78
CA GLN A 655 3.20 -7.62 10.18
C GLN A 655 4.17 -7.93 9.04
N ASP A 656 5.17 -7.08 8.81
CA ASP A 656 6.08 -7.24 7.68
C ASP A 656 7.01 -8.44 7.90
N LYS A 657 7.93 -8.63 6.96
CA LYS A 657 8.80 -9.80 6.93
C LYS A 657 10.17 -9.54 7.55
N MET A 658 10.74 -8.35 7.36
CA MET A 658 12.04 -8.03 7.95
C MET A 658 11.87 -7.71 9.43
N PRO A 659 12.66 -8.31 10.31
CA PRO A 659 12.51 -8.05 11.75
C PRO A 659 12.71 -6.59 12.14
N GLU A 660 13.50 -5.84 11.36
CA GLU A 660 13.85 -4.47 11.72
C GLU A 660 12.62 -3.58 11.85
N VAL A 661 11.64 -3.74 10.95
CA VAL A 661 10.48 -2.85 10.99
C VAL A 661 9.55 -3.21 12.13
N ARG A 662 9.54 -4.47 12.55
CA ARG A 662 8.78 -4.85 13.74
C ARG A 662 9.47 -4.32 15.00
N GLN A 663 10.80 -4.43 15.06
CA GLN A 663 11.56 -3.86 16.17
C GLN A 663 11.27 -2.36 16.32
N SER A 664 11.51 -1.59 15.25
CA SER A 664 11.34 -0.14 15.31
C SER A 664 9.87 0.24 15.49
N SER A 665 8.96 -0.50 14.86
CA SER A 665 7.54 -0.20 14.98
C SER A 665 7.02 -0.44 16.39
N PHE A 666 7.47 -1.52 17.03
CA PHE A 666 7.08 -1.77 18.42
C PHE A 666 7.70 -0.74 19.36
N ALA A 667 8.95 -0.34 19.10
CA ALA A 667 9.55 0.76 19.86
C ALA A 667 8.69 2.02 19.77
N LEU A 668 8.32 2.41 18.55
CA LEU A 668 7.41 3.54 18.36
C LEU A 668 6.09 3.32 19.10
N LEU A 669 5.59 2.08 19.13
CA LEU A 669 4.34 1.81 19.84
C LEU A 669 4.49 2.08 21.33
N GLY A 670 5.63 1.71 21.92
CA GLY A 670 5.86 2.03 23.31
C GLY A 670 5.93 3.53 23.55
N ASP A 671 6.69 4.24 22.71
CA ASP A 671 6.84 5.68 22.89
C ASP A 671 5.51 6.40 22.74
N LEU A 672 4.68 5.96 21.79
CA LEU A 672 3.37 6.57 21.58
C LEU A 672 2.41 6.23 22.71
N THR A 673 2.48 4.99 23.22
CA THR A 673 1.62 4.59 24.33
C THR A 673 1.91 5.44 25.56
N LYS A 674 3.20 5.62 25.90
CA LYS A 674 3.51 6.47 27.03
C LYS A 674 3.24 7.95 26.72
N ALA A 675 3.26 8.35 25.44
CA ALA A 675 2.93 9.71 25.07
C ALA A 675 1.43 9.96 25.24
N CYS A 676 0.61 9.37 24.35
CA CYS A 676 -0.83 9.57 24.37
C CYS A 676 -1.53 8.23 24.21
N PHE A 677 -2.43 7.91 25.15
CA PHE A 677 -3.22 6.69 25.08
C PHE A 677 -4.70 6.94 24.78
N GLN A 678 -5.16 8.20 24.81
CA GLN A 678 -6.54 8.48 24.45
C GLN A 678 -6.84 8.14 22.99
N HIS A 679 -5.82 8.20 22.13
CA HIS A 679 -5.98 7.86 20.72
C HIS A 679 -5.61 6.42 20.39
N VAL A 680 -4.75 5.78 21.18
CA VAL A 680 -4.33 4.41 20.88
C VAL A 680 -5.35 3.38 21.37
N LYS A 681 -6.12 3.70 22.41
CA LYS A 681 -6.99 2.77 23.13
C LYS A 681 -7.75 1.79 22.24
N PRO A 682 -8.56 2.23 21.27
CA PRO A 682 -9.32 1.25 20.47
C PRO A 682 -8.42 0.28 19.72
N CYS A 683 -7.37 0.80 19.08
CA CYS A 683 -6.44 -0.04 18.34
C CYS A 683 -5.76 -1.08 19.24
N ILE A 684 -5.76 -0.85 20.56
CA ILE A 684 -5.16 -1.81 21.48
C ILE A 684 -5.80 -3.18 21.27
N ALA A 685 -7.11 -3.20 20.97
CA ALA A 685 -7.81 -4.46 20.79
C ALA A 685 -7.17 -5.29 19.68
N ASP A 686 -6.72 -4.63 18.63
CA ASP A 686 -6.12 -5.31 17.49
C ASP A 686 -4.61 -5.37 17.58
N PHE A 687 -4.01 -4.84 18.65
CA PHE A 687 -2.56 -4.85 18.79
C PHE A 687 -2.06 -6.06 19.58
N MET A 688 -2.69 -6.36 20.72
CA MET A 688 -2.20 -7.41 21.59
C MET A 688 -2.07 -8.78 20.93
N PRO A 689 -2.95 -9.20 20.01
CA PRO A 689 -2.68 -10.47 19.32
C PRO A 689 -1.41 -10.47 18.50
N ILE A 690 -1.09 -9.35 17.84
CA ILE A 690 0.13 -9.27 17.03
C ILE A 690 1.36 -9.50 17.89
N LEU A 691 1.51 -8.72 18.97
CA LEU A 691 2.57 -8.96 19.92
C LEU A 691 2.50 -10.35 20.54
N GLY A 692 1.31 -10.97 20.53
CA GLY A 692 1.21 -12.34 21.02
C GLY A 692 1.98 -13.31 20.16
N THR A 693 2.15 -13.00 18.88
CA THR A 693 2.94 -13.83 18.00
C THR A 693 4.32 -13.24 17.71
N ASN A 694 4.58 -12.02 18.19
CA ASN A 694 5.87 -11.38 18.03
C ASN A 694 6.77 -11.56 19.26
N LEU A 695 6.46 -12.55 20.10
CA LEU A 695 7.32 -12.92 21.22
C LEU A 695 8.14 -14.13 20.78
N ASN A 696 9.27 -13.86 20.14
CA ASN A 696 10.13 -14.89 19.58
C ASN A 696 11.59 -14.52 19.83
N PRO A 697 12.34 -15.35 20.57
CA PRO A 697 13.76 -15.03 20.80
C PRO A 697 14.58 -15.03 19.53
N GLU A 698 14.23 -15.85 18.53
CA GLU A 698 14.94 -15.83 17.25
C GLU A 698 15.02 -14.44 16.66
N PHE A 699 14.11 -13.55 17.02
CA PHE A 699 14.16 -12.14 16.66
C PHE A 699 14.37 -11.30 17.93
N ILE A 700 15.55 -11.48 18.54
CA ILE A 700 15.88 -10.76 19.78
C ILE A 700 15.57 -9.28 19.64
N SER A 701 16.18 -8.63 18.65
CA SER A 701 16.02 -7.20 18.43
C SER A 701 14.56 -6.78 18.44
N VAL A 702 13.66 -7.66 18.00
CA VAL A 702 12.24 -7.36 18.02
C VAL A 702 11.65 -7.65 19.39
N CYS A 703 11.89 -8.87 19.90
CA CYS A 703 11.18 -9.38 21.08
C CYS A 703 11.20 -8.36 22.21
N ASN A 704 12.39 -7.95 22.63
CA ASN A 704 12.57 -6.91 23.65
C ASN A 704 11.58 -5.77 23.44
N ASN A 705 11.69 -5.08 22.31
CA ASN A 705 10.78 -3.97 22.02
C ASN A 705 9.34 -4.40 22.17
N ALA A 706 8.95 -5.48 21.49
CA ALA A 706 7.60 -6.02 21.64
C ALA A 706 7.25 -6.17 23.12
N THR A 707 8.11 -6.90 23.86
CA THR A 707 7.89 -7.08 25.29
C THR A 707 7.73 -5.73 25.98
N TRP A 708 8.67 -4.82 25.75
CA TRP A 708 8.61 -3.51 26.40
C TRP A 708 7.27 -2.84 26.16
N ALA A 709 6.75 -2.96 24.93
CA ALA A 709 5.46 -2.36 24.60
C ALA A 709 4.42 -2.76 25.64
N ILE A 710 4.26 -4.08 25.84
CA ILE A 710 3.24 -4.57 26.76
C ILE A 710 3.37 -3.91 28.12
N GLY A 711 4.62 -3.76 28.60
CA GLY A 711 4.88 -3.06 29.85
C GLY A 711 4.19 -1.72 29.89
N GLU A 712 4.56 -0.84 28.95
CA GLU A 712 4.00 0.50 28.94
C GLU A 712 2.51 0.48 28.66
N ILE A 713 1.98 -0.64 28.17
CA ILE A 713 0.55 -0.78 28.00
C ILE A 713 -0.13 -1.06 29.34
N SER A 714 0.43 -1.98 30.13
CA SER A 714 -0.24 -2.42 31.35
C SER A 714 -0.39 -1.26 32.34
N ILE A 715 0.69 -0.55 32.62
CA ILE A 715 0.66 0.59 33.53
C ILE A 715 -0.34 1.65 33.06
N GLN A 716 -0.77 1.57 31.80
CA GLN A 716 -1.78 2.46 31.27
C GLN A 716 -3.16 1.83 31.18
N MET A 717 -3.22 0.50 31.00
CA MET A 717 -4.49 -0.20 30.86
C MET A 717 -5.16 -0.53 32.19
N GLY A 718 -4.42 -0.49 33.30
CA GLY A 718 -4.93 -0.82 34.61
C GLY A 718 -5.61 -2.18 34.62
N ILE A 719 -6.68 -2.28 35.42
CA ILE A 719 -7.45 -3.52 35.51
C ILE A 719 -7.97 -3.91 34.13
N GLU A 720 -8.15 -2.94 33.23
CA GLU A 720 -8.65 -3.22 31.88
C GLU A 720 -7.72 -4.17 31.12
N MET A 721 -6.47 -4.31 31.55
CA MET A 721 -5.53 -5.23 30.94
C MET A 721 -5.89 -6.70 31.20
N GLN A 722 -6.96 -6.97 31.97
CA GLN A 722 -7.32 -8.31 32.41
C GLN A 722 -7.39 -9.36 31.29
N PRO A 723 -8.11 -9.15 30.18
CA PRO A 723 -8.43 -10.30 29.30
C PRO A 723 -7.24 -10.83 28.52
N TYR A 724 -6.30 -9.98 28.11
CA TYR A 724 -5.27 -10.35 27.15
C TYR A 724 -4.11 -11.16 27.76
N ILE A 725 -4.22 -11.58 29.01
CA ILE A 725 -3.08 -12.22 29.70
C ILE A 725 -2.75 -13.59 29.12
N PRO A 726 -3.69 -14.54 29.02
CA PRO A 726 -3.28 -15.92 28.66
C PRO A 726 -2.54 -16.02 27.33
N MET A 727 -2.60 -14.98 26.49
CA MET A 727 -1.97 -15.00 25.19
C MET A 727 -0.50 -14.61 25.23
N VAL A 728 -0.12 -13.70 26.13
CA VAL A 728 1.27 -13.23 26.21
C VAL A 728 2.05 -13.90 27.34
N LEU A 729 1.39 -14.20 28.46
CA LEU A 729 2.08 -14.62 29.68
C LEU A 729 2.78 -15.96 29.51
N HIS A 730 2.07 -16.99 29.04
CA HIS A 730 2.65 -18.32 28.92
C HIS A 730 3.84 -18.36 27.98
N GLN A 731 3.94 -17.39 27.06
CA GLN A 731 5.15 -17.27 26.25
C GLN A 731 6.25 -16.54 27.01
N LEU A 732 5.91 -15.42 27.66
CA LEU A 732 6.90 -14.61 28.36
C LEU A 732 7.64 -15.42 29.43
N VAL A 733 6.90 -16.18 30.24
CA VAL A 733 7.53 -16.94 31.32
C VAL A 733 8.45 -18.02 30.75
N GLU A 734 8.04 -18.67 29.65
CA GLU A 734 8.92 -19.62 28.98
C GLU A 734 10.17 -18.93 28.43
N ILE A 735 10.04 -17.66 28.03
CA ILE A 735 11.20 -16.90 27.54
C ILE A 735 12.15 -16.54 28.68
N ILE A 736 11.61 -16.22 29.86
CA ILE A 736 12.45 -15.71 30.93
C ILE A 736 13.30 -16.81 31.57
N ASN A 737 12.94 -18.07 31.37
CA ASN A 737 13.78 -19.19 31.83
C ASN A 737 14.49 -19.85 30.65
N ARG A 738 15.36 -19.11 29.97
CA ARG A 738 16.07 -19.62 28.81
C ARG A 738 17.58 -19.41 28.96
N PRO A 739 18.37 -20.42 28.60
CA PRO A 739 19.83 -20.25 28.63
C PRO A 739 20.31 -19.48 27.41
N ASN A 740 21.45 -18.81 27.58
CA ASN A 740 22.07 -18.00 26.53
C ASN A 740 21.09 -16.96 25.99
N THR A 741 20.62 -16.12 26.90
CA THR A 741 19.65 -15.09 26.59
C THR A 741 20.19 -13.72 26.97
N PRO A 742 20.08 -12.72 26.10
CA PRO A 742 20.60 -11.39 26.44
C PRO A 742 19.94 -10.84 27.69
N LYS A 743 20.74 -10.14 28.51
CA LYS A 743 20.27 -9.64 29.80
C LYS A 743 19.27 -8.50 29.64
N THR A 744 19.35 -7.76 28.53
CA THR A 744 18.40 -6.67 28.30
C THR A 744 16.98 -7.22 28.07
N LEU A 745 16.88 -8.33 27.34
CA LEU A 745 15.58 -8.95 27.13
C LEU A 745 15.01 -9.49 28.42
N LEU A 746 15.87 -10.04 29.29
CA LEU A 746 15.38 -10.51 30.59
C LEU A 746 14.98 -9.35 31.49
N GLU A 747 15.62 -8.19 31.33
CA GLU A 747 15.27 -7.03 32.14
C GLU A 747 13.95 -6.40 31.69
N ASN A 748 13.79 -6.19 30.38
CA ASN A 748 12.52 -5.66 29.88
C ASN A 748 11.39 -6.67 30.09
N THR A 749 11.69 -7.96 29.96
CA THR A 749 10.71 -8.99 30.28
C THR A 749 10.36 -8.95 31.77
N ALA A 750 11.35 -8.71 32.62
CA ALA A 750 11.10 -8.59 34.05
C ALA A 750 10.16 -7.42 34.35
N ILE A 751 10.43 -6.26 33.74
CA ILE A 751 9.56 -5.09 33.94
C ILE A 751 8.16 -5.39 33.42
N THR A 752 8.06 -6.07 32.28
CA THR A 752 6.76 -6.42 31.72
C THR A 752 5.97 -7.32 32.66
N ILE A 753 6.60 -8.39 33.16
CA ILE A 753 5.92 -9.27 34.11
C ILE A 753 5.52 -8.49 35.35
N GLY A 754 6.40 -7.61 35.83
CA GLY A 754 6.06 -6.79 36.98
C GLY A 754 4.80 -5.96 36.78
N ARG A 755 4.70 -5.32 35.61
CA ARG A 755 3.55 -4.46 35.36
C ARG A 755 2.27 -5.28 35.11
N LEU A 756 2.39 -6.37 34.36
CA LEU A 756 1.26 -7.29 34.20
C LEU A 756 0.77 -7.78 35.56
N GLY A 757 1.67 -7.93 36.52
CA GLY A 757 1.27 -8.30 37.86
C GLY A 757 0.64 -7.16 38.62
N TYR A 758 1.17 -5.95 38.45
CA TYR A 758 0.58 -4.79 39.15
C TYR A 758 -0.84 -4.54 38.70
N VAL A 759 -1.15 -4.80 37.43
CA VAL A 759 -2.50 -4.57 36.93
C VAL A 759 -3.35 -5.84 36.88
N CYS A 760 -2.75 -7.02 36.79
CA CYS A 760 -3.49 -8.28 36.69
C CYS A 760 -2.84 -9.34 37.58
N PRO A 761 -2.87 -9.13 38.90
CA PRO A 761 -2.16 -10.06 39.80
C PRO A 761 -2.84 -11.42 39.92
N GLN A 762 -4.15 -11.50 39.73
CA GLN A 762 -4.85 -12.77 39.89
C GLN A 762 -4.55 -13.74 38.77
N GLU A 763 -4.24 -13.24 37.58
CA GLU A 763 -3.95 -14.10 36.43
C GLU A 763 -2.46 -14.36 36.24
N VAL A 764 -1.59 -13.46 36.72
CA VAL A 764 -0.16 -13.65 36.60
C VAL A 764 0.44 -14.34 37.82
N ALA A 765 -0.19 -14.20 38.99
CA ALA A 765 0.42 -14.64 40.24
C ALA A 765 0.74 -16.14 40.32
N PRO A 766 -0.12 -17.07 39.88
CA PRO A 766 0.18 -18.50 40.12
C PRO A 766 1.49 -18.99 39.52
N MET A 767 2.08 -18.29 38.57
CA MET A 767 3.31 -18.69 37.91
C MET A 767 4.56 -18.37 38.72
N LEU A 768 4.39 -17.93 39.97
CA LEU A 768 5.51 -17.40 40.74
C LEU A 768 6.62 -18.43 40.94
N GLN A 769 6.26 -19.69 41.24
CA GLN A 769 7.28 -20.73 41.32
C GLN A 769 8.02 -20.90 40.00
N GLN A 770 7.38 -20.54 38.89
CA GLN A 770 7.96 -20.80 37.57
C GLN A 770 8.78 -19.63 37.03
N PHE A 771 8.51 -18.39 37.44
CA PHE A 771 9.26 -17.26 36.93
C PHE A 771 9.97 -16.44 38.00
N ILE A 772 9.88 -16.82 39.28
CA ILE A 772 10.45 -15.97 40.32
C ILE A 772 11.97 -16.02 40.30
N ARG A 773 12.57 -17.11 39.81
CA ARG A 773 14.02 -17.27 39.93
C ARG A 773 14.78 -16.28 39.04
N PRO A 774 14.70 -16.35 37.71
CA PRO A 774 15.51 -15.42 36.90
C PRO A 774 14.98 -13.99 36.94
N TRP A 775 13.73 -13.79 37.36
CA TRP A 775 13.15 -12.46 37.55
C TRP A 775 14.01 -11.61 38.46
N CYS A 776 14.06 -11.96 39.75
CA CYS A 776 14.89 -11.22 40.68
C CYS A 776 16.37 -11.58 40.54
N THR A 777 16.69 -12.75 40.01
CA THR A 777 18.08 -13.10 39.76
C THR A 777 18.74 -12.09 38.81
N SER A 778 18.02 -11.72 37.75
CA SER A 778 18.56 -10.83 36.73
C SER A 778 18.22 -9.36 36.97
N LEU A 779 17.34 -9.05 37.93
CA LEU A 779 16.89 -7.69 38.19
C LEU A 779 17.74 -6.97 39.23
N ARG A 780 19.03 -7.28 39.31
CA ARG A 780 19.94 -6.64 40.26
C ARG A 780 20.73 -5.49 39.65
N ASN A 781 20.80 -5.42 38.32
CA ASN A 781 21.62 -4.43 37.63
C ASN A 781 20.80 -3.33 36.99
N ILE A 782 20.03 -2.58 37.79
CA ILE A 782 19.18 -1.50 37.30
C ILE A 782 19.35 -0.29 38.23
N ARG A 783 18.98 0.87 37.72
CA ARG A 783 18.95 2.10 38.52
C ARG A 783 17.67 2.14 39.36
N ASP A 784 17.36 3.31 39.92
CA ASP A 784 16.18 3.50 40.75
C ASP A 784 15.38 4.70 40.22
N ASN A 785 14.26 4.42 39.55
CA ASN A 785 13.42 5.51 39.06
C ASN A 785 11.93 5.15 39.19
N GLU A 786 11.32 4.75 38.08
CA GLU A 786 9.90 4.44 38.01
C GLU A 786 9.61 3.07 37.41
N GLU A 787 10.39 2.64 36.41
CA GLU A 787 10.18 1.33 35.81
C GLU A 787 10.40 0.22 36.83
N LYS A 788 11.57 0.22 37.48
CA LYS A 788 11.83 -0.73 38.55
C LYS A 788 10.85 -0.55 39.71
N ASP A 789 10.40 0.68 39.95
CA ASP A 789 9.44 0.95 40.99
C ASP A 789 8.12 0.24 40.72
N SER A 790 7.57 0.42 39.51
CA SER A 790 6.31 -0.23 39.17
C SER A 790 6.47 -1.74 39.05
N ALA A 791 7.66 -2.20 38.65
CA ALA A 791 7.92 -3.64 38.63
C ALA A 791 7.84 -4.23 40.03
N PHE A 792 8.44 -3.55 41.02
CA PHE A 792 8.44 -4.07 42.38
C PHE A 792 7.09 -3.85 43.08
N ARG A 793 6.36 -2.80 42.70
CA ARG A 793 4.96 -2.72 43.12
C ARG A 793 4.19 -3.93 42.62
N GLY A 794 4.38 -4.28 41.34
CA GLY A 794 3.70 -5.44 40.79
C GLY A 794 4.06 -6.72 41.50
N ILE A 795 5.34 -6.93 41.79
CA ILE A 795 5.74 -8.17 42.47
C ILE A 795 5.27 -8.16 43.92
N CYS A 796 5.17 -6.97 44.53
CA CYS A 796 4.68 -6.88 45.90
C CYS A 796 3.21 -7.23 45.99
N THR A 797 2.40 -6.73 45.05
CA THR A 797 0.99 -7.09 45.00
C THR A 797 0.81 -8.58 44.69
N MET A 798 1.60 -9.10 43.73
CA MET A 798 1.48 -10.51 43.37
C MET A 798 1.91 -11.42 44.51
N ILE A 799 2.84 -10.97 45.36
CA ILE A 799 3.26 -11.79 46.50
C ILE A 799 2.26 -11.66 47.65
N SER A 800 1.69 -10.47 47.84
CA SER A 800 0.65 -10.31 48.84
C SER A 800 -0.62 -11.07 48.48
N VAL A 801 -0.84 -11.35 47.19
CA VAL A 801 -2.04 -12.07 46.78
C VAL A 801 -1.81 -13.58 46.77
N ASN A 802 -0.66 -14.06 46.29
CA ASN A 802 -0.31 -15.48 46.30
C ASN A 802 1.01 -15.64 47.04
N PRO A 803 0.99 -15.61 48.37
CA PRO A 803 2.25 -15.67 49.15
C PRO A 803 2.94 -17.03 49.12
N SER A 804 2.27 -18.10 48.68
CA SER A 804 2.87 -19.43 48.75
C SER A 804 3.94 -19.67 47.69
N GLY A 805 4.01 -18.84 46.66
CA GLY A 805 4.86 -19.13 45.51
C GLY A 805 6.34 -18.91 45.74
N VAL A 806 6.70 -17.89 46.53
CA VAL A 806 8.07 -17.40 46.60
C VAL A 806 8.84 -17.96 47.80
N ILE A 807 8.19 -18.73 48.67
CA ILE A 807 8.80 -19.11 49.95
C ILE A 807 10.08 -19.89 49.73
N GLN A 808 10.00 -21.02 49.01
CA GLN A 808 11.14 -21.90 48.82
C GLN A 808 12.32 -21.20 48.14
N ASP A 809 12.09 -20.06 47.50
CA ASP A 809 13.14 -19.31 46.82
C ASP A 809 13.26 -17.88 47.38
N PHE A 810 12.71 -17.65 48.58
CA PHE A 810 12.59 -16.29 49.10
C PHE A 810 13.94 -15.57 49.19
N ILE A 811 15.03 -16.33 49.35
CA ILE A 811 16.40 -15.81 49.34
C ILE A 811 16.53 -14.83 48.18
N PHE A 812 16.24 -15.31 46.97
CA PHE A 812 16.39 -14.50 45.77
C PHE A 812 15.67 -13.17 45.93
N PHE A 813 14.42 -13.21 46.43
CA PHE A 813 13.66 -11.98 46.63
C PHE A 813 14.42 -11.01 47.52
N CYS A 814 14.88 -11.48 48.69
CA CYS A 814 15.66 -10.63 49.56
C CYS A 814 16.88 -10.07 48.83
N ASP A 815 17.53 -10.91 48.02
CA ASP A 815 18.63 -10.44 47.17
C ASP A 815 18.20 -9.22 46.37
N ALA A 816 17.06 -9.34 45.66
CA ALA A 816 16.56 -8.22 44.88
C ALA A 816 16.21 -7.03 45.76
N VAL A 817 15.75 -7.28 46.99
CA VAL A 817 15.42 -6.17 47.88
C VAL A 817 16.69 -5.42 48.28
N ALA A 818 17.85 -6.08 48.23
CA ALA A 818 19.11 -5.38 48.46
C ALA A 818 19.50 -4.46 47.31
N SER A 819 18.72 -4.44 46.23
CA SER A 819 19.02 -3.62 45.06
C SER A 819 18.52 -2.18 45.19
N TRP A 820 17.71 -1.88 46.20
CA TRP A 820 17.09 -0.57 46.35
C TRP A 820 17.97 0.35 47.20
N ILE A 821 18.16 1.58 46.73
CA ILE A 821 18.91 2.59 47.44
C ILE A 821 18.03 3.76 47.86
N ASN A 822 17.13 4.20 46.98
CA ASN A 822 16.18 5.27 47.28
C ASN A 822 14.76 4.82 46.95
N PRO A 823 14.15 4.00 47.81
CA PRO A 823 12.75 3.64 47.60
C PRO A 823 11.81 4.71 48.17
N LYS A 824 10.62 4.79 47.57
CA LYS A 824 9.61 5.72 48.04
C LYS A 824 8.99 5.23 49.35
N ASP A 825 8.17 6.08 49.95
CA ASP A 825 7.58 5.79 51.25
C ASP A 825 6.66 4.56 51.19
N ASP A 826 5.66 4.61 50.31
CA ASP A 826 4.69 3.52 50.24
C ASP A 826 5.34 2.20 49.87
N LEU A 827 6.28 2.22 48.92
CA LEU A 827 6.99 0.99 48.55
C LEU A 827 7.81 0.46 49.71
N ARG A 828 8.46 1.37 50.43
CA ARG A 828 9.24 0.99 51.60
C ARG A 828 8.32 0.26 52.56
N ASP A 829 7.15 0.87 52.83
CA ASP A 829 6.17 0.24 53.70
C ASP A 829 5.80 -1.15 53.21
N MET A 830 5.61 -1.30 51.90
CA MET A 830 5.30 -2.61 51.34
C MET A 830 6.37 -3.64 51.68
N PHE A 831 7.64 -3.27 51.55
CA PHE A 831 8.71 -4.22 51.85
C PHE A 831 8.79 -4.51 53.34
N CYS A 832 8.86 -3.46 54.17
CA CYS A 832 9.12 -3.63 55.60
C CYS A 832 7.96 -4.31 56.31
N LYS A 833 6.72 -4.01 55.93
CA LYS A 833 5.57 -4.56 56.65
C LYS A 833 5.38 -6.06 56.45
N ILE A 834 5.13 -6.48 55.20
CA ILE A 834 4.93 -7.89 54.92
C ILE A 834 6.24 -8.66 55.09
N LEU A 835 7.32 -8.12 54.52
CA LEU A 835 8.64 -8.76 54.64
C LEU A 835 9.01 -8.90 56.11
N HIS A 836 8.55 -7.97 56.93
CA HIS A 836 8.71 -8.09 58.37
C HIS A 836 7.86 -9.21 58.91
N GLY A 837 6.70 -9.43 58.28
CA GLY A 837 5.84 -10.53 58.66
C GLY A 837 6.52 -11.88 58.52
N PHE A 838 7.35 -12.03 57.48
CA PHE A 838 8.07 -13.27 57.30
C PHE A 838 9.14 -13.43 58.36
N LYS A 839 9.85 -12.35 58.68
CA LYS A 839 10.89 -12.39 59.71
C LYS A 839 10.30 -12.59 61.09
N ASN A 840 9.10 -12.05 61.36
CA ASN A 840 8.48 -12.23 62.66
C ASN A 840 7.96 -13.64 62.87
N GLN A 841 7.78 -14.40 61.79
CA GLN A 841 7.36 -15.79 61.90
C GLN A 841 8.38 -16.72 61.25
N ASP A 844 11.99 -15.60 64.25
CA ASP A 844 13.15 -14.90 64.80
C ASP A 844 14.25 -15.92 65.15
N GLU A 845 13.85 -17.18 65.27
CA GLU A 845 14.78 -18.24 65.65
C GLU A 845 15.59 -18.74 64.46
N ASN A 846 14.94 -18.92 63.31
CA ASN A 846 15.58 -19.51 62.14
C ASN A 846 16.13 -18.49 61.15
N TRP A 847 15.79 -17.20 61.30
CA TRP A 847 16.26 -16.23 60.33
C TRP A 847 17.73 -15.88 60.49
N ARG A 848 18.38 -16.27 61.58
CA ARG A 848 19.83 -16.13 61.67
C ARG A 848 20.55 -17.20 60.85
N ARG A 849 20.23 -18.47 61.11
CA ARG A 849 20.85 -19.57 60.36
C ARG A 849 20.55 -19.47 58.87
N PHE A 850 19.40 -18.90 58.53
CA PHE A 850 19.00 -18.69 57.14
C PHE A 850 19.52 -17.39 56.58
N SER A 851 19.82 -16.40 57.44
CA SER A 851 20.25 -15.06 57.04
C SER A 851 21.75 -14.96 56.83
N ASP A 852 22.55 -15.60 57.69
CA ASP A 852 24.01 -15.47 57.61
C ASP A 852 24.59 -16.24 56.44
N GLN A 853 23.75 -16.59 55.45
CA GLN A 853 24.21 -17.28 54.27
C GLN A 853 24.42 -16.35 53.09
N PHE A 854 24.09 -15.06 53.23
CA PHE A 854 24.35 -14.03 52.23
C PHE A 854 25.13 -12.91 52.90
N PRO A 855 25.86 -12.11 52.12
CA PRO A 855 26.86 -11.20 52.72
C PRO A 855 26.28 -10.25 53.76
N LEU A 856 27.16 -9.80 54.65
CA LEU A 856 26.85 -8.92 55.77
C LEU A 856 26.37 -7.53 55.36
N PRO A 857 27.01 -6.85 54.40
CA PRO A 857 26.52 -5.50 54.02
C PRO A 857 25.05 -5.47 53.65
N LEU A 858 24.59 -6.40 52.81
CA LEU A 858 23.18 -6.47 52.48
C LEU A 858 22.35 -6.93 53.67
N LYS A 859 22.92 -7.81 54.51
CA LYS A 859 22.22 -8.25 55.72
C LYS A 859 21.84 -7.08 56.61
N GLU A 860 22.80 -6.24 56.98
CA GLU A 860 22.50 -5.11 57.84
C GLU A 860 21.87 -3.95 57.11
N ARG A 861 21.97 -3.90 55.78
CA ARG A 861 21.20 -2.91 55.04
C ARG A 861 19.71 -3.24 55.06
N LEU A 862 19.37 -4.52 54.91
CA LEU A 862 17.97 -4.92 55.03
C LEU A 862 17.49 -4.83 56.48
N ALA A 863 18.29 -5.34 57.43
CA ALA A 863 17.88 -5.36 58.82
C ALA A 863 17.78 -3.95 59.41
N ALA A 864 18.61 -3.02 58.93
CA ALA A 864 18.58 -1.65 59.41
C ALA A 864 17.65 -0.76 58.59
N PHE A 865 17.36 -1.15 57.35
CA PHE A 865 16.51 -0.36 56.48
C PHE A 865 15.02 -0.73 56.58
N TYR A 866 14.74 -2.02 56.76
CA TYR A 866 13.35 -2.48 56.83
C TYR A 866 13.04 -3.00 58.24
N GLY B 13 4.60 46.41 -37.77
CA GLY B 13 4.64 44.98 -37.51
C GLY B 13 3.85 44.17 -38.52
N LEU B 14 2.91 44.84 -39.20
CA LEU B 14 2.03 44.22 -40.18
C LEU B 14 2.75 43.50 -41.32
N GLN B 15 4.09 43.46 -41.29
CA GLN B 15 4.83 42.77 -42.35
C GLN B 15 4.49 41.28 -42.36
N GLN B 16 4.59 40.63 -41.21
CA GLN B 16 4.28 39.22 -41.10
C GLN B 16 2.78 38.95 -41.19
N ILE B 17 1.96 39.88 -40.69
CA ILE B 17 0.52 39.64 -40.54
C ILE B 17 -0.16 39.45 -41.89
N LEU B 18 0.22 40.25 -42.89
CA LEU B 18 -0.47 40.18 -44.18
C LEU B 18 -0.11 38.93 -44.96
N GLN B 19 1.16 38.49 -44.91
CA GLN B 19 1.55 37.31 -45.68
C GLN B 19 0.93 36.03 -45.10
N LEU B 20 0.86 35.91 -43.78
CA LEU B 20 0.32 34.69 -43.18
C LEU B 20 -1.20 34.60 -43.34
N LEU B 21 -1.88 35.74 -43.49
CA LEU B 21 -3.33 35.72 -43.64
C LEU B 21 -3.74 35.35 -45.06
N LYS B 22 -3.13 36.01 -46.05
CA LYS B 22 -3.38 35.67 -47.46
C LYS B 22 -3.13 34.20 -47.74
N GLU B 23 -2.16 33.59 -47.05
CA GLU B 23 -1.85 32.18 -47.17
C GLU B 23 -2.67 31.28 -46.23
N SER B 24 -3.37 31.87 -45.26
CA SER B 24 -4.25 31.14 -44.35
C SER B 24 -5.61 30.84 -44.95
N GLN B 25 -5.69 30.61 -46.25
CA GLN B 25 -6.96 30.35 -46.89
C GLN B 25 -7.14 28.85 -47.16
N SER B 26 -8.01 28.52 -48.13
CA SER B 26 -8.56 27.19 -48.36
C SER B 26 -7.65 26.16 -49.03
N PRO B 27 -6.78 26.52 -49.97
CA PRO B 27 -5.99 25.49 -50.68
C PRO B 27 -5.14 24.65 -49.73
N ASP B 28 -5.31 23.33 -49.84
CA ASP B 28 -4.56 22.30 -49.12
C ASP B 28 -4.82 22.31 -47.62
N THR B 29 -4.67 21.15 -46.98
CA THR B 29 -4.84 21.02 -45.54
C THR B 29 -3.51 21.03 -44.78
N THR B 30 -2.48 20.37 -45.32
CA THR B 30 -1.18 20.37 -44.66
C THR B 30 -0.48 21.71 -44.74
N ILE B 31 -0.71 22.47 -45.81
CA ILE B 31 -0.07 23.78 -45.93
C ILE B 31 -0.81 24.84 -45.10
N GLN B 32 -2.15 24.78 -45.08
CA GLN B 32 -2.90 25.66 -44.20
C GLN B 32 -2.59 25.34 -42.75
N ARG B 33 -2.45 24.04 -42.42
CA ARG B 33 -2.03 23.64 -41.09
C ARG B 33 -0.59 24.03 -40.83
N THR B 34 0.22 24.20 -41.88
CA THR B 34 1.60 24.63 -41.71
C THR B 34 1.68 26.10 -41.32
N VAL B 35 1.08 26.98 -42.13
CA VAL B 35 1.12 28.40 -41.81
C VAL B 35 0.34 28.66 -40.54
N GLN B 36 -0.78 27.95 -40.36
CA GLN B 36 -1.55 28.06 -39.12
C GLN B 36 -0.72 27.62 -37.92
N GLN B 37 0.15 26.62 -38.11
CA GLN B 37 1.04 26.20 -37.03
C GLN B 37 2.09 27.27 -36.75
N LYS B 38 2.61 27.91 -37.81
CA LYS B 38 3.53 29.02 -37.61
C LYS B 38 2.87 30.15 -36.81
N LEU B 39 1.56 30.30 -36.96
CA LEU B 39 0.83 31.32 -36.20
C LEU B 39 0.48 30.85 -34.78
N GLU B 40 0.29 29.55 -34.57
CA GLU B 40 -0.08 29.03 -33.26
C GLU B 40 1.01 29.20 -32.20
N GLN B 41 2.22 29.62 -32.57
CA GLN B 41 3.26 29.88 -31.58
C GLN B 41 3.50 31.36 -31.33
N LEU B 42 3.21 32.22 -32.30
CA LEU B 42 3.28 33.67 -32.13
C LEU B 42 1.89 34.20 -31.76
N ASN B 43 1.74 34.67 -30.53
CA ASN B 43 0.49 35.28 -30.10
C ASN B 43 0.50 36.79 -30.34
N LEU B 52 -3.71 43.44 -34.71
CA LEU B 52 -4.70 42.59 -35.36
C LEU B 52 -6.00 43.36 -35.58
N ILE B 53 -6.47 44.02 -34.53
CA ILE B 53 -7.71 44.80 -34.62
C ILE B 53 -7.55 46.04 -35.50
N PHE B 54 -6.33 46.55 -35.65
CA PHE B 54 -6.12 47.70 -36.52
C PHE B 54 -6.45 47.38 -37.97
N VAL B 55 -6.14 46.15 -38.41
CA VAL B 55 -6.60 45.68 -39.71
C VAL B 55 -8.12 45.61 -39.73
N LEU B 56 -8.74 45.32 -38.59
CA LEU B 56 -10.19 45.13 -38.55
C LEU B 56 -10.95 46.43 -38.66
N THR B 57 -10.49 47.50 -37.99
CA THR B 57 -11.33 48.69 -37.89
C THR B 57 -11.01 49.73 -38.96
N LYS B 58 -9.77 50.21 -39.05
CA LYS B 58 -9.46 51.33 -39.94
C LYS B 58 -8.98 50.90 -41.31
N LEU B 59 -8.30 49.76 -41.43
CA LEU B 59 -7.81 49.30 -42.73
C LEU B 59 -8.97 48.72 -43.55
N LYS B 60 -9.81 49.63 -44.04
CA LYS B 60 -10.97 49.26 -44.85
C LYS B 60 -10.65 49.08 -46.31
N SER B 61 -9.41 49.35 -46.73
CA SER B 61 -9.01 49.19 -48.13
C SER B 61 -8.18 47.91 -48.30
N GLU B 62 -8.80 46.80 -47.91
CA GLU B 62 -8.22 45.47 -48.04
C GLU B 62 -9.35 44.46 -48.02
N ASP B 63 -9.15 43.35 -48.73
CA ASP B 63 -10.23 42.38 -48.90
C ASP B 63 -10.64 41.77 -47.56
N GLU B 64 -11.95 41.55 -47.41
CA GLU B 64 -12.57 41.05 -46.19
C GLU B 64 -12.23 39.60 -45.86
N PRO B 65 -12.09 38.69 -46.83
CA PRO B 65 -11.62 37.34 -46.49
C PRO B 65 -10.28 37.32 -45.76
N THR B 66 -9.52 38.40 -45.82
CA THR B 66 -8.31 38.59 -45.02
C THR B 66 -8.56 39.45 -43.79
N ARG B 67 -9.29 40.56 -43.96
CA ARG B 67 -9.59 41.46 -42.86
C ARG B 67 -10.42 40.76 -41.78
N SER B 68 -11.58 40.21 -42.16
CA SER B 68 -12.45 39.57 -41.19
C SER B 68 -11.80 38.36 -40.53
N LEU B 69 -10.92 37.66 -41.25
CA LEU B 69 -10.25 36.50 -40.68
C LEU B 69 -9.33 36.90 -39.54
N SER B 70 -8.68 38.07 -39.63
CA SER B 70 -7.87 38.56 -38.52
C SER B 70 -8.73 38.79 -37.28
N GLY B 71 -9.83 39.50 -37.43
CA GLY B 71 -10.75 39.68 -36.32
C GLY B 71 -11.38 38.39 -35.85
N LEU B 72 -11.62 37.45 -36.76
CA LEU B 72 -12.24 36.18 -36.41
C LEU B 72 -11.29 35.29 -35.60
N ILE B 73 -10.00 35.29 -35.96
CA ILE B 73 -9.01 34.48 -35.25
C ILE B 73 -8.82 34.95 -33.81
N LEU B 74 -9.22 36.19 -33.51
CA LEU B 74 -9.19 36.67 -32.13
C LEU B 74 -10.03 35.79 -31.21
N LYS B 75 -11.11 35.19 -31.75
CA LYS B 75 -11.95 34.28 -30.97
C LYS B 75 -11.12 33.25 -30.22
N ASN B 76 -10.24 32.53 -30.94
CA ASN B 76 -9.38 31.55 -30.28
C ASN B 76 -8.28 32.23 -29.47
N ASN B 77 -7.82 33.40 -29.91
CA ASN B 77 -6.75 34.11 -29.21
C ASN B 77 -7.22 34.79 -27.94
N VAL B 78 -8.51 35.10 -27.82
CA VAL B 78 -9.05 35.68 -26.59
C VAL B 78 -9.39 34.57 -25.60
N LYS B 79 -10.05 33.51 -26.08
CA LYS B 79 -10.45 32.41 -25.20
C LYS B 79 -9.25 31.71 -24.58
N ALA B 80 -8.10 31.75 -25.26
CA ALA B 80 -6.89 31.10 -24.75
C ALA B 80 -6.20 31.96 -23.69
N HIS B 81 -5.52 33.02 -24.12
CA HIS B 81 -4.72 33.86 -23.21
C HIS B 81 -5.47 35.16 -22.91
N PHE B 82 -6.12 35.20 -21.75
CA PHE B 82 -6.77 36.43 -21.30
C PHE B 82 -6.37 36.74 -19.87
N GLY B 88 -0.09 42.95 -20.98
CA GLY B 88 0.30 44.25 -21.53
C GLY B 88 -0.02 44.40 -23.00
N VAL B 89 0.05 43.29 -23.73
CA VAL B 89 -0.27 43.31 -25.16
C VAL B 89 -1.78 43.40 -25.37
N THR B 90 -2.56 42.76 -24.50
CA THR B 90 -4.02 42.78 -24.61
C THR B 90 -4.60 44.15 -24.30
N ASP B 91 -3.85 45.02 -23.62
CA ASP B 91 -4.35 46.35 -23.26
C ASP B 91 -4.82 47.13 -24.50
N PHE B 92 -4.01 47.10 -25.57
CA PHE B 92 -4.40 47.82 -26.78
C PHE B 92 -5.65 47.20 -27.40
N ILE B 93 -5.75 45.87 -27.38
CA ILE B 93 -6.95 45.20 -27.88
C ILE B 93 -8.16 45.56 -27.04
N LYS B 94 -7.99 45.63 -25.71
CA LYS B 94 -9.10 46.02 -24.84
C LYS B 94 -9.57 47.43 -25.15
N SER B 95 -8.63 48.39 -25.18
CA SER B 95 -8.99 49.79 -25.39
C SER B 95 -9.64 49.99 -26.76
N GLU B 96 -9.07 49.37 -27.80
CA GLU B 96 -9.63 49.55 -29.14
C GLU B 96 -10.99 48.85 -29.28
N CYS B 97 -11.12 47.63 -28.76
CA CYS B 97 -12.40 46.92 -28.82
C CYS B 97 -13.48 47.68 -28.08
N LEU B 98 -13.15 48.29 -26.93
CA LEU B 98 -14.13 49.06 -26.18
C LEU B 98 -14.42 50.38 -26.85
N ASN B 99 -13.44 50.94 -27.55
CA ASN B 99 -13.51 52.29 -28.12
C ASN B 99 -14.11 52.31 -29.52
N ASN B 100 -14.25 51.16 -30.16
CA ASN B 100 -14.83 51.10 -31.50
C ASN B 100 -16.33 50.87 -31.44
N ILE B 101 -16.71 49.64 -31.10
CA ILE B 101 -18.12 49.24 -30.98
C ILE B 101 -19.07 49.82 -32.03
N GLY B 102 -18.70 49.68 -33.30
CA GLY B 102 -19.50 50.18 -34.40
C GLY B 102 -20.25 49.14 -35.19
N ASP B 103 -20.76 49.54 -36.35
CA ASP B 103 -21.52 48.64 -37.22
C ASP B 103 -21.27 48.96 -38.69
N SER B 104 -21.42 47.95 -39.54
CA SER B 104 -21.22 48.13 -40.98
C SER B 104 -22.09 47.16 -41.77
N SER B 105 -21.48 46.08 -42.26
CA SER B 105 -22.19 45.08 -43.05
C SER B 105 -22.53 43.86 -42.21
N PRO B 106 -22.76 42.74 -42.88
CA PRO B 106 -23.09 41.49 -42.20
C PRO B 106 -21.86 40.61 -41.97
N LEU B 107 -20.67 41.19 -42.14
CA LEU B 107 -19.43 40.46 -41.96
C LEU B 107 -18.60 41.07 -40.85
N ILE B 108 -18.63 42.40 -40.75
CA ILE B 108 -17.88 43.11 -39.73
C ILE B 108 -18.72 43.29 -38.48
N ARG B 109 -20.02 43.52 -38.67
CA ARG B 109 -20.94 43.71 -37.55
C ARG B 109 -21.08 42.44 -36.72
N ALA B 110 -21.25 41.29 -37.40
CA ALA B 110 -21.47 40.03 -36.70
C ALA B 110 -20.19 39.56 -36.00
N THR B 111 -19.05 39.68 -36.68
CA THR B 111 -17.80 39.21 -36.09
C THR B 111 -17.40 40.07 -34.88
N VAL B 112 -17.55 41.39 -34.98
CA VAL B 112 -17.21 42.25 -33.84
C VAL B 112 -18.14 41.99 -32.66
N GLY B 113 -19.45 41.82 -32.92
CA GLY B 113 -20.37 41.50 -31.83
C GLY B 113 -19.99 40.20 -31.12
N ILE B 114 -19.77 39.15 -31.90
CA ILE B 114 -19.40 37.89 -31.27
C ILE B 114 -18.04 38.03 -30.58
N LEU B 115 -17.20 38.97 -31.02
CA LEU B 115 -15.98 39.27 -30.27
C LEU B 115 -16.34 39.78 -28.87
N ILE B 116 -17.30 40.71 -28.79
CA ILE B 116 -17.68 41.20 -27.47
C ILE B 116 -18.20 40.06 -26.63
N THR B 117 -19.01 39.18 -27.21
CA THR B 117 -19.54 38.09 -26.38
C THR B 117 -18.43 37.13 -25.95
N THR B 118 -17.52 36.79 -26.85
CA THR B 118 -16.47 35.82 -26.55
C THR B 118 -15.49 36.33 -25.50
N ILE B 119 -15.22 37.64 -25.46
CA ILE B 119 -14.35 38.19 -24.43
C ILE B 119 -14.89 37.89 -23.04
N ALA B 120 -16.21 37.94 -22.88
CA ALA B 120 -16.84 37.67 -21.58
C ALA B 120 -16.81 36.19 -21.21
N TRP B 128 -16.72 43.71 -17.45
CA TRP B 128 -15.47 44.28 -16.96
C TRP B 128 -15.50 45.82 -16.85
N PRO B 129 -15.63 46.55 -17.99
CA PRO B 129 -15.42 48.00 -17.93
C PRO B 129 -16.71 48.81 -17.89
N ASP B 130 -16.74 49.84 -18.74
CA ASP B 130 -17.87 50.72 -18.97
C ASP B 130 -18.73 50.26 -20.14
N LEU B 131 -18.72 48.96 -20.42
CA LEU B 131 -19.33 48.43 -21.64
C LEU B 131 -20.85 48.61 -21.64
N LEU B 132 -21.53 48.08 -20.62
CA LEU B 132 -22.99 48.14 -20.60
C LEU B 132 -23.57 49.55 -20.78
N PRO B 133 -23.05 50.60 -20.15
CA PRO B 133 -23.59 51.94 -20.44
C PRO B 133 -23.43 52.35 -21.89
N LYS B 134 -22.29 52.03 -22.51
CA LYS B 134 -22.08 52.38 -23.92
C LYS B 134 -22.97 51.55 -24.84
N LEU B 135 -23.25 50.30 -24.47
CA LEU B 135 -24.19 49.48 -25.24
C LEU B 135 -25.60 50.08 -25.17
N CYS B 136 -26.03 50.50 -23.97
CA CYS B 136 -27.35 51.10 -23.84
C CYS B 136 -27.43 52.46 -24.53
N SER B 137 -26.33 53.22 -24.54
CA SER B 137 -26.34 54.53 -25.20
C SER B 137 -26.32 54.39 -26.71
N LEU B 138 -25.55 53.45 -27.25
CA LEU B 138 -25.49 53.23 -28.69
C LEU B 138 -26.80 52.71 -29.26
N LEU B 139 -27.74 52.28 -28.42
CA LEU B 139 -29.00 51.74 -28.89
C LEU B 139 -29.95 52.81 -29.41
N ASP B 140 -29.64 54.09 -29.19
CA ASP B 140 -30.52 55.18 -29.61
C ASP B 140 -30.45 55.38 -31.12
N CYS B 147 -27.57 48.78 -34.24
CA CYS B 147 -28.31 48.61 -32.99
C CYS B 147 -28.69 47.16 -32.79
N GLU B 148 -28.82 46.43 -33.90
CA GLU B 148 -29.16 45.01 -33.83
C GLU B 148 -27.96 44.18 -33.38
N GLY B 149 -26.75 44.56 -33.80
CA GLY B 149 -25.56 43.84 -33.38
C GLY B 149 -25.31 43.95 -31.89
N ALA B 150 -25.37 45.17 -31.37
CA ALA B 150 -25.25 45.36 -29.93
C ALA B 150 -26.37 44.62 -29.19
N PHE B 151 -27.54 44.50 -29.81
CA PHE B 151 -28.64 43.75 -29.19
C PHE B 151 -28.30 42.27 -29.07
N GLY B 152 -27.92 41.63 -30.18
CA GLY B 152 -27.53 40.24 -30.11
C GLY B 152 -26.37 39.99 -29.15
N ALA B 153 -25.38 40.90 -29.17
CA ALA B 153 -24.30 40.84 -28.19
C ALA B 153 -24.85 40.91 -26.76
N LEU B 154 -25.88 41.73 -26.55
CA LEU B 154 -26.51 41.80 -25.23
C LEU B 154 -27.29 40.53 -24.89
N GLN B 155 -27.74 39.77 -25.89
CA GLN B 155 -28.43 38.51 -25.60
C GLN B 155 -27.45 37.41 -25.24
N LYS B 156 -26.42 37.22 -26.06
CA LYS B 156 -25.44 36.18 -25.75
C LYS B 156 -24.65 36.52 -24.49
N ILE B 157 -24.42 37.83 -24.26
CA ILE B 157 -23.92 38.28 -22.96
C ILE B 157 -24.94 37.97 -21.88
N CYS B 158 -26.23 38.16 -22.18
CA CYS B 158 -27.31 37.88 -21.24
C CYS B 158 -27.40 36.40 -20.88
N GLU B 159 -26.72 35.53 -21.64
CA GLU B 159 -26.64 34.13 -21.20
C GLU B 159 -25.77 34.00 -19.96
N ASP B 160 -24.70 34.79 -19.87
CA ASP B 160 -23.87 34.82 -18.67
C ASP B 160 -24.58 35.63 -17.59
N SER B 161 -24.91 34.98 -16.48
CA SER B 161 -25.65 35.61 -15.40
C SER B 161 -24.68 36.27 -14.41
N ALA B 162 -24.84 37.58 -14.20
CA ALA B 162 -23.98 38.34 -13.31
C ALA B 162 -24.74 39.48 -12.64
N GLU B 163 -25.48 40.24 -13.46
CA GLU B 163 -26.27 41.41 -13.09
C GLU B 163 -25.39 42.64 -12.85
N ILE B 164 -24.37 42.49 -12.01
CA ILE B 164 -23.42 43.55 -11.65
C ILE B 164 -24.12 44.74 -10.98
N LEU B 165 -23.49 45.29 -9.94
CA LEU B 165 -24.06 46.44 -9.24
C LEU B 165 -23.82 47.73 -10.01
N ASN B 175 -31.43 46.55 -13.14
CA ASN B 175 -32.58 47.34 -12.72
C ASN B 175 -32.87 48.46 -13.70
N ILE B 176 -31.82 49.05 -14.26
CA ILE B 176 -31.98 50.09 -15.27
C ILE B 176 -32.09 49.52 -16.68
N MET B 177 -31.71 48.25 -16.88
CA MET B 177 -31.82 47.63 -18.19
C MET B 177 -33.27 47.30 -18.53
N ILE B 178 -34.01 46.72 -17.56
CA ILE B 178 -35.38 46.28 -17.82
C ILE B 178 -36.26 47.40 -18.38
N PRO B 179 -36.27 48.61 -17.83
CA PRO B 179 -37.10 49.66 -18.45
C PRO B 179 -36.72 49.96 -19.89
N LYS B 180 -35.43 49.88 -20.24
CA LYS B 180 -35.02 50.04 -21.63
C LYS B 180 -35.58 48.91 -22.49
N PHE B 181 -35.43 47.66 -22.02
CA PHE B 181 -36.03 46.52 -22.71
C PHE B 181 -37.51 46.76 -23.00
N LEU B 182 -38.25 47.20 -21.99
CA LEU B 182 -39.66 47.51 -22.18
C LEU B 182 -39.86 48.70 -23.12
N GLN B 183 -38.94 49.67 -23.10
CA GLN B 183 -39.07 50.85 -23.94
C GLN B 183 -39.00 50.50 -25.43
N PHE B 184 -38.09 49.63 -25.83
CA PHE B 184 -38.09 49.21 -27.23
C PHE B 184 -38.92 47.96 -27.46
N PHE B 185 -39.68 47.52 -26.46
CA PHE B 185 -40.50 46.32 -26.58
C PHE B 185 -41.80 46.62 -27.33
N PRO B 190 -39.73 43.91 -36.00
CA PRO B 190 -40.10 42.65 -35.34
C PRO B 190 -38.89 41.91 -34.77
N LYS B 191 -37.74 42.04 -35.43
CA LYS B 191 -36.52 41.38 -34.95
C LYS B 191 -36.14 41.87 -33.56
N ILE B 192 -36.26 43.19 -33.33
CA ILE B 192 -35.92 43.76 -32.03
C ILE B 192 -36.74 43.12 -30.93
N ARG B 193 -38.05 42.97 -31.15
CA ARG B 193 -38.91 42.37 -30.15
C ARG B 193 -38.56 40.90 -29.91
N SER B 194 -38.36 40.14 -30.99
CA SER B 194 -38.04 38.73 -30.87
C SER B 194 -36.72 38.51 -30.14
N HIS B 195 -35.77 39.45 -30.27
CA HIS B 195 -34.57 39.39 -29.46
C HIS B 195 -34.81 39.84 -28.03
N ALA B 196 -35.72 40.78 -27.83
CA ALA B 196 -36.01 41.30 -26.49
C ALA B 196 -36.61 40.21 -25.60
N VAL B 197 -37.58 39.46 -26.14
CA VAL B 197 -38.20 38.39 -25.35
C VAL B 197 -37.14 37.40 -24.87
N ALA B 198 -36.27 36.96 -25.78
CA ALA B 198 -35.19 36.06 -25.38
C ALA B 198 -34.23 36.71 -24.39
N CYS B 199 -34.05 38.03 -24.49
CA CYS B 199 -33.20 38.73 -23.53
C CYS B 199 -33.80 38.68 -22.12
N VAL B 200 -35.09 38.94 -21.99
CA VAL B 200 -35.69 38.99 -20.66
C VAL B 200 -35.93 37.59 -20.10
N ASN B 201 -36.10 36.59 -20.97
CA ASN B 201 -36.44 35.23 -20.55
C ASN B 201 -35.30 34.52 -19.83
N GLN B 202 -34.11 35.12 -19.70
CA GLN B 202 -32.97 34.41 -19.15
C GLN B 202 -32.90 34.45 -17.63
N PHE B 203 -33.34 35.53 -16.99
CA PHE B 203 -33.22 35.70 -15.56
C PHE B 203 -34.52 35.44 -14.81
N ILE B 204 -35.39 34.61 -15.36
CA ILE B 204 -36.67 34.33 -14.73
C ILE B 204 -36.71 32.90 -14.20
N LEU B 213 -38.52 40.25 -10.10
CA LEU B 213 -38.27 41.67 -10.35
C LEU B 213 -39.58 42.47 -10.37
N HIS B 214 -39.98 42.89 -11.57
CA HIS B 214 -41.16 43.71 -11.79
C HIS B 214 -42.25 42.87 -12.43
N ILE B 215 -43.42 43.49 -12.68
CA ILE B 215 -44.55 42.73 -13.21
C ILE B 215 -45.48 43.57 -14.09
N ASP B 216 -45.61 44.86 -13.79
CA ASP B 216 -46.66 45.67 -14.44
C ASP B 216 -46.49 45.68 -15.96
N SER B 217 -45.35 46.19 -16.44
CA SER B 217 -45.06 46.19 -17.86
C SER B 217 -44.50 44.85 -18.32
N PHE B 218 -44.01 44.04 -17.39
CA PHE B 218 -43.46 42.74 -17.75
C PHE B 218 -44.51 41.86 -18.42
N ILE B 219 -45.66 41.69 -17.78
CA ILE B 219 -46.77 40.97 -18.41
C ILE B 219 -47.66 41.90 -19.24
N GLU B 220 -47.89 43.12 -18.74
CA GLU B 220 -48.76 44.07 -19.45
C GLU B 220 -48.30 44.30 -20.88
N ASN B 221 -47.00 44.53 -21.08
CA ASN B 221 -46.52 44.74 -22.45
C ASN B 221 -46.29 43.42 -23.19
N LEU B 222 -45.88 42.36 -22.49
CA LEU B 222 -45.61 41.09 -23.15
C LEU B 222 -46.86 40.50 -23.78
N PHE B 223 -48.03 40.70 -23.16
CA PHE B 223 -49.25 40.17 -23.73
C PHE B 223 -49.63 40.85 -25.04
N ALA B 224 -49.16 42.09 -25.26
CA ALA B 224 -49.50 42.82 -26.48
C ALA B 224 -48.97 42.15 -27.74
N LEU B 225 -47.94 41.31 -27.62
CA LEU B 225 -47.38 40.57 -28.75
C LEU B 225 -48.11 39.26 -29.01
N ALA B 226 -49.39 39.17 -28.68
CA ALA B 226 -50.11 37.90 -28.81
C ALA B 226 -50.22 37.47 -30.27
N GLY B 227 -50.52 38.39 -31.17
CA GLY B 227 -50.76 38.02 -32.55
C GLY B 227 -49.62 38.31 -33.52
N ASP B 228 -48.41 38.52 -33.02
CA ASP B 228 -47.27 38.75 -33.90
C ASP B 228 -46.84 37.44 -34.57
N GLU B 229 -46.39 37.54 -35.82
CA GLU B 229 -46.06 36.39 -36.64
C GLU B 229 -44.55 36.12 -36.57
N GLU B 230 -44.02 35.46 -37.61
CA GLU B 230 -42.63 35.02 -37.74
C GLU B 230 -42.28 33.99 -36.66
N PRO B 231 -41.85 32.79 -37.06
CA PRO B 231 -41.59 31.73 -36.09
C PRO B 231 -40.65 32.10 -34.95
N GLU B 232 -39.74 33.05 -35.15
CA GLU B 232 -38.85 33.44 -34.05
C GLU B 232 -39.63 34.08 -32.91
N VAL B 233 -40.58 34.97 -33.22
CA VAL B 233 -41.37 35.62 -32.18
C VAL B 233 -42.17 34.58 -31.40
N ARG B 234 -42.85 33.68 -32.11
CA ARG B 234 -43.60 32.62 -31.44
C ARG B 234 -42.68 31.74 -30.60
N LYS B 235 -41.46 31.50 -31.08
CA LYS B 235 -40.49 30.69 -30.35
C LYS B 235 -40.14 31.34 -29.01
N ASN B 236 -39.70 32.60 -29.04
CA ASN B 236 -39.30 33.27 -27.81
C ASN B 236 -40.49 33.48 -26.88
N VAL B 237 -41.68 33.73 -27.44
CA VAL B 237 -42.86 33.91 -26.62
C VAL B 237 -43.22 32.61 -25.91
N CYS B 238 -43.30 31.51 -26.66
CA CYS B 238 -43.56 30.21 -26.05
C CYS B 238 -42.51 29.88 -24.99
N ARG B 239 -41.25 30.25 -25.22
CA ARG B 239 -40.24 30.11 -24.18
C ARG B 239 -40.64 30.89 -22.93
N ALA B 240 -41.09 32.13 -23.12
CA ALA B 240 -41.49 32.96 -21.98
C ALA B 240 -42.65 32.34 -21.22
N LEU B 241 -43.63 31.80 -21.93
CA LEU B 241 -44.78 31.19 -21.26
C LEU B 241 -44.40 29.89 -20.55
N VAL B 242 -43.61 29.04 -21.19
CA VAL B 242 -43.21 27.77 -20.57
C VAL B 242 -42.38 28.02 -19.31
N MET B 243 -41.40 28.91 -19.39
CA MET B 243 -40.59 29.20 -18.20
C MET B 243 -41.41 29.92 -17.15
N LEU B 244 -42.27 30.86 -17.57
CA LEU B 244 -43.15 31.57 -16.67
C LEU B 244 -44.25 30.69 -16.10
N LEU B 245 -44.53 29.54 -16.74
CA LEU B 245 -45.59 28.67 -16.25
C LEU B 245 -45.29 28.11 -14.88
N GLU B 246 -44.01 27.95 -14.53
CA GLU B 246 -43.62 27.48 -13.21
C GLU B 246 -43.55 28.60 -12.19
N VAL B 247 -43.29 29.82 -12.64
CA VAL B 247 -43.13 30.96 -11.74
C VAL B 247 -44.11 32.06 -12.11
N LEU B 253 -53.32 35.44 -12.04
CA LEU B 253 -52.04 35.05 -12.63
C LEU B 253 -52.20 33.98 -13.73
N PRO B 254 -52.96 32.90 -13.49
CA PRO B 254 -53.19 31.92 -14.56
C PRO B 254 -54.24 32.41 -15.54
N HIS B 255 -53.94 32.29 -16.84
CA HIS B 255 -54.83 32.74 -17.91
C HIS B 255 -54.92 31.67 -18.99
N MET B 256 -55.32 30.45 -18.60
CA MET B 256 -55.41 29.34 -19.53
C MET B 256 -56.55 29.49 -20.54
N HIS B 257 -57.47 30.44 -20.35
CA HIS B 257 -58.69 30.49 -21.15
C HIS B 257 -58.40 30.81 -22.61
N ASN B 258 -57.51 31.77 -22.86
CA ASN B 258 -57.07 32.07 -24.22
C ASN B 258 -55.74 31.41 -24.56
N ILE B 259 -54.96 31.07 -23.53
CA ILE B 259 -53.68 30.41 -23.73
C ILE B 259 -53.85 28.99 -24.28
N VAL B 260 -54.98 28.34 -23.99
CA VAL B 260 -55.20 27.01 -24.58
C VAL B 260 -55.35 27.13 -26.10
N GLU B 261 -56.04 28.17 -26.58
CA GLU B 261 -56.24 28.31 -28.02
C GLU B 261 -55.01 28.87 -28.72
N TYR B 262 -54.36 29.88 -28.13
CA TYR B 262 -53.16 30.43 -28.75
C TYR B 262 -52.01 29.42 -28.71
N MET B 263 -51.76 28.83 -27.54
CA MET B 263 -50.67 27.88 -27.40
C MET B 263 -50.95 26.58 -28.16
N LEU B 264 -52.17 26.06 -28.04
CA LEU B 264 -52.50 24.82 -28.74
C LEU B 264 -52.48 25.03 -30.24
N GLN B 265 -52.91 26.21 -30.72
CA GLN B 265 -52.78 26.53 -32.13
C GLN B 265 -51.31 26.67 -32.53
N ARG B 266 -50.45 27.11 -31.61
CA ARG B 266 -49.03 27.26 -31.91
C ARG B 266 -48.25 25.95 -31.78
N THR B 267 -48.83 24.92 -31.16
CA THR B 267 -48.17 23.62 -31.08
C THR B 267 -48.05 22.98 -32.45
N GLN B 268 -48.93 23.34 -33.39
CA GLN B 268 -48.91 22.81 -34.76
C GLN B 268 -48.26 23.78 -35.74
N ASP B 269 -47.30 24.58 -35.27
CA ASP B 269 -46.67 25.57 -36.13
C ASP B 269 -45.88 24.91 -37.26
N GLN B 270 -45.63 25.69 -38.31
CA GLN B 270 -44.86 25.22 -39.46
C GLN B 270 -43.40 24.97 -39.09
N ASP B 271 -42.92 25.55 -38.00
CA ASP B 271 -41.54 25.40 -37.55
C ASP B 271 -41.51 24.38 -36.42
N GLU B 272 -40.77 23.29 -36.62
CA GLU B 272 -40.74 22.23 -35.62
C GLU B 272 -40.08 22.70 -34.33
N ASN B 273 -39.14 23.64 -34.41
CA ASN B 273 -38.51 24.18 -33.21
C ASN B 273 -39.53 24.90 -32.34
N VAL B 274 -40.31 25.80 -32.95
CA VAL B 274 -41.35 26.51 -32.21
C VAL B 274 -42.41 25.54 -31.71
N ALA B 275 -42.77 24.55 -32.52
CA ALA B 275 -43.72 23.53 -32.09
C ALA B 275 -43.21 22.75 -30.89
N LEU B 276 -41.90 22.59 -30.78
CA LEU B 276 -41.31 22.01 -29.58
C LEU B 276 -41.44 22.98 -28.40
N GLU B 277 -41.10 24.25 -28.64
CA GLU B 277 -41.25 25.29 -27.62
C GLU B 277 -42.66 25.31 -27.04
N ALA B 278 -43.66 25.01 -27.86
CA ALA B 278 -45.03 24.89 -27.37
C ALA B 278 -45.36 23.49 -26.87
N CYS B 279 -44.56 22.48 -27.22
CA CYS B 279 -44.87 21.12 -26.79
C CYS B 279 -44.35 20.85 -25.38
N GLU B 280 -43.24 21.48 -24.98
CA GLU B 280 -42.77 21.35 -23.61
C GLU B 280 -43.74 21.97 -22.60
N PHE B 281 -44.65 22.83 -23.07
CA PHE B 281 -45.61 23.48 -22.18
C PHE B 281 -46.45 22.46 -21.42
N TRP B 282 -46.80 21.34 -22.07
CA TRP B 282 -47.63 20.34 -21.42
C TRP B 282 -46.90 19.64 -20.28
N LEU B 283 -45.61 19.33 -20.50
CA LEU B 283 -44.80 18.75 -19.43
C LEU B 283 -44.62 19.75 -18.29
N THR B 284 -44.22 20.98 -18.61
CA THR B 284 -44.01 22.00 -17.60
C THR B 284 -45.26 22.25 -16.77
N LEU B 285 -46.44 22.16 -17.40
CA LEU B 285 -47.68 22.40 -16.67
C LEU B 285 -48.02 21.25 -15.73
N ALA B 286 -47.93 20.01 -16.22
CA ALA B 286 -48.45 18.84 -15.51
C ALA B 286 -47.85 18.61 -14.13
N GLU B 287 -46.72 19.26 -13.79
CA GLU B 287 -46.14 19.05 -12.47
C GLU B 287 -46.99 19.67 -11.37
N GLN B 288 -47.48 20.88 -11.57
CA GLN B 288 -48.27 21.55 -10.54
C GLN B 288 -49.63 20.87 -10.36
N PRO B 289 -50.27 21.04 -9.20
CA PRO B 289 -51.58 20.43 -8.98
C PRO B 289 -52.69 21.13 -9.74
N ILE B 290 -52.32 22.10 -10.58
CA ILE B 290 -53.31 22.83 -11.36
C ILE B 290 -53.82 21.99 -12.54
N CYS B 291 -52.97 21.14 -13.11
CA CYS B 291 -53.39 20.27 -14.20
C CYS B 291 -54.57 19.38 -13.83
N LYS B 292 -54.78 19.15 -12.53
CA LYS B 292 -55.87 18.29 -12.09
C LYS B 292 -57.23 18.88 -12.41
N ASP B 293 -57.39 20.19 -12.22
CA ASP B 293 -58.70 20.84 -12.32
C ASP B 293 -58.68 22.05 -13.25
N VAL B 294 -57.79 22.05 -14.25
CA VAL B 294 -57.73 23.14 -15.22
C VAL B 294 -57.58 22.58 -16.62
N LEU B 295 -56.87 21.46 -16.76
CA LEU B 295 -56.58 20.91 -18.08
C LEU B 295 -57.69 20.05 -18.63
N VAL B 296 -58.61 19.57 -17.76
CA VAL B 296 -59.55 18.52 -18.16
C VAL B 296 -60.45 18.98 -19.29
N ARG B 297 -60.70 20.29 -19.39
CA ARG B 297 -61.68 20.80 -20.34
C ARG B 297 -61.19 20.62 -21.78
N HIS B 298 -60.09 21.27 -22.13
CA HIS B 298 -59.62 21.33 -23.50
C HIS B 298 -58.84 20.08 -23.93
N LEU B 299 -58.87 19.00 -23.15
CA LEU B 299 -58.12 17.80 -23.51
C LEU B 299 -58.51 17.23 -24.87
N PRO B 300 -59.80 17.04 -25.20
CA PRO B 300 -60.14 16.50 -26.53
C PRO B 300 -59.60 17.32 -27.68
N LYS B 301 -59.29 18.60 -27.45
CA LYS B 301 -58.60 19.41 -28.45
C LYS B 301 -57.10 19.15 -28.43
N LEU B 302 -56.56 18.73 -27.28
CA LEU B 302 -55.12 18.54 -27.13
C LEU B 302 -54.66 17.20 -27.70
N ILE B 303 -55.40 16.11 -27.41
CA ILE B 303 -54.94 14.77 -27.76
C ILE B 303 -54.58 14.63 -29.25
N PRO B 304 -55.43 15.04 -30.20
CA PRO B 304 -55.05 14.86 -31.61
C PRO B 304 -53.76 15.56 -31.98
N VAL B 305 -53.50 16.75 -31.44
CA VAL B 305 -52.24 17.44 -31.68
C VAL B 305 -51.07 16.58 -31.22
N LEU B 306 -51.14 16.06 -29.99
CA LEU B 306 -50.10 15.18 -29.48
C LEU B 306 -49.89 13.98 -30.40
N VAL B 307 -50.98 13.31 -30.79
CA VAL B 307 -50.84 12.13 -31.64
C VAL B 307 -50.23 12.50 -32.99
N ASN B 308 -50.49 13.71 -33.47
CA ASN B 308 -49.84 14.19 -34.69
C ASN B 308 -48.35 14.44 -34.46
N GLY B 309 -47.97 14.83 -33.23
CA GLY B 309 -46.57 15.06 -32.93
C GLY B 309 -45.78 13.82 -32.61
N MET B 310 -46.45 12.76 -32.13
CA MET B 310 -45.76 11.51 -31.81
C MET B 310 -45.32 10.75 -33.05
N LYS B 311 -45.66 11.24 -34.24
CA LYS B 311 -45.15 10.69 -35.48
C LYS B 311 -43.70 11.14 -35.70
N TYR B 312 -42.93 10.29 -36.38
CA TYR B 312 -41.55 10.63 -36.69
C TYR B 312 -41.49 11.88 -37.55
N SER B 313 -40.53 12.75 -37.25
CA SER B 313 -40.32 13.92 -38.09
C SER B 313 -39.90 13.48 -39.50
N ASP B 314 -40.24 14.30 -40.49
CA ASP B 314 -39.90 13.97 -41.87
C ASP B 314 -38.40 13.92 -42.10
N ILE B 315 -37.64 14.75 -41.40
CA ILE B 315 -36.19 14.81 -41.62
C ILE B 315 -35.49 13.61 -40.97
N ASP B 316 -35.93 13.21 -39.77
CA ASP B 316 -35.21 12.20 -38.98
C ASP B 316 -35.23 10.83 -39.61
N ILE B 317 -36.22 10.52 -40.46
CA ILE B 317 -36.37 9.18 -41.01
C ILE B 317 -35.12 8.76 -41.78
N ILE B 318 -34.43 9.71 -42.41
CA ILE B 318 -33.23 9.36 -43.17
C ILE B 318 -32.06 9.07 -42.24
N LEU B 319 -31.98 9.79 -41.13
CA LEU B 319 -30.90 9.59 -40.16
C LEU B 319 -31.11 8.31 -39.36
N SER B 349 -31.37 12.83 -33.10
CA SER B 349 -31.00 13.52 -31.86
C SER B 349 -31.53 12.76 -30.64
N ASP B 350 -31.56 13.45 -29.50
CA ASP B 350 -32.00 12.85 -28.25
C ASP B 350 -33.20 13.54 -27.61
N TRP B 351 -33.70 14.62 -28.21
CA TRP B 351 -34.89 15.29 -27.68
C TRP B 351 -35.53 16.10 -28.81
N ASN B 352 -36.59 15.53 -29.39
CA ASN B 352 -37.30 16.10 -30.53
C ASN B 352 -38.77 16.32 -30.15
N LEU B 353 -39.57 16.72 -31.14
CA LEU B 353 -41.02 16.79 -30.94
C LEU B 353 -41.61 15.41 -30.66
N ARG B 354 -40.97 14.36 -31.20
CA ARG B 354 -41.41 12.99 -30.92
C ARG B 354 -41.29 12.65 -29.44
N LYS B 355 -40.10 12.85 -28.88
CA LYS B 355 -39.89 12.53 -27.47
C LYS B 355 -40.76 13.40 -26.56
N CYS B 356 -40.91 14.68 -26.91
CA CYS B 356 -41.69 15.57 -26.07
C CYS B 356 -43.18 15.24 -26.12
N SER B 357 -43.67 14.84 -27.30
CA SER B 357 -45.08 14.46 -27.42
C SER B 357 -45.35 13.16 -26.68
N ALA B 358 -44.49 12.15 -26.86
CA ALA B 358 -44.67 10.90 -26.15
C ALA B 358 -44.57 11.10 -24.64
N ALA B 359 -43.63 11.92 -24.19
CA ALA B 359 -43.48 12.17 -22.76
C ALA B 359 -44.68 12.92 -22.20
N ALA B 360 -45.16 13.94 -22.91
CA ALA B 360 -46.36 14.65 -22.48
C ALA B 360 -47.54 13.70 -22.35
N LEU B 361 -47.75 12.85 -23.36
CA LEU B 361 -48.84 11.87 -23.28
C LEU B 361 -48.65 10.93 -22.09
N ASP B 362 -47.40 10.60 -21.76
CA ASP B 362 -47.14 9.72 -20.61
C ASP B 362 -47.50 10.39 -19.30
N VAL B 363 -46.87 11.54 -19.00
CA VAL B 363 -47.06 12.19 -17.71
C VAL B 363 -48.52 12.61 -17.53
N LEU B 364 -49.16 13.04 -18.62
CA LEU B 364 -50.59 13.36 -18.54
C LEU B 364 -51.42 12.09 -18.32
N ALA B 365 -51.03 10.99 -18.96
CA ALA B 365 -51.75 9.73 -18.77
C ALA B 365 -51.69 9.26 -17.32
N ASN B 366 -50.55 9.48 -16.65
CA ASN B 366 -50.46 9.11 -15.25
C ASN B 366 -51.27 10.04 -14.34
N VAL B 367 -51.57 11.26 -14.79
CA VAL B 367 -52.42 12.16 -14.03
C VAL B 367 -53.88 11.82 -14.24
N LEU B 373 -57.14 9.66 -18.10
CA LEU B 373 -57.65 10.95 -18.54
C LEU B 373 -58.11 11.02 -20.00
N PRO B 374 -57.30 10.53 -20.96
CA PRO B 374 -57.69 10.71 -22.37
C PRO B 374 -59.02 10.03 -22.72
N HIS B 375 -59.19 8.75 -22.38
CA HIS B 375 -60.37 7.97 -22.77
C HIS B 375 -60.70 8.19 -24.25
N ILE B 376 -59.65 8.21 -25.08
CA ILE B 376 -59.72 8.66 -26.47
C ILE B 376 -59.47 7.50 -27.44
N LEU B 377 -59.50 6.27 -26.94
CA LEU B 377 -59.10 5.02 -27.59
C LEU B 377 -59.49 4.85 -29.07
N PRO B 378 -60.71 5.23 -29.50
CA PRO B 378 -61.06 5.04 -30.91
C PRO B 378 -60.04 5.55 -31.91
N LEU B 379 -59.42 6.72 -31.65
CA LEU B 379 -58.37 7.21 -32.54
C LEU B 379 -57.29 6.17 -32.75
N LEU B 380 -56.87 5.49 -31.68
CA LEU B 380 -55.88 4.43 -31.79
C LEU B 380 -56.35 3.35 -32.76
N LYS B 381 -57.62 2.92 -32.63
CA LYS B 381 -58.18 1.93 -33.53
C LYS B 381 -57.87 2.24 -34.99
N GLU B 382 -57.76 3.52 -35.33
CA GLU B 382 -57.31 3.90 -36.66
C GLU B 382 -55.81 3.62 -36.79
N LEU B 383 -55.00 4.42 -36.09
CA LEU B 383 -53.56 4.44 -36.37
C LEU B 383 -52.89 3.12 -36.02
N LEU B 384 -53.45 2.36 -35.06
CA LEU B 384 -52.85 1.10 -34.69
C LEU B 384 -52.91 0.07 -35.82
N PHE B 385 -53.82 0.25 -36.78
CA PHE B 385 -54.00 -0.71 -37.87
C PHE B 385 -53.87 0.02 -39.20
N HIS B 386 -52.71 -0.13 -39.85
CA HIS B 386 -52.45 0.54 -41.12
C HIS B 386 -51.41 -0.28 -41.89
N HIS B 387 -51.04 0.23 -43.07
CA HIS B 387 -50.01 -0.38 -43.92
C HIS B 387 -48.75 0.47 -44.01
N GLU B 388 -48.89 1.78 -44.21
CA GLU B 388 -47.75 2.68 -44.10
C GLU B 388 -47.22 2.66 -42.67
N TRP B 389 -46.08 2.00 -42.47
CA TRP B 389 -45.58 1.71 -41.12
C TRP B 389 -45.22 2.97 -40.34
N VAL B 390 -44.96 4.09 -41.02
CA VAL B 390 -44.57 5.32 -40.32
C VAL B 390 -45.66 5.82 -39.38
N VAL B 391 -46.92 5.46 -39.62
CA VAL B 391 -48.02 5.85 -38.74
C VAL B 391 -48.31 4.77 -37.70
N LYS B 392 -48.37 3.52 -38.14
CA LYS B 392 -48.57 2.40 -37.22
C LYS B 392 -47.54 2.43 -36.10
N GLU B 393 -46.29 2.76 -36.44
CA GLU B 393 -45.25 2.97 -35.44
C GLU B 393 -45.70 3.97 -34.39
N SER B 394 -46.22 5.13 -34.83
CA SER B 394 -46.70 6.14 -33.90
C SER B 394 -47.79 5.58 -32.99
N GLY B 395 -48.71 4.79 -33.55
CA GLY B 395 -49.73 4.17 -32.72
C GLY B 395 -49.15 3.27 -31.66
N ILE B 396 -48.21 2.39 -32.05
CA ILE B 396 -47.57 1.49 -31.10
C ILE B 396 -46.88 2.28 -30.01
N LEU B 397 -46.22 3.39 -30.39
CA LEU B 397 -45.62 4.26 -29.39
C LEU B 397 -46.66 4.80 -28.43
N VAL B 398 -47.83 5.19 -28.93
CA VAL B 398 -48.90 5.64 -28.05
C VAL B 398 -49.28 4.55 -27.06
N LEU B 399 -49.35 3.30 -27.52
CA LEU B 399 -49.56 2.19 -26.60
C LEU B 399 -48.48 2.13 -25.54
N GLY B 400 -47.23 2.35 -25.94
CA GLY B 400 -46.12 2.37 -24.99
C GLY B 400 -46.12 3.54 -24.03
N ALA B 401 -46.86 4.61 -24.35
CA ALA B 401 -46.79 5.85 -23.59
C ALA B 401 -47.69 5.89 -22.36
N ILE B 402 -48.72 5.04 -22.29
CA ILE B 402 -49.69 5.14 -21.20
C ILE B 402 -49.48 4.09 -20.12
N ALA B 403 -48.43 3.26 -20.23
CA ALA B 403 -48.22 2.19 -19.26
C ALA B 403 -48.00 2.71 -17.85
N MET B 407 -53.97 3.51 -17.86
CA MET B 407 -53.49 2.15 -18.02
C MET B 407 -54.58 1.16 -17.62
N GLN B 408 -55.26 1.46 -16.50
CA GLN B 408 -56.27 0.54 -15.97
C GLN B 408 -57.46 0.41 -16.92
N GLY B 409 -57.81 1.49 -17.63
CA GLY B 409 -58.90 1.43 -18.59
C GLY B 409 -58.55 0.72 -19.88
N MET B 410 -57.29 0.34 -20.06
CA MET B 410 -56.81 -0.35 -21.25
C MET B 410 -56.91 -1.86 -21.11
N ILE B 411 -57.04 -2.36 -19.88
CA ILE B 411 -57.03 -3.81 -19.65
C ILE B 411 -58.04 -4.58 -20.49
N PRO B 412 -59.33 -4.16 -20.56
CA PRO B 412 -60.30 -4.99 -21.30
C PRO B 412 -59.95 -5.21 -22.77
N TYR B 413 -59.33 -4.23 -23.43
CA TYR B 413 -59.02 -4.33 -24.85
C TYR B 413 -57.75 -5.14 -25.12
N LEU B 414 -56.95 -5.42 -24.10
CA LEU B 414 -55.62 -6.01 -24.26
C LEU B 414 -55.61 -7.48 -24.71
N PRO B 415 -56.47 -8.37 -24.14
CA PRO B 415 -56.37 -9.79 -24.51
C PRO B 415 -56.36 -10.06 -26.01
N GLU B 416 -56.94 -9.17 -26.82
CA GLU B 416 -56.84 -9.25 -28.26
C GLU B 416 -55.67 -8.44 -28.80
N LEU B 417 -55.32 -7.35 -28.11
CA LEU B 417 -54.26 -6.47 -28.57
C LEU B 417 -52.90 -7.16 -28.55
N ILE B 418 -52.56 -7.81 -27.44
CA ILE B 418 -51.20 -8.34 -27.25
C ILE B 418 -50.78 -9.29 -28.36
N PRO B 419 -51.56 -10.31 -28.74
CA PRO B 419 -51.10 -11.19 -29.83
C PRO B 419 -50.83 -10.46 -31.14
N HIS B 420 -51.68 -9.50 -31.49
CA HIS B 420 -51.45 -8.70 -32.69
C HIS B 420 -50.12 -7.95 -32.61
N LEU B 421 -49.72 -7.51 -31.42
CA LEU B 421 -48.38 -6.91 -31.28
C LEU B 421 -47.29 -7.96 -31.40
N ILE B 422 -47.51 -9.16 -30.85
CA ILE B 422 -46.55 -10.25 -30.95
C ILE B 422 -46.23 -10.54 -32.41
N GLN B 423 -47.27 -10.79 -33.22
CA GLN B 423 -47.05 -10.98 -34.65
C GLN B 423 -46.57 -9.69 -35.32
N CYS B 424 -46.97 -8.54 -34.81
CA CYS B 424 -46.52 -7.25 -35.34
C CYS B 424 -45.01 -7.07 -35.21
N LEU B 425 -44.37 -7.80 -34.29
CA LEU B 425 -42.92 -7.78 -34.19
C LEU B 425 -42.23 -8.32 -35.44
N SER B 426 -42.96 -8.98 -36.33
CA SER B 426 -42.39 -9.55 -37.54
C SER B 426 -42.36 -8.57 -38.71
N ASP B 427 -42.55 -7.28 -38.44
CA ASP B 427 -42.48 -6.25 -39.48
C ASP B 427 -41.07 -6.23 -40.08
N LYS B 428 -40.98 -5.70 -41.30
CA LYS B 428 -39.70 -5.66 -42.02
C LYS B 428 -38.88 -4.42 -41.69
N LYS B 429 -39.52 -3.28 -41.44
CA LYS B 429 -38.80 -2.07 -41.11
C LYS B 429 -38.34 -2.08 -39.65
N ALA B 430 -37.18 -1.47 -39.41
CA ALA B 430 -36.51 -1.60 -38.12
C ALA B 430 -37.20 -0.80 -37.03
N LEU B 431 -37.55 0.45 -37.34
CA LEU B 431 -38.13 1.33 -36.32
C LEU B 431 -39.38 0.72 -35.69
N VAL B 432 -40.24 0.11 -36.51
CA VAL B 432 -41.45 -0.52 -35.99
C VAL B 432 -41.08 -1.71 -35.10
N ARG B 433 -40.03 -2.44 -35.46
CA ARG B 433 -39.59 -3.56 -34.64
C ARG B 433 -39.14 -3.08 -33.27
N SER B 434 -38.27 -2.07 -33.23
CA SER B 434 -37.77 -1.57 -31.94
C SER B 434 -38.90 -1.00 -31.09
N ILE B 435 -39.69 -0.09 -31.66
CA ILE B 435 -40.77 0.53 -30.87
C ILE B 435 -41.79 -0.50 -30.42
N THR B 436 -41.98 -1.56 -31.22
CA THR B 436 -42.88 -2.63 -30.79
C THR B 436 -42.27 -3.41 -29.64
N CYS B 437 -40.94 -3.58 -29.64
CA CYS B 437 -40.26 -4.23 -28.53
C CYS B 437 -40.44 -3.43 -27.23
N TRP B 438 -40.25 -2.11 -27.31
CA TRP B 438 -40.36 -1.29 -26.10
C TRP B 438 -41.80 -1.22 -25.62
N THR B 439 -42.73 -0.89 -26.53
CA THR B 439 -44.14 -0.80 -26.16
C THR B 439 -44.64 -2.12 -25.57
N LEU B 440 -44.24 -3.24 -26.17
CA LEU B 440 -44.57 -4.55 -25.60
C LEU B 440 -43.94 -4.71 -24.21
N SER B 441 -42.72 -4.20 -24.03
CA SER B 441 -42.05 -4.32 -22.74
C SER B 441 -42.74 -3.51 -21.66
N ARG B 442 -43.45 -2.45 -22.03
CA ARG B 442 -44.09 -1.60 -21.03
C ARG B 442 -45.26 -2.28 -20.32
N TYR B 443 -45.84 -3.32 -20.94
CA TYR B 443 -46.95 -4.06 -20.34
C TYR B 443 -46.49 -5.42 -19.82
N ALA B 444 -45.42 -5.43 -19.01
CA ALA B 444 -44.89 -6.71 -18.54
C ALA B 444 -45.90 -7.47 -17.69
N HIS B 445 -46.67 -6.76 -16.86
CA HIS B 445 -47.72 -7.40 -16.07
C HIS B 445 -48.76 -7.99 -17.00
N TRP B 446 -48.90 -9.32 -17.01
CA TRP B 446 -49.77 -10.01 -17.95
C TRP B 446 -51.23 -9.65 -17.72
N VAL B 447 -52.02 -9.79 -18.79
CA VAL B 447 -53.47 -9.65 -18.76
C VAL B 447 -54.11 -10.75 -17.93
N VAL B 448 -53.56 -11.02 -16.74
CA VAL B 448 -54.00 -12.04 -15.80
C VAL B 448 -53.78 -13.45 -16.37
N SER B 449 -53.46 -13.54 -17.66
CA SER B 449 -53.16 -14.81 -18.32
C SER B 449 -51.67 -14.91 -18.55
N GLN B 450 -51.04 -15.98 -18.05
CA GLN B 450 -49.60 -16.16 -18.28
C GLN B 450 -49.15 -17.58 -18.60
N PRO B 451 -50.00 -18.50 -19.07
CA PRO B 451 -49.56 -19.88 -19.24
C PRO B 451 -48.47 -19.97 -20.28
N PRO B 452 -47.55 -20.93 -20.15
CA PRO B 452 -46.41 -21.05 -21.07
C PRO B 452 -46.78 -21.66 -22.43
N ASP B 453 -47.89 -21.19 -23.00
CA ASP B 453 -48.34 -21.66 -24.30
C ASP B 453 -49.22 -20.60 -24.96
N THR B 454 -49.79 -19.71 -24.16
CA THR B 454 -50.64 -18.65 -24.70
C THR B 454 -49.87 -17.35 -24.95
N TYR B 455 -49.05 -16.93 -23.99
CA TYR B 455 -48.42 -15.62 -24.09
C TYR B 455 -46.91 -15.63 -23.89
N LEU B 456 -46.43 -16.20 -22.79
CA LEU B 456 -45.03 -16.05 -22.40
C LEU B 456 -44.10 -16.79 -23.33
N LYS B 457 -44.48 -18.00 -23.78
CA LYS B 457 -43.61 -18.77 -24.66
C LYS B 457 -43.40 -18.09 -26.01
N PRO B 458 -44.43 -17.64 -26.74
CA PRO B 458 -44.17 -16.94 -28.01
C PRO B 458 -43.42 -15.64 -27.83
N LEU B 459 -43.74 -14.88 -26.77
CA LEU B 459 -43.02 -13.64 -26.50
C LEU B 459 -41.53 -13.90 -26.30
N MET B 460 -41.19 -14.89 -25.48
CA MET B 460 -39.79 -15.24 -25.27
C MET B 460 -39.13 -15.69 -26.57
N THR B 461 -39.83 -16.55 -27.34
CA THR B 461 -39.24 -17.12 -28.55
C THR B 461 -38.94 -16.04 -29.59
N GLU B 462 -39.98 -15.32 -30.03
CA GLU B 462 -39.78 -14.30 -31.06
C GLU B 462 -38.93 -13.15 -30.55
N LEU B 463 -39.11 -12.77 -29.29
CA LEU B 463 -38.26 -11.75 -28.68
C LEU B 463 -36.79 -12.13 -28.82
N LEU B 464 -36.46 -13.38 -28.49
CA LEU B 464 -35.09 -13.86 -28.67
C LEU B 464 -34.69 -13.91 -30.14
N LYS B 465 -35.65 -14.18 -31.04
CA LYS B 465 -35.32 -14.25 -32.46
C LYS B 465 -34.98 -12.88 -33.04
N ARG B 466 -35.59 -11.82 -32.53
CA ARG B 466 -35.23 -10.48 -32.97
C ARG B 466 -34.10 -9.86 -32.14
N ILE B 467 -33.77 -10.45 -30.99
CA ILE B 467 -32.55 -10.03 -30.30
C ILE B 467 -31.34 -10.32 -31.17
N LEU B 468 -31.38 -11.42 -31.92
CA LEU B 468 -30.34 -11.76 -32.89
C LEU B 468 -30.75 -11.19 -34.23
N ASP B 469 -30.54 -9.88 -34.39
CA ASP B 469 -30.93 -9.13 -35.56
C ASP B 469 -29.69 -8.58 -36.25
N SER B 470 -29.83 -8.27 -37.55
CA SER B 470 -28.76 -7.62 -38.29
C SER B 470 -28.72 -6.11 -38.06
N ASN B 471 -29.72 -5.56 -37.38
CA ASN B 471 -29.77 -4.13 -37.08
C ASN B 471 -29.40 -3.88 -35.62
N LYS B 472 -28.70 -2.78 -35.38
CA LYS B 472 -28.16 -2.49 -34.05
C LYS B 472 -29.26 -2.13 -33.06
N ARG B 473 -30.10 -1.16 -33.43
CA ARG B 473 -31.14 -0.66 -32.53
C ARG B 473 -32.13 -1.74 -32.15
N VAL B 474 -32.35 -2.73 -33.02
CA VAL B 474 -33.24 -3.83 -32.68
C VAL B 474 -32.60 -4.72 -31.62
N GLN B 475 -31.29 -4.97 -31.74
CA GLN B 475 -30.58 -5.71 -30.71
C GLN B 475 -30.64 -4.98 -29.37
N GLU B 476 -30.36 -3.67 -29.40
CA GLU B 476 -30.27 -2.89 -28.18
C GLU B 476 -31.63 -2.78 -27.47
N ALA B 477 -32.68 -2.47 -28.24
CA ALA B 477 -34.00 -2.29 -27.63
C ALA B 477 -34.64 -3.63 -27.26
N ALA B 478 -34.47 -4.64 -28.10
CA ALA B 478 -35.04 -5.95 -27.78
C ALA B 478 -34.37 -6.57 -26.56
N CYS B 479 -33.04 -6.41 -26.44
CA CYS B 479 -32.33 -6.90 -25.27
C CYS B 479 -32.72 -6.12 -24.03
N SER B 480 -32.66 -4.79 -24.11
CA SER B 480 -33.03 -3.93 -22.99
C SER B 480 -34.51 -4.00 -22.66
N ALA B 481 -35.31 -4.68 -23.48
CA ALA B 481 -36.68 -5.01 -23.12
C ALA B 481 -36.77 -6.38 -22.45
N PHE B 482 -35.97 -7.33 -22.95
CA PHE B 482 -35.88 -8.64 -22.30
C PHE B 482 -35.44 -8.51 -20.85
N ALA B 483 -34.53 -7.58 -20.56
CA ALA B 483 -34.07 -7.38 -19.19
C ALA B 483 -35.24 -7.09 -18.24
N THR B 484 -36.08 -6.11 -18.60
CA THR B 484 -37.24 -5.80 -17.77
C THR B 484 -38.23 -6.97 -17.76
N LEU B 485 -38.38 -7.67 -18.88
CA LEU B 485 -39.29 -8.81 -18.93
C LEU B 485 -38.88 -9.87 -17.91
N GLU B 486 -37.58 -10.04 -17.73
CA GLU B 486 -37.05 -10.99 -16.75
C GLU B 486 -37.18 -10.43 -15.34
N GLU B 487 -37.04 -9.11 -15.22
CA GLU B 487 -37.13 -8.44 -13.92
C GLU B 487 -38.54 -8.53 -13.34
N GLU B 488 -39.56 -8.57 -14.20
CA GLU B 488 -40.94 -8.70 -13.74
C GLU B 488 -41.48 -10.13 -13.84
N ALA B 489 -40.82 -10.99 -14.61
CA ALA B 489 -41.27 -12.38 -14.77
C ALA B 489 -40.72 -13.28 -13.67
N CYS B 490 -39.47 -13.10 -13.28
CA CYS B 490 -38.80 -13.82 -12.19
C CYS B 490 -38.72 -15.31 -12.56
N THR B 491 -39.13 -16.22 -11.68
CA THR B 491 -38.81 -17.64 -11.80
C THR B 491 -39.52 -18.33 -12.96
N GLU B 492 -40.50 -17.70 -13.60
CA GLU B 492 -41.25 -18.37 -14.66
C GLU B 492 -40.41 -18.66 -15.91
N LEU B 493 -39.15 -18.19 -15.94
CA LEU B 493 -38.29 -18.40 -17.10
C LEU B 493 -37.26 -19.53 -16.94
N VAL B 494 -37.51 -20.42 -15.99
CA VAL B 494 -36.64 -21.56 -15.74
C VAL B 494 -36.73 -22.66 -16.80
N PRO B 495 -37.92 -23.10 -17.23
CA PRO B 495 -37.95 -24.29 -18.11
C PRO B 495 -37.28 -24.09 -19.46
N TYR B 496 -37.20 -22.85 -19.95
CA TYR B 496 -36.68 -22.58 -21.30
C TYR B 496 -35.25 -22.08 -21.29
N LEU B 497 -34.53 -22.22 -20.17
CA LEU B 497 -33.17 -21.70 -20.07
C LEU B 497 -32.23 -22.31 -21.10
N ALA B 498 -32.55 -23.49 -21.66
CA ALA B 498 -31.73 -24.05 -22.72
C ALA B 498 -31.74 -23.13 -23.94
N TYR B 499 -32.92 -22.77 -24.44
CA TYR B 499 -33.01 -21.85 -25.56
C TYR B 499 -32.57 -20.45 -25.16
N ILE B 500 -32.94 -20.01 -23.96
CA ILE B 500 -32.59 -18.67 -23.49
C ILE B 500 -31.08 -18.48 -23.51
N LEU B 501 -30.35 -19.31 -22.74
CA LEU B 501 -28.91 -19.15 -22.62
C LEU B 501 -28.19 -19.55 -23.91
N ASP B 502 -28.68 -20.56 -24.64
CA ASP B 502 -28.04 -20.96 -25.89
C ASP B 502 -28.09 -19.82 -26.90
N THR B 503 -29.27 -19.24 -27.09
CA THR B 503 -29.39 -18.12 -28.02
C THR B 503 -28.70 -16.87 -27.49
N LEU B 504 -28.67 -16.70 -26.17
CA LEU B 504 -28.03 -15.51 -25.60
C LEU B 504 -26.52 -15.55 -25.77
N VAL B 505 -25.91 -16.73 -25.72
CA VAL B 505 -24.48 -16.82 -26.02
C VAL B 505 -24.26 -16.81 -27.53
N PHE B 506 -25.23 -17.33 -28.29
CA PHE B 506 -25.20 -17.19 -29.74
C PHE B 506 -25.07 -15.73 -30.16
N ALA B 507 -25.89 -14.86 -29.56
CA ALA B 507 -25.75 -13.43 -29.76
C ALA B 507 -24.53 -12.85 -29.03
N PHE B 508 -24.08 -13.50 -27.96
CA PHE B 508 -22.96 -12.99 -27.18
C PHE B 508 -21.66 -13.01 -28.00
N SER B 509 -21.38 -14.11 -28.67
CA SER B 509 -20.16 -14.19 -29.47
C SER B 509 -20.19 -13.30 -30.71
N LYS B 510 -21.37 -12.80 -31.10
CA LYS B 510 -21.52 -12.06 -32.34
C LYS B 510 -21.74 -10.56 -32.17
N TYR B 511 -21.93 -10.07 -30.95
CA TYR B 511 -22.28 -8.67 -30.74
C TYR B 511 -21.05 -7.77 -30.89
N GLN B 512 -21.19 -6.50 -30.50
CA GLN B 512 -20.16 -5.50 -30.73
C GLN B 512 -19.49 -5.04 -29.43
N HIS B 513 -19.72 -3.78 -29.07
CA HIS B 513 -19.14 -3.23 -27.84
C HIS B 513 -20.12 -2.31 -27.13
N LYS B 514 -20.75 -1.39 -27.88
CA LYS B 514 -21.70 -0.47 -27.26
C LYS B 514 -22.99 -1.16 -26.88
N ASN B 515 -23.39 -2.20 -27.63
CA ASN B 515 -24.56 -3.00 -27.29
C ASN B 515 -24.22 -4.16 -26.36
N LEU B 516 -22.94 -4.52 -26.23
CA LEU B 516 -22.55 -5.62 -25.35
C LEU B 516 -22.84 -5.30 -23.90
N LEU B 517 -22.70 -4.02 -23.52
CA LEU B 517 -23.11 -3.56 -22.19
C LEU B 517 -24.54 -3.99 -21.88
N ILE B 518 -25.42 -3.90 -22.87
CA ILE B 518 -26.82 -4.28 -22.66
C ILE B 518 -26.97 -5.80 -22.58
N LEU B 519 -26.06 -6.56 -23.19
CA LEU B 519 -26.04 -7.99 -22.96
C LEU B 519 -25.68 -8.30 -21.51
N TYR B 520 -24.67 -7.62 -20.97
CA TYR B 520 -24.37 -7.73 -19.56
C TYR B 520 -25.58 -7.35 -18.70
N ASP B 521 -26.33 -6.33 -19.13
CA ASP B 521 -27.59 -6.00 -18.47
C ASP B 521 -28.55 -7.19 -18.48
N ALA B 522 -28.68 -7.86 -19.63
CA ALA B 522 -29.67 -8.93 -19.75
C ALA B 522 -29.29 -10.13 -18.91
N ILE B 523 -28.02 -10.56 -18.96
CA ILE B 523 -27.60 -11.73 -18.22
C ILE B 523 -27.56 -11.44 -16.72
N GLY B 524 -27.02 -10.26 -16.36
CA GLY B 524 -27.02 -9.86 -14.95
C GLY B 524 -28.42 -9.79 -14.36
N THR B 525 -29.33 -9.12 -15.07
CA THR B 525 -30.69 -8.96 -14.60
C THR B 525 -31.41 -10.31 -14.56
N LEU B 526 -31.04 -11.20 -15.46
CA LEU B 526 -31.66 -12.53 -15.53
C LEU B 526 -31.23 -13.41 -14.37
N ALA B 527 -29.92 -13.63 -14.24
CA ALA B 527 -29.39 -14.46 -13.17
C ALA B 527 -29.86 -13.96 -11.80
N ASP B 528 -29.78 -12.65 -11.59
CA ASP B 528 -30.19 -12.05 -10.33
C ASP B 528 -31.69 -12.26 -10.08
N SER B 529 -32.49 -11.98 -11.11
CA SER B 529 -33.94 -12.13 -11.00
C SER B 529 -34.33 -13.61 -10.96
N VAL B 530 -34.37 -14.23 -12.14
CA VAL B 530 -34.73 -15.65 -12.24
C VAL B 530 -33.76 -16.52 -11.46
N LEU B 534 -31.77 -22.93 -10.84
CA LEU B 534 -30.67 -21.98 -10.77
C LEU B 534 -29.43 -22.61 -10.14
N ASN B 535 -28.77 -23.49 -10.90
CA ASN B 535 -27.57 -24.16 -10.43
C ASN B 535 -27.36 -25.49 -11.14
N LYS B 536 -27.22 -25.42 -12.47
CA LYS B 536 -27.02 -26.61 -13.28
C LYS B 536 -25.54 -26.84 -13.57
N PRO B 537 -25.25 -27.87 -14.35
CA PRO B 537 -23.86 -28.21 -14.70
C PRO B 537 -23.62 -28.07 -16.20
N GLU B 538 -24.61 -27.58 -16.93
CA GLU B 538 -24.49 -27.40 -18.37
C GLU B 538 -24.84 -25.98 -18.80
N TYR B 539 -25.66 -25.32 -18.00
CA TYR B 539 -25.98 -23.92 -18.21
C TYR B 539 -24.65 -23.21 -17.98
N ILE B 540 -23.95 -23.59 -16.91
CA ILE B 540 -22.64 -23.03 -16.62
C ILE B 540 -21.70 -23.23 -17.81
N GLN B 541 -21.80 -24.39 -18.46
CA GLN B 541 -21.02 -24.63 -19.67
C GLN B 541 -21.44 -23.74 -20.83
N MET B 542 -22.69 -23.25 -20.82
CA MET B 542 -23.12 -22.31 -21.85
C MET B 542 -22.63 -20.90 -21.56
N LEU B 543 -22.72 -20.47 -20.30
CA LEU B 543 -22.58 -19.05 -19.95
C LEU B 543 -21.16 -18.67 -19.54
N MET B 544 -20.42 -19.60 -18.94
CA MET B 544 -19.13 -19.26 -18.34
C MET B 544 -17.95 -19.22 -19.33
N PRO B 545 -17.89 -20.06 -20.36
CA PRO B 545 -16.77 -19.97 -21.31
C PRO B 545 -16.64 -18.58 -21.94
N PRO B 546 -17.73 -17.95 -22.40
CA PRO B 546 -17.56 -16.61 -22.98
C PRO B 546 -17.17 -15.56 -21.96
N LEU B 547 -17.74 -15.63 -20.75
CA LEU B 547 -17.35 -14.71 -19.69
C LEU B 547 -15.88 -14.88 -19.31
N ILE B 548 -15.35 -16.09 -19.44
CA ILE B 548 -13.93 -16.32 -19.20
C ILE B 548 -13.10 -15.78 -20.36
N GLN B 549 -13.61 -15.87 -21.60
CA GLN B 549 -12.91 -15.31 -22.74
C GLN B 549 -12.80 -13.79 -22.63
N LYS B 550 -13.94 -13.11 -22.43
CA LYS B 550 -13.92 -11.67 -22.18
C LYS B 550 -13.14 -11.34 -20.90
N TRP B 551 -13.11 -12.27 -19.94
CA TRP B 551 -12.32 -12.05 -18.72
C TRP B 551 -10.83 -11.97 -19.05
N ASN B 552 -10.35 -12.87 -19.90
CA ASN B 552 -8.92 -12.93 -20.20
C ASN B 552 -8.50 -11.87 -21.21
N MET B 553 -9.37 -11.53 -22.17
CA MET B 553 -8.98 -10.59 -23.23
C MET B 553 -8.83 -9.17 -22.70
N LEU B 554 -9.47 -8.84 -21.58
CA LEU B 554 -9.36 -7.50 -21.02
C LEU B 554 -8.19 -7.44 -20.04
N LYS B 555 -7.53 -6.29 -20.00
CA LYS B 555 -6.39 -6.11 -19.13
C LYS B 555 -6.83 -5.50 -17.81
N ASP B 556 -5.94 -5.55 -16.81
CA ASP B 556 -6.32 -5.14 -15.46
C ASP B 556 -6.63 -3.65 -15.39
N GLU B 557 -5.93 -2.84 -16.18
CA GLU B 557 -6.14 -1.39 -16.22
C GLU B 557 -7.17 -0.98 -17.27
N ASP B 558 -7.88 -1.94 -17.87
CA ASP B 558 -8.83 -1.67 -18.94
C ASP B 558 -10.19 -1.33 -18.34
N LYS B 559 -10.73 -0.16 -18.70
CA LYS B 559 -12.00 0.30 -18.15
C LYS B 559 -13.15 -0.61 -18.55
N ASP B 560 -13.01 -1.35 -19.65
CA ASP B 560 -14.07 -2.22 -20.12
C ASP B 560 -14.37 -3.36 -19.14
N LEU B 561 -13.57 -3.52 -18.09
CA LEU B 561 -13.87 -4.47 -17.03
C LEU B 561 -15.04 -4.04 -16.17
N PHE B 562 -15.46 -2.77 -16.25
CA PHE B 562 -16.53 -2.29 -15.36
C PHE B 562 -17.82 -3.10 -15.46
N PRO B 563 -18.42 -3.33 -16.63
CA PRO B 563 -19.67 -4.09 -16.64
C PRO B 563 -19.49 -5.59 -16.43
N LEU B 564 -18.41 -6.17 -16.97
CA LEU B 564 -18.21 -7.62 -16.91
C LEU B 564 -18.34 -8.14 -15.49
N LEU B 565 -17.50 -7.64 -14.58
CA LEU B 565 -17.58 -8.03 -13.17
C LEU B 565 -19.00 -7.89 -12.65
N GLU B 566 -19.64 -6.75 -12.95
CA GLU B 566 -21.02 -6.53 -12.54
C GLU B 566 -21.90 -7.70 -12.96
N CYS B 567 -21.83 -8.09 -14.23
CA CYS B 567 -22.52 -9.29 -14.70
C CYS B 567 -22.22 -10.47 -13.78
N LEU B 568 -20.93 -10.81 -13.66
CA LEU B 568 -20.52 -11.92 -12.80
C LEU B 568 -21.06 -11.74 -11.39
N SER B 569 -21.12 -10.49 -10.91
CA SER B 569 -21.71 -10.22 -9.60
C SER B 569 -23.06 -10.89 -9.46
N SER B 570 -23.99 -10.53 -10.35
CA SER B 570 -25.31 -11.16 -10.31
C SER B 570 -25.21 -12.66 -10.54
N VAL B 571 -24.28 -13.08 -11.41
CA VAL B 571 -24.09 -14.51 -11.63
C VAL B 571 -23.62 -15.17 -10.34
N ALA B 572 -22.74 -14.50 -9.60
CA ALA B 572 -22.30 -15.02 -8.32
C ALA B 572 -23.45 -15.13 -7.32
N THR B 573 -24.51 -14.36 -7.55
CA THR B 573 -25.69 -14.48 -6.70
C THR B 573 -26.50 -15.74 -7.03
N ALA B 574 -26.46 -16.19 -8.29
CA ALA B 574 -27.32 -17.27 -8.76
C ALA B 574 -26.67 -18.65 -8.76
N LEU B 575 -25.37 -18.73 -9.07
CA LEU B 575 -24.72 -20.03 -9.20
C LEU B 575 -24.56 -20.75 -7.87
N GLN B 576 -24.49 -20.01 -6.76
CA GLN B 576 -24.39 -20.58 -5.40
C GLN B 576 -23.15 -21.48 -5.37
N SER B 577 -23.23 -22.65 -4.71
CA SER B 577 -22.08 -23.54 -4.61
C SER B 577 -21.64 -24.04 -5.98
N GLY B 578 -22.53 -24.00 -6.97
CA GLY B 578 -22.14 -24.39 -8.32
C GLY B 578 -21.04 -23.52 -8.89
N PHE B 579 -20.80 -22.35 -8.30
CA PHE B 579 -19.70 -21.48 -8.73
C PHE B 579 -18.35 -21.89 -8.12
N LEU B 580 -18.26 -23.11 -7.56
CA LEU B 580 -17.03 -23.53 -6.88
C LEU B 580 -15.82 -23.66 -7.81
N PRO B 581 -15.91 -24.26 -9.01
CA PRO B 581 -14.68 -24.49 -9.79
C PRO B 581 -13.87 -23.23 -10.09
N TYR B 582 -14.50 -22.05 -10.08
CA TYR B 582 -13.80 -20.80 -10.38
C TYR B 582 -13.71 -19.88 -9.17
N CYS B 583 -13.88 -20.41 -7.96
CA CYS B 583 -13.86 -19.57 -6.77
C CYS B 583 -12.45 -19.06 -6.44
N GLU B 584 -11.45 -19.94 -6.55
CA GLU B 584 -10.08 -19.58 -6.17
C GLU B 584 -9.54 -18.37 -6.92
N PRO B 585 -9.49 -18.36 -8.26
CA PRO B 585 -8.83 -17.22 -8.93
C PRO B 585 -9.59 -15.90 -8.80
N VAL B 586 -10.91 -15.92 -9.00
CA VAL B 586 -11.68 -14.68 -9.05
C VAL B 586 -11.47 -13.84 -7.80
N TYR B 587 -11.67 -14.45 -6.63
CA TYR B 587 -11.41 -13.76 -5.36
C TYR B 587 -10.06 -13.10 -5.38
N GLN B 588 -9.01 -13.88 -5.69
CA GLN B 588 -7.66 -13.31 -5.75
C GLN B 588 -7.62 -12.12 -6.68
N ARG B 589 -8.11 -12.31 -7.91
CA ARG B 589 -8.05 -11.24 -8.91
C ARG B 589 -8.79 -10.00 -8.43
N CYS B 590 -9.87 -10.19 -7.66
CA CYS B 590 -10.57 -9.05 -7.10
C CYS B 590 -9.73 -8.37 -6.02
N VAL B 591 -9.25 -9.15 -5.04
CA VAL B 591 -8.52 -8.59 -3.92
C VAL B 591 -7.31 -7.79 -4.41
N ASN B 592 -6.56 -8.37 -5.34
CA ASN B 592 -5.41 -7.68 -5.92
C ASN B 592 -5.82 -6.31 -6.45
N LEU B 593 -6.87 -6.29 -7.27
CA LEU B 593 -7.35 -5.02 -7.83
C LEU B 593 -7.55 -4.00 -6.72
N VAL B 594 -8.25 -4.40 -5.64
CA VAL B 594 -8.51 -3.47 -4.55
C VAL B 594 -7.20 -2.88 -4.05
N GLN B 595 -6.25 -3.75 -3.72
CA GLN B 595 -4.92 -3.30 -3.27
C GLN B 595 -4.39 -2.24 -4.21
N LYS B 596 -4.33 -2.56 -5.51
CA LYS B 596 -3.74 -1.64 -6.47
C LYS B 596 -4.37 -0.26 -6.35
N THR B 597 -5.71 -0.21 -6.38
CA THR B 597 -6.37 1.09 -6.31
C THR B 597 -6.01 1.80 -5.02
N LEU B 598 -6.14 1.08 -3.90
CA LEU B 598 -5.81 1.66 -2.61
C LEU B 598 -4.38 2.18 -2.60
N ALA B 599 -3.46 1.42 -3.19
CA ALA B 599 -2.07 1.87 -3.28
C ALA B 599 -2.00 3.26 -3.90
N GLN B 600 -2.55 3.41 -5.12
CA GLN B 600 -2.52 4.72 -5.75
C GLN B 600 -3.15 5.78 -4.86
N ALA B 601 -4.25 5.42 -4.18
CA ALA B 601 -4.90 6.37 -3.29
C ALA B 601 -3.91 6.90 -2.27
N MET B 602 -3.23 5.99 -1.57
CA MET B 602 -2.25 6.42 -0.59
C MET B 602 -1.18 7.29 -1.24
N LEU B 603 -0.70 6.85 -2.41
CA LEU B 603 0.31 7.63 -3.12
C LEU B 603 -0.23 9.00 -3.49
N ASN B 604 -1.48 9.06 -3.95
CA ASN B 604 -2.08 10.34 -4.31
C ASN B 604 -2.23 11.23 -3.08
N ASN B 605 -2.26 10.65 -1.89
CA ASN B 605 -2.35 11.45 -0.68
C ASN B 605 -0.99 12.03 -0.30
N ALA B 606 0.10 11.38 -0.69
CA ALA B 606 1.41 11.80 -0.22
C ALA B 606 2.15 12.76 -1.15
N GLN B 607 1.96 12.63 -2.47
CA GLN B 607 2.68 13.51 -3.40
C GLN B 607 1.93 13.55 -4.73
N PRO B 608 1.04 14.51 -4.92
CA PRO B 608 0.24 14.53 -6.18
C PRO B 608 1.06 14.87 -7.41
N ASP B 609 2.03 15.79 -7.32
CA ASP B 609 2.70 16.29 -8.51
C ASP B 609 3.58 15.23 -9.17
N GLN B 610 3.93 14.16 -8.46
CA GLN B 610 4.75 13.10 -9.02
C GLN B 610 4.02 11.76 -9.12
N TYR B 611 3.05 11.51 -8.25
CA TYR B 611 2.36 10.24 -8.19
C TYR B 611 0.95 10.35 -8.73
N GLU B 612 0.36 9.19 -9.02
CA GLU B 612 -0.90 9.11 -9.75
C GLU B 612 -2.12 9.23 -8.84
N ALA B 613 -3.24 9.70 -9.44
CA ALA B 613 -4.57 9.67 -8.86
C ALA B 613 -5.34 8.51 -9.46
N PRO B 614 -5.98 7.66 -8.67
CA PRO B 614 -6.63 6.47 -9.22
C PRO B 614 -8.08 6.69 -9.61
N ASP B 615 -8.58 5.75 -10.41
CA ASP B 615 -10.01 5.66 -10.73
C ASP B 615 -10.63 4.63 -9.79
N LYS B 616 -11.42 5.11 -8.82
CA LYS B 616 -12.00 4.21 -7.83
C LYS B 616 -13.16 3.39 -8.38
N ASP B 617 -13.61 3.65 -9.61
CA ASP B 617 -14.62 2.80 -10.23
C ASP B 617 -14.11 1.37 -10.44
N PHE B 618 -12.79 1.17 -10.44
CA PHE B 618 -12.26 -0.19 -10.47
C PHE B 618 -12.36 -0.85 -9.11
N MET B 619 -12.30 -0.05 -8.04
CA MET B 619 -12.36 -0.59 -6.69
C MET B 619 -13.78 -1.03 -6.35
N ILE B 620 -14.74 -0.09 -6.40
CA ILE B 620 -16.12 -0.34 -5.98
C ILE B 620 -16.63 -1.65 -6.55
N VAL B 621 -16.68 -1.75 -7.89
CA VAL B 621 -17.25 -2.92 -8.55
C VAL B 621 -16.58 -4.20 -8.06
N ALA B 622 -15.26 -4.16 -7.88
CA ALA B 622 -14.54 -5.32 -7.36
C ALA B 622 -15.15 -5.79 -6.05
N LEU B 623 -15.23 -4.89 -5.06
CA LEU B 623 -15.89 -5.22 -3.80
C LEU B 623 -17.28 -5.76 -4.05
N ASP B 624 -18.03 -5.11 -4.95
CA ASP B 624 -19.37 -5.57 -5.30
C ASP B 624 -19.37 -7.06 -5.60
N LEU B 625 -18.49 -7.49 -6.51
CA LEU B 625 -18.38 -8.91 -6.82
C LEU B 625 -18.16 -9.72 -5.55
N LEU B 626 -17.12 -9.37 -4.79
CA LEU B 626 -16.86 -10.05 -3.53
C LEU B 626 -18.10 -10.04 -2.65
N SER B 627 -18.75 -8.88 -2.52
CA SER B 627 -20.01 -8.78 -1.82
C SER B 627 -20.94 -9.87 -2.34
N GLY B 628 -21.30 -9.77 -3.62
CA GLY B 628 -22.14 -10.79 -4.23
C GLY B 628 -21.58 -12.18 -4.06
N LEU B 629 -20.24 -12.31 -4.16
CA LEU B 629 -19.61 -13.60 -4.02
C LEU B 629 -19.98 -14.25 -2.69
N ALA B 630 -19.93 -13.48 -1.60
CA ALA B 630 -20.31 -14.02 -0.31
C ALA B 630 -21.74 -14.53 -0.33
N GLU B 631 -22.66 -13.74 -0.93
CA GLU B 631 -24.06 -14.13 -0.99
C GLU B 631 -24.26 -15.45 -1.74
N GLY B 632 -23.22 -15.98 -2.38
CA GLY B 632 -23.33 -17.26 -3.06
C GLY B 632 -22.77 -18.42 -2.25
N LEU B 633 -21.75 -18.15 -1.41
CA LEU B 633 -20.95 -19.22 -0.83
C LEU B 633 -21.09 -19.39 0.68
N GLY B 634 -21.49 -18.34 1.40
CA GLY B 634 -21.59 -18.43 2.83
C GLY B 634 -20.30 -18.91 3.47
N GLY B 635 -20.43 -19.82 4.45
CA GLY B 635 -19.26 -20.37 5.11
C GLY B 635 -18.28 -21.02 4.18
N ASN B 636 -18.73 -21.44 2.99
CA ASN B 636 -17.84 -22.06 2.02
C ASN B 636 -16.75 -21.11 1.55
N ILE B 637 -16.88 -19.81 1.81
CA ILE B 637 -15.85 -18.84 1.44
C ILE B 637 -14.75 -18.74 2.49
N GLU B 638 -14.87 -19.46 3.61
CA GLU B 638 -13.95 -19.34 4.74
C GLU B 638 -12.50 -19.40 4.29
N GLN B 639 -12.13 -20.50 3.63
CA GLN B 639 -10.76 -20.75 3.19
C GLN B 639 -10.15 -19.56 2.46
N LEU B 640 -10.98 -18.75 1.79
CA LEU B 640 -10.46 -17.64 1.01
C LEU B 640 -10.18 -16.42 1.87
N VAL B 641 -11.05 -16.16 2.86
CA VAL B 641 -10.96 -14.91 3.61
C VAL B 641 -9.79 -14.93 4.57
N ALA B 642 -9.41 -16.11 5.08
CA ALA B 642 -8.29 -16.21 6.02
C ALA B 642 -6.97 -15.85 5.34
N ARG B 643 -6.63 -16.55 4.26
CA ARG B 643 -5.32 -16.40 3.60
C ARG B 643 -5.23 -15.14 2.74
N SER B 644 -5.87 -14.05 3.16
CA SER B 644 -5.82 -12.81 2.40
C SER B 644 -6.08 -11.63 3.33
N ASN B 645 -5.16 -10.66 3.35
CA ASN B 645 -5.32 -9.46 4.15
C ASN B 645 -6.40 -8.58 3.50
N ILE B 646 -7.65 -8.98 3.72
CA ILE B 646 -8.79 -8.29 3.12
C ILE B 646 -9.58 -7.47 4.13
N LEU B 647 -9.68 -7.92 5.38
CA LEU B 647 -10.37 -7.13 6.40
C LEU B 647 -9.74 -5.75 6.55
N THR B 648 -8.40 -5.70 6.59
CA THR B 648 -7.69 -4.43 6.61
C THR B 648 -8.03 -3.58 5.40
N LEU B 649 -8.17 -4.22 4.23
CA LEU B 649 -8.59 -3.50 3.03
C LEU B 649 -9.98 -2.92 3.21
N MET B 650 -10.90 -3.69 3.82
CA MET B 650 -12.23 -3.18 4.09
C MET B 650 -12.18 -1.96 5.01
N TYR B 651 -11.42 -2.06 6.10
CA TYR B 651 -11.24 -0.92 7.00
C TYR B 651 -10.58 0.27 6.32
N GLN B 652 -9.82 0.04 5.26
CA GLN B 652 -9.25 1.15 4.50
C GLN B 652 -10.26 1.75 3.53
N CYS B 653 -11.19 0.93 3.02
CA CYS B 653 -12.27 1.44 2.18
C CYS B 653 -13.26 2.26 3.00
N MET B 654 -13.56 1.80 4.23
CA MET B 654 -14.56 2.42 5.08
C MET B 654 -14.19 3.85 5.52
N GLN B 655 -13.00 4.33 5.14
CA GLN B 655 -12.57 5.71 5.41
C GLN B 655 -12.45 6.53 4.14
N ASP B 656 -12.83 5.98 2.99
CA ASP B 656 -12.58 6.65 1.72
C ASP B 656 -13.50 7.85 1.57
N LYS B 657 -13.39 8.52 0.43
CA LYS B 657 -14.10 9.77 0.19
C LYS B 657 -15.37 9.59 -0.64
N MET B 658 -15.37 8.66 -1.60
CA MET B 658 -16.57 8.47 -2.40
C MET B 658 -17.60 7.68 -1.57
N PRO B 659 -18.83 8.17 -1.44
CA PRO B 659 -19.82 7.42 -0.66
C PRO B 659 -20.13 6.06 -1.26
N GLU B 660 -19.99 5.92 -2.58
CA GLU B 660 -20.32 4.66 -3.24
C GLU B 660 -19.42 3.52 -2.76
N VAL B 661 -18.14 3.80 -2.54
CA VAL B 661 -17.23 2.73 -2.10
C VAL B 661 -17.45 2.38 -0.63
N ARG B 662 -17.92 3.34 0.18
CA ARG B 662 -18.31 3.00 1.55
C ARG B 662 -19.56 2.14 1.55
N GLN B 663 -20.53 2.50 0.70
CA GLN B 663 -21.73 1.68 0.51
C GLN B 663 -21.35 0.25 0.13
N SER B 664 -20.51 0.09 -0.90
CA SER B 664 -20.12 -1.23 -1.38
C SER B 664 -19.32 -1.98 -0.32
N SER B 665 -18.47 -1.27 0.42
CA SER B 665 -17.66 -1.91 1.45
C SER B 665 -18.53 -2.43 2.59
N PHE B 666 -19.54 -1.65 2.98
CA PHE B 666 -20.46 -2.11 4.02
C PHE B 666 -21.31 -3.27 3.53
N ALA B 667 -21.72 -3.24 2.25
CA ALA B 667 -22.40 -4.39 1.66
C ALA B 667 -21.54 -5.65 1.78
N LEU B 668 -20.26 -5.54 1.39
CA LEU B 668 -19.33 -6.65 1.58
C LEU B 668 -19.25 -7.08 3.04
N LEU B 669 -19.32 -6.11 3.96
CA LEU B 669 -19.27 -6.45 5.38
C LEU B 669 -20.48 -7.28 5.80
N GLY B 670 -21.67 -6.90 5.33
CA GLY B 670 -22.85 -7.70 5.65
C GLY B 670 -22.79 -9.08 5.04
N ASP B 671 -22.43 -9.16 3.76
CA ASP B 671 -22.38 -10.47 3.10
C ASP B 671 -21.33 -11.38 3.72
N LEU B 672 -20.18 -10.82 4.12
CA LEU B 672 -19.14 -11.61 4.78
C LEU B 672 -19.55 -12.02 6.18
N THR B 673 -20.20 -11.11 6.91
CA THR B 673 -20.68 -11.43 8.25
C THR B 673 -21.67 -12.58 8.22
N LYS B 674 -22.64 -12.52 7.29
CA LYS B 674 -23.60 -13.61 7.15
C LYS B 674 -22.95 -14.86 6.56
N ALA B 675 -21.87 -14.70 5.80
CA ALA B 675 -21.13 -15.82 5.23
C ALA B 675 -20.34 -16.56 6.32
N CYS B 676 -19.28 -15.95 6.80
CA CYS B 676 -18.42 -16.57 7.81
C CYS B 676 -18.12 -15.55 8.89
N PHE B 677 -18.41 -15.92 10.14
CA PHE B 677 -18.12 -15.07 11.30
C PHE B 677 -16.99 -15.63 12.15
N GLN B 678 -16.48 -16.83 11.82
CA GLN B 678 -15.31 -17.35 12.53
C GLN B 678 -14.12 -16.41 12.39
N HIS B 679 -14.05 -15.67 11.28
CA HIS B 679 -13.09 -14.61 11.10
C HIS B 679 -13.81 -13.30 11.45
N VAL B 680 -13.47 -12.20 10.77
CA VAL B 680 -14.11 -10.90 10.98
C VAL B 680 -14.09 -10.44 12.43
N LYS B 681 -14.54 -11.31 13.34
CA LYS B 681 -14.75 -11.02 14.76
C LYS B 681 -13.66 -10.18 15.42
N PRO B 682 -12.37 -10.52 15.35
CA PRO B 682 -11.38 -9.71 16.08
C PRO B 682 -11.36 -8.24 15.68
N CYS B 683 -11.36 -7.94 14.37
CA CYS B 683 -11.41 -6.55 13.89
C CYS B 683 -12.70 -5.83 14.26
N ILE B 684 -13.73 -6.57 14.68
CA ILE B 684 -15.05 -5.96 14.98
C ILE B 684 -14.91 -4.80 15.95
N ALA B 685 -13.95 -4.90 16.89
CA ALA B 685 -13.79 -3.84 17.89
C ALA B 685 -13.54 -2.49 17.24
N ASP B 686 -12.78 -2.46 16.14
CA ASP B 686 -12.48 -1.22 15.45
C ASP B 686 -13.43 -0.94 14.29
N PHE B 687 -14.44 -1.78 14.08
CA PHE B 687 -15.39 -1.57 13.00
C PHE B 687 -16.60 -0.76 13.47
N MET B 688 -17.19 -1.14 14.61
CA MET B 688 -18.37 -0.45 15.10
C MET B 688 -18.17 1.05 15.33
N PRO B 689 -17.01 1.55 15.79
CA PRO B 689 -16.84 3.01 15.86
C PRO B 689 -16.96 3.68 14.50
N ILE B 690 -16.40 3.07 13.46
CA ILE B 690 -16.51 3.62 12.11
C ILE B 690 -17.97 3.71 11.70
N LEU B 691 -18.69 2.59 11.81
CA LEU B 691 -20.13 2.58 11.57
C LEU B 691 -20.87 3.59 12.44
N GLY B 692 -20.26 4.03 13.55
CA GLY B 692 -20.88 5.07 14.37
C GLY B 692 -21.05 6.39 13.64
N THR B 693 -20.18 6.67 12.68
CA THR B 693 -20.29 7.91 11.90
C THR B 693 -20.89 7.70 10.52
N ASN B 694 -21.13 6.44 10.12
CA ASN B 694 -21.72 6.15 8.81
C ASN B 694 -23.23 5.96 8.87
N LEU B 695 -23.88 6.44 9.92
CA LEU B 695 -25.34 6.50 10.00
C LEU B 695 -25.74 7.93 9.65
N ASN B 696 -25.87 8.20 8.35
CA ASN B 696 -26.18 9.54 7.88
C ASN B 696 -27.18 9.48 6.73
N PRO B 697 -28.38 10.04 6.91
CA PRO B 697 -29.38 9.98 5.83
C PRO B 697 -28.99 10.77 4.59
N GLU B 698 -28.23 11.86 4.74
CA GLU B 698 -27.79 12.65 3.59
C GLU B 698 -27.08 11.80 2.54
N PHE B 699 -26.52 10.66 2.95
CA PHE B 699 -25.94 9.69 2.03
C PHE B 699 -26.79 8.41 2.10
N ILE B 700 -28.03 8.52 1.63
CA ILE B 700 -29.00 7.41 1.68
C ILE B 700 -28.36 6.12 1.19
N SER B 701 -27.87 6.14 -0.06
CA SER B 701 -27.31 4.95 -0.69
C SER B 701 -26.30 4.24 0.19
N VAL B 702 -25.58 4.98 1.04
CA VAL B 702 -24.65 4.37 1.97
C VAL B 702 -25.39 3.92 3.22
N CYS B 703 -26.09 4.86 3.86
CA CYS B 703 -26.64 4.65 5.20
C CYS B 703 -27.39 3.33 5.30
N ASN B 704 -28.41 3.16 4.45
CA ASN B 704 -29.17 1.92 4.37
C ASN B 704 -28.23 0.72 4.46
N ASN B 705 -27.35 0.57 3.47
CA ASN B 705 -26.38 -0.52 3.49
C ASN B 705 -25.62 -0.54 4.79
N ALA B 706 -25.03 0.61 5.15
CA ALA B 706 -24.35 0.74 6.44
C ALA B 706 -25.23 0.24 7.58
N THR B 707 -26.46 0.77 7.66
CA THR B 707 -27.39 0.33 8.69
C THR B 707 -27.55 -1.19 8.64
N TRP B 708 -27.81 -1.72 7.45
CA TRP B 708 -28.01 -3.16 7.29
C TRP B 708 -26.86 -3.93 7.92
N ALA B 709 -25.63 -3.44 7.73
CA ALA B 709 -24.46 -4.09 8.29
C ALA B 709 -24.67 -4.40 9.77
N ILE B 710 -24.98 -3.36 10.56
CA ILE B 710 -25.14 -3.54 12.01
C ILE B 710 -26.13 -4.66 12.29
N GLY B 711 -27.23 -4.69 11.55
CA GLY B 711 -28.22 -5.74 11.69
C GLY B 711 -27.58 -7.11 11.63
N GLU B 712 -26.93 -7.41 10.49
CA GLU B 712 -26.34 -8.72 10.33
C GLU B 712 -25.20 -8.97 11.32
N ILE B 713 -24.69 -7.93 11.97
CA ILE B 713 -23.71 -8.14 13.03
C ILE B 713 -24.39 -8.63 14.30
N SER B 714 -25.48 -7.97 14.70
CA SER B 714 -26.07 -8.22 16.01
C SER B 714 -26.54 -9.66 16.15
N ILE B 715 -27.36 -10.13 15.20
CA ILE B 715 -27.88 -11.48 15.22
C ILE B 715 -26.77 -12.53 15.25
N GLN B 716 -25.53 -12.14 14.95
CA GLN B 716 -24.39 -13.04 15.03
C GLN B 716 -23.56 -12.83 16.30
N MET B 717 -23.52 -11.60 16.83
CA MET B 717 -22.74 -11.30 18.02
C MET B 717 -23.49 -11.62 19.31
N GLY B 718 -24.80 -11.81 19.24
CA GLY B 718 -25.60 -12.10 20.42
C GLY B 718 -25.40 -11.07 21.51
N ILE B 719 -25.43 -11.56 22.75
CA ILE B 719 -25.22 -10.69 23.90
C ILE B 719 -23.88 -9.97 23.81
N GLU B 720 -22.90 -10.55 23.10
CA GLU B 720 -21.60 -9.90 22.96
C GLU B 720 -21.70 -8.54 22.30
N MET B 721 -22.79 -8.28 21.56
CA MET B 721 -23.02 -6.98 20.93
C MET B 721 -23.35 -5.88 21.95
N GLN B 722 -23.41 -6.23 23.24
CA GLN B 722 -23.86 -5.33 24.30
C GLN B 722 -23.23 -3.94 24.30
N PRO B 723 -21.90 -3.79 24.33
CA PRO B 723 -21.33 -2.48 24.71
C PRO B 723 -21.48 -1.38 23.66
N TYR B 724 -21.44 -1.71 22.37
CA TYR B 724 -21.31 -0.69 21.33
C TYR B 724 -22.61 0.01 20.98
N ILE B 725 -23.70 -0.27 21.70
CA ILE B 725 -25.03 0.22 21.37
C ILE B 725 -25.22 1.72 21.64
N PRO B 726 -24.94 2.23 22.84
CA PRO B 726 -25.45 3.58 23.20
C PRO B 726 -25.06 4.71 22.25
N MET B 727 -24.01 4.57 21.44
CA MET B 727 -23.65 5.66 20.54
C MET B 727 -24.40 5.59 19.20
N VAL B 728 -24.73 4.39 18.74
CA VAL B 728 -25.40 4.25 17.44
C VAL B 728 -26.92 4.31 17.60
N LEU B 729 -27.45 3.84 18.73
CA LEU B 729 -28.91 3.80 18.91
C LEU B 729 -29.47 5.21 18.90
N HIS B 730 -28.84 6.12 19.66
CA HIS B 730 -29.27 7.50 19.71
C HIS B 730 -29.22 8.15 18.32
N GLN B 731 -28.45 7.56 17.40
CA GLN B 731 -28.45 8.01 16.02
C GLN B 731 -29.62 7.41 15.25
N LEU B 732 -29.83 6.09 15.39
CA LEU B 732 -30.81 5.37 14.60
C LEU B 732 -32.21 5.96 14.75
N VAL B 733 -32.61 6.26 15.99
CA VAL B 733 -33.94 6.80 16.21
C VAL B 733 -34.06 8.18 15.54
N GLU B 734 -33.00 8.98 15.59
CA GLU B 734 -33.00 10.25 14.88
C GLU B 734 -33.20 10.03 13.39
N ILE B 735 -32.69 8.91 12.87
CA ILE B 735 -32.94 8.57 11.48
C ILE B 735 -34.36 8.06 11.30
N ILE B 736 -34.84 7.25 12.25
CA ILE B 736 -36.15 6.62 12.07
C ILE B 736 -37.29 7.59 12.35
N ASN B 737 -37.03 8.67 13.09
CA ASN B 737 -38.02 9.73 13.24
C ASN B 737 -37.58 10.93 12.44
N ARG B 738 -37.44 10.76 11.13
CA ARG B 738 -37.04 11.82 10.21
C ARG B 738 -38.02 11.87 9.05
N PRO B 739 -38.46 13.07 8.66
CA PRO B 739 -39.38 13.21 7.53
C PRO B 739 -38.66 13.12 6.19
N ASN B 740 -39.44 12.71 5.17
CA ASN B 740 -38.97 12.60 3.78
C ASN B 740 -37.75 11.68 3.67
N THR B 741 -37.95 10.43 4.08
CA THR B 741 -36.92 9.41 4.08
C THR B 741 -37.40 8.22 3.27
N PRO B 742 -36.56 7.66 2.39
CA PRO B 742 -36.98 6.50 1.60
C PRO B 742 -37.41 5.34 2.49
N LYS B 743 -38.43 4.61 2.03
CA LYS B 743 -39.01 3.55 2.86
C LYS B 743 -38.08 2.36 3.03
N THR B 744 -37.16 2.14 2.08
CA THR B 744 -36.20 1.04 2.22
C THR B 744 -35.23 1.31 3.38
N LEU B 745 -34.80 2.57 3.53
CA LEU B 745 -33.92 2.93 4.64
C LEU B 745 -34.64 2.80 5.96
N LEU B 746 -35.93 3.15 6.00
CA LEU B 746 -36.71 2.97 7.22
C LEU B 746 -36.97 1.50 7.52
N GLU B 747 -37.00 0.66 6.47
CA GLU B 747 -37.22 -0.77 6.68
C GLU B 747 -35.96 -1.44 7.23
N ASN B 748 -34.80 -1.17 6.61
CA ASN B 748 -33.57 -1.75 7.13
C ASN B 748 -33.22 -1.18 8.51
N THR B 749 -33.51 0.10 8.73
CA THR B 749 -33.32 0.69 10.05
C THR B 749 -34.26 0.05 11.08
N ALA B 750 -35.51 -0.21 10.68
CA ALA B 750 -36.47 -0.86 11.57
C ALA B 750 -36.00 -2.26 11.96
N ILE B 751 -35.57 -3.04 10.98
CA ILE B 751 -35.07 -4.39 11.27
C ILE B 751 -33.82 -4.31 12.16
N THR B 752 -32.96 -3.32 11.90
CA THR B 752 -31.75 -3.15 12.70
C THR B 752 -32.09 -2.88 14.16
N ILE B 753 -33.00 -1.94 14.41
CA ILE B 753 -33.43 -1.66 15.78
C ILE B 753 -34.03 -2.91 16.40
N GLY B 754 -34.85 -3.65 15.63
CA GLY B 754 -35.43 -4.87 16.14
C GLY B 754 -34.39 -5.87 16.61
N ARG B 755 -33.33 -6.07 15.82
CA ARG B 755 -32.31 -7.03 16.20
C ARG B 755 -31.47 -6.52 17.37
N LEU B 756 -31.14 -5.22 17.36
CA LEU B 756 -30.44 -4.64 18.51
C LEU B 756 -31.24 -4.85 19.80
N GLY B 757 -32.57 -4.84 19.70
CA GLY B 757 -33.39 -5.12 20.85
C GLY B 757 -33.41 -6.59 21.20
N TYR B 758 -33.43 -7.44 20.17
CA TYR B 758 -33.42 -8.88 20.41
C TYR B 758 -32.16 -9.36 21.11
N VAL B 759 -31.02 -8.72 20.84
CA VAL B 759 -29.77 -9.12 21.47
C VAL B 759 -29.39 -8.26 22.68
N CYS B 760 -29.88 -7.03 22.76
CA CYS B 760 -29.53 -6.12 23.86
C CYS B 760 -30.79 -5.40 24.34
N PRO B 761 -31.74 -6.14 24.91
CA PRO B 761 -33.02 -5.52 25.30
C PRO B 761 -32.89 -4.59 26.49
N GLN B 762 -31.91 -4.81 27.36
CA GLN B 762 -31.75 -3.95 28.53
C GLN B 762 -31.23 -2.57 28.14
N GLU B 763 -30.48 -2.47 27.04
CA GLU B 763 -29.94 -1.21 26.59
C GLU B 763 -30.77 -0.54 25.49
N VAL B 764 -31.52 -1.33 24.72
CA VAL B 764 -32.34 -0.78 23.64
C VAL B 764 -33.78 -0.50 24.10
N ALA B 765 -34.27 -1.23 25.10
CA ALA B 765 -35.69 -1.17 25.44
C ALA B 765 -36.21 0.22 25.82
N PRO B 766 -35.52 1.04 26.62
CA PRO B 766 -36.15 2.29 27.09
C PRO B 766 -36.56 3.26 25.98
N MET B 767 -36.03 3.14 24.76
CA MET B 767 -36.39 4.05 23.69
C MET B 767 -37.70 3.67 23.01
N LEU B 768 -38.41 2.67 23.52
CA LEU B 768 -39.59 2.16 22.86
C LEU B 768 -40.67 3.24 22.76
N GLN B 769 -40.83 4.03 23.82
CA GLN B 769 -41.74 5.17 23.78
C GLN B 769 -41.35 6.16 22.69
N GLN B 770 -40.06 6.17 22.30
CA GLN B 770 -39.56 7.16 21.36
C GLN B 770 -39.61 6.68 19.92
N PHE B 771 -39.54 5.36 19.66
CA PHE B 771 -39.54 4.89 18.28
C PHE B 771 -40.67 3.91 17.93
N ILE B 772 -41.61 3.63 18.84
CA ILE B 772 -42.61 2.60 18.55
C ILE B 772 -43.58 3.04 17.44
N ARG B 773 -43.77 4.35 17.24
CA ARG B 773 -44.76 4.83 16.29
C ARG B 773 -44.34 4.55 14.84
N PRO B 774 -43.25 5.14 14.32
CA PRO B 774 -42.91 4.89 12.92
C PRO B 774 -42.31 3.51 12.68
N TRP B 775 -41.78 2.87 13.73
CA TRP B 775 -41.28 1.51 13.61
C TRP B 775 -42.35 0.58 13.04
N CYS B 776 -43.45 0.42 13.79
CA CYS B 776 -44.55 -0.40 13.32
C CYS B 776 -45.34 0.28 12.22
N THR B 777 -45.30 1.62 12.14
CA THR B 777 -45.98 2.33 11.06
C THR B 777 -45.43 1.93 9.70
N SER B 778 -44.10 1.86 9.58
CA SER B 778 -43.49 1.57 8.29
C SER B 778 -43.18 0.09 8.07
N LEU B 779 -43.24 -0.74 9.12
CA LEU B 779 -42.91 -2.16 8.98
C LEU B 779 -44.14 -3.04 8.74
N ARG B 780 -45.20 -2.48 8.15
CA ARG B 780 -46.41 -3.25 7.86
C ARG B 780 -46.54 -3.69 6.42
N ASN B 781 -45.77 -3.11 5.50
CA ASN B 781 -45.94 -3.36 4.07
C ASN B 781 -44.87 -4.32 3.55
N ILE B 782 -44.80 -5.51 4.16
CA ILE B 782 -43.81 -6.51 3.81
C ILE B 782 -44.46 -7.89 3.79
N ARG B 783 -43.76 -8.84 3.16
CA ARG B 783 -44.09 -10.25 3.24
C ARG B 783 -43.57 -10.77 4.57
N ASP B 784 -43.39 -12.09 4.67
CA ASP B 784 -42.91 -12.71 5.91
C ASP B 784 -41.60 -13.42 5.61
N ASN B 785 -40.50 -12.83 6.08
CA ASN B 785 -39.16 -13.36 5.91
C ASN B 785 -38.39 -13.20 7.21
N GLU B 786 -37.42 -14.10 7.40
CA GLU B 786 -36.60 -14.20 8.62
C GLU B 786 -36.18 -12.86 9.20
N GLU B 787 -35.91 -11.89 8.34
CA GLU B 787 -35.52 -10.55 8.80
C GLU B 787 -36.63 -9.90 9.61
N LYS B 788 -37.83 -9.82 9.02
CA LYS B 788 -38.98 -9.31 9.75
C LYS B 788 -39.29 -10.18 10.97
N ASP B 789 -39.00 -11.48 10.88
CA ASP B 789 -39.24 -12.38 12.02
C ASP B 789 -38.38 -11.96 13.22
N SER B 790 -37.08 -11.78 13.00
CA SER B 790 -36.20 -11.37 14.09
C SER B 790 -36.49 -9.93 14.54
N ALA B 791 -36.96 -9.08 13.62
CA ALA B 791 -37.35 -7.73 14.02
C ALA B 791 -38.53 -7.77 15.00
N PHE B 792 -39.53 -8.59 14.71
CA PHE B 792 -40.71 -8.65 15.58
C PHE B 792 -40.43 -9.44 16.85
N ARG B 793 -39.52 -10.43 16.79
CA ARG B 793 -39.01 -11.02 18.02
C ARG B 793 -38.38 -9.95 18.90
N GLY B 794 -37.55 -9.10 18.30
CA GLY B 794 -36.93 -8.02 19.05
C GLY B 794 -37.96 -7.09 19.68
N ILE B 795 -39.00 -6.73 18.93
CA ILE B 795 -39.98 -5.82 19.49
C ILE B 795 -40.82 -6.51 20.57
N CYS B 796 -41.04 -7.82 20.45
CA CYS B 796 -41.79 -8.54 21.47
C CYS B 796 -40.99 -8.64 22.77
N THR B 797 -39.69 -8.92 22.67
CA THR B 797 -38.86 -8.93 23.87
C THR B 797 -38.78 -7.53 24.47
N MET B 798 -38.64 -6.50 23.62
CA MET B 798 -38.53 -5.13 24.11
C MET B 798 -39.81 -4.66 24.79
N ILE B 799 -40.97 -5.18 24.38
CA ILE B 799 -42.19 -4.79 25.08
C ILE B 799 -42.36 -5.62 26.34
N SER B 800 -41.94 -6.89 26.33
CA SER B 800 -41.97 -7.68 27.55
C SER B 800 -41.03 -7.13 28.62
N VAL B 801 -39.99 -6.41 28.21
CA VAL B 801 -39.05 -5.82 29.16
C VAL B 801 -39.50 -4.43 29.60
N ASN B 802 -40.03 -3.62 28.68
CA ASN B 802 -40.54 -2.29 28.99
C ASN B 802 -42.01 -2.23 28.58
N PRO B 803 -42.92 -2.76 29.41
CA PRO B 803 -44.34 -2.81 29.03
C PRO B 803 -45.01 -1.44 28.97
N SER B 804 -44.37 -0.40 29.52
CA SER B 804 -44.95 0.93 29.55
C SER B 804 -44.88 1.65 28.22
N GLY B 805 -44.08 1.17 27.27
CA GLY B 805 -43.78 1.91 26.06
C GLY B 805 -44.85 1.92 24.98
N VAL B 806 -45.59 0.82 24.84
CA VAL B 806 -46.45 0.65 23.66
C VAL B 806 -47.91 1.00 23.91
N ILE B 807 -48.30 1.30 25.15
CA ILE B 807 -49.73 1.44 25.46
C ILE B 807 -50.35 2.58 24.66
N GLN B 808 -49.81 3.80 24.83
CA GLN B 808 -50.37 4.97 24.17
C GLN B 808 -50.37 4.86 22.66
N ASP B 809 -49.59 3.93 22.10
CA ASP B 809 -49.51 3.73 20.66
C ASP B 809 -49.90 2.31 20.25
N PHE B 810 -50.60 1.58 21.13
CA PHE B 810 -50.85 0.16 20.89
C PHE B 810 -51.56 -0.08 19.56
N ILE B 811 -52.38 0.88 19.11
CA ILE B 811 -53.01 0.79 17.79
C ILE B 811 -51.98 0.40 16.74
N PHE B 812 -50.94 1.24 16.60
CA PHE B 812 -49.89 0.97 15.63
C PHE B 812 -49.33 -0.43 15.80
N PHE B 813 -49.09 -0.85 17.06
CA PHE B 813 -48.57 -2.18 17.31
C PHE B 813 -49.47 -3.24 16.69
N CYS B 814 -50.77 -3.16 16.98
CA CYS B 814 -51.72 -4.10 16.38
C CYS B 814 -51.64 -4.04 14.86
N ASP B 815 -51.49 -2.83 14.29
CA ASP B 815 -51.28 -2.67 12.87
C ASP B 815 -50.15 -3.58 12.39
N ALA B 816 -48.99 -3.48 13.04
CA ALA B 816 -47.87 -4.33 12.66
C ALA B 816 -48.19 -5.81 12.90
N VAL B 817 -48.93 -6.10 13.97
CA VAL B 817 -49.32 -7.48 14.23
C VAL B 817 -50.30 -7.97 13.18
N ALA B 818 -51.04 -7.05 12.54
CA ALA B 818 -51.91 -7.41 11.43
C ALA B 818 -51.13 -7.71 10.15
N SER B 819 -49.80 -7.55 10.16
CA SER B 819 -48.99 -7.79 8.97
C SER B 819 -48.58 -9.25 8.82
N TRP B 820 -48.80 -10.08 9.83
CA TRP B 820 -48.35 -11.46 9.80
C TRP B 820 -49.45 -12.36 9.24
N ILE B 821 -49.07 -13.23 8.29
CA ILE B 821 -49.96 -14.21 7.71
C ILE B 821 -49.51 -15.62 8.02
N ASN B 822 -48.21 -15.89 7.93
CA ASN B 822 -47.63 -17.18 8.30
C ASN B 822 -46.49 -16.92 9.28
N PRO B 823 -46.81 -16.63 10.54
CA PRO B 823 -45.78 -16.46 11.55
C PRO B 823 -45.35 -17.81 12.13
N LYS B 824 -44.15 -17.81 12.70
CA LYS B 824 -43.65 -19.03 13.32
C LYS B 824 -44.46 -19.34 14.58
N ASP B 825 -44.25 -20.55 15.10
CA ASP B 825 -45.03 -21.02 16.25
C ASP B 825 -44.74 -20.19 17.49
N ASP B 826 -43.46 -20.12 17.89
CA ASP B 826 -43.08 -19.39 19.10
C ASP B 826 -43.45 -17.92 19.00
N LEU B 827 -43.24 -17.31 17.84
CA LEU B 827 -43.63 -15.90 17.66
C LEU B 827 -45.13 -15.73 17.80
N ARG B 828 -45.92 -16.64 17.22
CA ARG B 828 -47.37 -16.62 17.40
C ARG B 828 -47.74 -16.67 18.88
N ASP B 829 -47.06 -17.54 19.65
CA ASP B 829 -47.28 -17.57 21.09
C ASP B 829 -46.96 -16.23 21.73
N MET B 830 -45.85 -15.59 21.30
CA MET B 830 -45.52 -14.26 21.81
C MET B 830 -46.65 -13.27 21.54
N PHE B 831 -47.22 -13.31 20.33
CA PHE B 831 -48.28 -12.38 19.96
C PHE B 831 -49.53 -12.62 20.79
N CYS B 832 -50.00 -13.87 20.86
CA CYS B 832 -51.24 -14.15 21.58
C CYS B 832 -51.08 -13.87 23.07
N LYS B 833 -49.91 -14.17 23.61
CA LYS B 833 -49.67 -13.94 25.04
C LYS B 833 -49.67 -12.45 25.35
N ILE B 834 -48.92 -11.66 24.56
CA ILE B 834 -48.88 -10.22 24.80
C ILE B 834 -50.25 -9.60 24.61
N LEU B 835 -50.91 -9.92 23.49
CA LEU B 835 -52.23 -9.37 23.20
C LEU B 835 -53.25 -9.72 24.27
N HIS B 836 -53.17 -10.94 24.83
CA HIS B 836 -54.03 -11.29 25.95
C HIS B 836 -53.64 -10.51 27.20
N GLY B 837 -52.34 -10.24 27.37
CA GLY B 837 -51.90 -9.41 28.46
C GLY B 837 -52.49 -8.01 28.40
N PHE B 838 -52.63 -7.45 27.20
CA PHE B 838 -53.25 -6.12 27.12
C PHE B 838 -54.78 -6.19 27.24
N LYS B 839 -55.41 -7.20 26.63
CA LYS B 839 -56.86 -7.32 26.72
C LYS B 839 -57.30 -7.54 28.16
N ASN B 840 -56.47 -8.22 28.96
CA ASN B 840 -56.73 -8.40 30.37
C ASN B 840 -56.52 -7.11 31.18
N GLN B 841 -56.10 -6.03 30.51
CA GLN B 841 -55.88 -4.74 31.15
C GLN B 841 -56.89 -3.69 30.74
N VAL B 842 -57.96 -4.07 30.04
CA VAL B 842 -58.93 -3.09 29.54
C VAL B 842 -60.35 -3.60 29.78
N GLY B 843 -60.59 -4.85 29.42
CA GLY B 843 -61.87 -5.49 29.70
C GLY B 843 -62.84 -5.37 28.53
N ASP B 844 -64.06 -4.89 28.81
CA ASP B 844 -65.12 -4.81 27.82
C ASP B 844 -65.62 -3.40 27.54
N GLU B 845 -65.36 -2.44 28.43
CA GLU B 845 -65.89 -1.09 28.20
C GLU B 845 -65.02 -0.31 27.22
N ASN B 846 -63.70 -0.37 27.36
CA ASN B 846 -62.81 0.39 26.49
C ASN B 846 -62.26 -0.43 25.33
N TRP B 847 -62.36 -1.76 25.39
CA TRP B 847 -61.90 -2.60 24.29
C TRP B 847 -62.91 -2.66 23.16
N ARG B 848 -64.17 -2.29 23.43
CA ARG B 848 -65.18 -2.18 22.38
C ARG B 848 -65.01 -0.86 21.62
N ARG B 849 -65.02 0.27 22.34
CA ARG B 849 -64.78 1.56 21.72
C ARG B 849 -63.39 1.64 21.10
N PHE B 850 -62.44 0.88 21.65
CA PHE B 850 -61.08 0.85 21.15
C PHE B 850 -60.89 -0.16 20.02
N SER B 851 -61.72 -1.21 19.98
CA SER B 851 -61.59 -2.26 18.99
C SER B 851 -62.33 -1.94 17.69
N ASP B 852 -63.55 -1.42 17.79
CA ASP B 852 -64.36 -1.13 16.61
C ASP B 852 -63.93 0.17 15.92
N GLN B 853 -62.75 0.70 16.25
CA GLN B 853 -62.22 1.91 15.64
C GLN B 853 -61.17 1.66 14.57
N PHE B 854 -60.75 0.42 14.35
CA PHE B 854 -59.79 0.09 13.31
C PHE B 854 -60.38 -0.93 12.34
N PRO B 855 -59.85 -1.01 11.10
CA PRO B 855 -60.59 -1.67 10.01
C PRO B 855 -61.03 -3.10 10.30
N LEU B 856 -62.10 -3.51 9.60
CA LEU B 856 -62.69 -4.82 9.86
C LEU B 856 -61.77 -5.99 9.50
N PRO B 857 -61.12 -6.02 8.32
CA PRO B 857 -60.26 -7.18 8.01
C PRO B 857 -59.19 -7.45 9.06
N LEU B 858 -58.47 -6.42 9.49
CA LEU B 858 -57.47 -6.59 10.55
C LEU B 858 -58.11 -6.84 11.91
N LYS B 859 -59.27 -6.23 12.15
CA LYS B 859 -60.00 -6.45 13.42
C LYS B 859 -60.30 -7.93 13.62
N GLU B 860 -60.99 -8.55 12.66
CA GLU B 860 -61.33 -9.96 12.80
C GLU B 860 -60.16 -10.87 12.45
N ARG B 861 -59.12 -10.34 11.80
CA ARG B 861 -57.91 -11.13 11.63
C ARG B 861 -57.22 -11.33 12.97
N LEU B 862 -57.15 -10.28 13.80
CA LEU B 862 -56.62 -10.43 15.15
C LEU B 862 -57.58 -11.25 16.02
N ALA B 863 -58.88 -10.96 15.92
CA ALA B 863 -59.84 -11.65 16.77
C ALA B 863 -59.91 -13.15 16.45
N ALA B 864 -59.65 -13.54 15.20
CA ALA B 864 -59.68 -14.94 14.81
C ALA B 864 -58.33 -15.63 14.87
N PHE B 865 -57.22 -14.90 14.77
CA PHE B 865 -55.91 -15.54 14.74
C PHE B 865 -55.26 -15.64 16.12
N TYR B 866 -55.39 -14.62 16.96
CA TYR B 866 -54.78 -14.61 18.28
C TYR B 866 -55.85 -14.65 19.37
N GLY B 867 -55.42 -15.02 20.58
CA GLY B 867 -56.31 -15.14 21.72
C GLY B 867 -57.05 -13.86 22.04
N VAL B 868 -57.98 -13.47 21.18
CA VAL B 868 -58.72 -12.23 21.33
C VAL B 868 -60.18 -12.48 21.04
N GLY C 511 13.97 0.21 25.94
CA GLY C 511 14.08 1.19 24.88
C GLY C 511 14.15 0.56 23.50
N LYS C 512 15.35 0.29 23.01
CA LYS C 512 15.47 -0.31 21.68
C LYS C 512 16.87 -0.82 21.30
N MET C 513 16.97 -2.14 21.15
CA MET C 513 18.22 -2.77 20.72
C MET C 513 18.61 -2.20 19.36
N ASP C 514 18.92 -0.91 19.38
CA ASP C 514 18.95 -0.11 18.16
C ASP C 514 20.07 -0.56 17.24
N SER C 515 19.70 -0.92 16.00
CA SER C 515 20.68 -0.96 14.93
C SER C 515 21.29 0.41 14.71
N ARG C 516 20.65 1.47 15.22
CA ARG C 516 21.28 2.79 15.29
C ARG C 516 22.50 2.75 16.22
N GLY C 517 22.28 2.45 17.50
CA GLY C 517 23.38 2.47 18.46
C GLY C 517 24.41 1.40 18.16
N GLU C 518 23.95 0.21 17.76
CA GLU C 518 24.88 -0.85 17.41
C GLU C 518 25.62 -0.55 16.12
N HIS C 519 24.95 0.11 15.16
CA HIS C 519 25.60 0.49 13.92
C HIS C 519 26.67 1.55 14.16
N ARG C 520 26.28 2.67 14.79
CA ARG C 520 27.23 3.73 15.10
C ARG C 520 28.30 3.26 16.10
N GLN C 521 28.06 2.18 16.82
CA GLN C 521 29.11 1.58 17.65
C GLN C 521 30.08 0.76 16.81
N ASP C 522 29.56 -0.02 15.86
CA ASP C 522 30.41 -0.87 15.02
C ASP C 522 31.25 -0.05 14.06
N ARG C 523 30.63 0.89 13.34
CA ARG C 523 31.33 1.68 12.33
C ARG C 523 32.29 2.74 12.92
N ARG C 524 32.53 2.74 14.23
CA ARG C 524 33.63 3.50 14.80
C ARG C 524 34.95 2.85 14.38
N GLU C 525 35.79 3.61 13.69
CA GLU C 525 36.94 3.03 13.00
C GLU C 525 38.08 2.71 13.96
N ARG C 526 38.89 1.72 13.57
CA ARG C 526 39.89 1.06 14.41
C ARG C 526 40.56 -0.03 13.60
N PRO C 527 41.80 -0.42 13.95
CA PRO C 527 42.41 -1.60 13.32
C PRO C 527 42.34 -2.84 14.20
N TYR C 528 42.54 -2.66 15.50
CA TYR C 528 42.60 -3.74 16.49
C TYR C 528 41.35 -4.64 16.50
N SER D 515 -31.00 -3.08 -5.54
CA SER D 515 -29.57 -3.33 -5.40
C SER D 515 -28.77 -2.33 -6.23
N ARG D 516 -28.54 -2.70 -7.50
CA ARG D 516 -28.00 -1.78 -8.48
C ARG D 516 -29.00 -1.52 -9.60
N GLY D 517 -30.28 -1.77 -9.32
CA GLY D 517 -31.32 -1.58 -10.34
C GLY D 517 -31.57 -0.13 -10.68
N GLU D 518 -31.25 0.78 -9.76
CA GLU D 518 -31.51 2.20 -9.97
C GLU D 518 -30.80 2.74 -11.22
N HIS D 519 -29.82 2.00 -11.74
CA HIS D 519 -29.18 2.38 -12.99
C HIS D 519 -30.12 2.12 -14.17
N ARG D 520 -30.35 0.85 -14.50
CA ARG D 520 -31.21 0.51 -15.64
C ARG D 520 -32.60 1.10 -15.48
N GLN D 521 -33.12 1.09 -14.25
CA GLN D 521 -34.42 1.69 -13.97
C GLN D 521 -34.36 3.21 -14.13
N ASP D 522 -33.25 3.82 -13.74
CA ASP D 522 -33.12 5.27 -13.79
C ASP D 522 -32.51 5.76 -15.09
N ARG D 523 -31.66 4.97 -15.75
CA ARG D 523 -30.97 5.41 -16.96
C ARG D 523 -30.62 4.20 -17.80
N ARG D 524 -31.23 4.09 -18.98
CA ARG D 524 -30.89 3.04 -19.92
C ARG D 524 -31.41 3.38 -21.31
N GLU D 525 -31.97 2.40 -22.01
CA GLU D 525 -32.45 2.59 -23.38
C GLU D 525 -33.93 2.93 -23.34
N ARG D 526 -34.25 4.19 -23.65
CA ARG D 526 -35.62 4.65 -23.77
C ARG D 526 -35.58 5.82 -24.73
N PRO D 527 -36.49 5.89 -25.70
CA PRO D 527 -36.55 7.05 -26.59
C PRO D 527 -36.88 8.36 -25.86
N TYR D 528 -36.09 8.66 -24.82
CA TYR D 528 -36.30 9.85 -24.01
C TYR D 528 -34.97 10.60 -23.85
#